data_4IRG
# 
_entry.id   4IRG 
# 
_audit_conform.dict_name       mmcif_pdbx.dic 
_audit_conform.dict_version    5.387 
_audit_conform.dict_location   http://mmcif.pdb.org/dictionaries/ascii/mmcif_pdbx.dic 
# 
loop_
_database_2.database_id 
_database_2.database_code 
_database_2.pdbx_database_accession 
_database_2.pdbx_DOI 
PDB   4IRG         pdb_00004irg 10.2210/pdb4irg/pdb 
RCSB  RCSB077115   ?            ?                   
WWPDB D_1000077115 ?            ?                   
# 
loop_
_pdbx_audit_revision_history.ordinal 
_pdbx_audit_revision_history.data_content_type 
_pdbx_audit_revision_history.major_revision 
_pdbx_audit_revision_history.minor_revision 
_pdbx_audit_revision_history.revision_date 
1 'Structure model' 1 0 2013-07-31 
2 'Structure model' 1 1 2013-08-14 
3 'Structure model' 1 2 2013-08-28 
4 'Structure model' 1 3 2024-02-28 
# 
_pdbx_audit_revision_details.ordinal             1 
_pdbx_audit_revision_details.revision_ordinal    1 
_pdbx_audit_revision_details.data_content_type   'Structure model' 
_pdbx_audit_revision_details.provider            repository 
_pdbx_audit_revision_details.type                'Initial release' 
_pdbx_audit_revision_details.description         ? 
_pdbx_audit_revision_details.details             ? 
# 
loop_
_pdbx_audit_revision_group.ordinal 
_pdbx_audit_revision_group.revision_ordinal 
_pdbx_audit_revision_group.data_content_type 
_pdbx_audit_revision_group.group 
1 2 'Structure model' 'Database references' 
2 3 'Structure model' 'Database references' 
3 4 'Structure model' 'Data collection'     
4 4 'Structure model' 'Database references' 
# 
loop_
_pdbx_audit_revision_category.ordinal 
_pdbx_audit_revision_category.revision_ordinal 
_pdbx_audit_revision_category.data_content_type 
_pdbx_audit_revision_category.category 
1 4 'Structure model' chem_comp_atom     
2 4 'Structure model' chem_comp_bond     
3 4 'Structure model' database_2         
4 4 'Structure model' struct_ref_seq_dif 
# 
loop_
_pdbx_audit_revision_item.ordinal 
_pdbx_audit_revision_item.revision_ordinal 
_pdbx_audit_revision_item.data_content_type 
_pdbx_audit_revision_item.item 
1 4 'Structure model' '_database_2.pdbx_DOI'                
2 4 'Structure model' '_database_2.pdbx_database_accession' 
3 4 'Structure model' '_struct_ref_seq_dif.details'         
# 
_pdbx_database_status.status_code                     REL 
_pdbx_database_status.entry_id                        4IRG 
_pdbx_database_status.recvd_initial_deposition_date   2013-01-14 
_pdbx_database_status.deposit_site                    RCSB 
_pdbx_database_status.process_site                    RCSB 
_pdbx_database_status.status_code_sf                  REL 
_pdbx_database_status.status_code_mr                  ? 
_pdbx_database_status.SG_entry                        ? 
_pdbx_database_status.status_code_cs                  ? 
_pdbx_database_status.methods_development_category    ? 
_pdbx_database_status.pdb_format_compatible           Y 
_pdbx_database_status.status_code_nmr_data            ? 
# 
loop_
_pdbx_database_related.db_name 
_pdbx_database_related.db_id 
_pdbx_database_related.details 
_pdbx_database_related.content_type 
PDB 4IRH . unspecified 
PDB 4IRI . unspecified 
# 
loop_
_audit_author.name 
_audit_author.pdbx_ordinal 
'Regan, M.C.'      1 
'Horanyi, P.S.'    2 
'Pryor, E.E.'      3 
'Sarver, J.L.'     4 
'Cafiso, D.S.'     5 
'Bushweller, J.H.' 6 
# 
_citation.id                        primary 
_citation.title                     
'Structural and dynamic studies of the transcription factor ERG reveal DNA binding is allosterically autoinhibited.' 
_citation.journal_abbrev            Proc.Natl.Acad.Sci.USA 
_citation.journal_volume            110 
_citation.page_first                13374 
_citation.page_last                 13379 
_citation.year                      2013 
_citation.journal_id_ASTM           PNASA6 
_citation.country                   US 
_citation.journal_id_ISSN           0027-8424 
_citation.journal_id_CSD            0040 
_citation.book_publisher            ? 
_citation.pdbx_database_id_PubMed   23898196 
_citation.pdbx_database_id_DOI      10.1073/pnas.1301726110 
# 
loop_
_citation_author.citation_id 
_citation_author.name 
_citation_author.ordinal 
_citation_author.identifier_ORCID 
primary 'Regan, M.C.'      1 ? 
primary 'Horanyi, P.S.'    2 ? 
primary 'Pryor, E.E.'      3 ? 
primary 'Sarver, J.L.'     4 ? 
primary 'Cafiso, D.S.'     5 ? 
primary 'Bushweller, J.H.' 6 ? 
# 
loop_
_entity.id 
_entity.type 
_entity.src_method 
_entity.pdbx_description 
_entity.formula_weight 
_entity.pdbx_number_of_molecules 
_entity.pdbx_ec 
_entity.pdbx_mutation 
_entity.pdbx_fragment 
_entity.details 
1 polymer man 'Transcriptional regulator ERG' 12562.145 1  ? ? 'Ets Domain' ? 
2 water   nat water                           18.015    46 ? ? ?            ? 
# 
_entity_name_com.entity_id   1 
_entity_name_com.name        'Transforming protein ERG' 
# 
_entity_poly.entity_id                      1 
_entity_poly.type                           'polypeptide(L)' 
_entity_poly.nstd_linkage                   no 
_entity_poly.nstd_monomer                   no 
_entity_poly.pdbx_seq_one_letter_code       
;GAMGSGIQRPGSGQIQLWQFLLELLSDSSNSSCITWEGTNGEFKMTDPDEVARRWGERKSKPNMNYDKLSRALRYYYDKN
IMTKVHGKRYAYKFDFHGIAQALQPHPPE
;
_entity_poly.pdbx_seq_one_letter_code_can   
;GAMGSGIQRPGSGQIQLWQFLLELLSDSSNSSCITWEGTNGEFKMTDPDEVARRWGERKSKPNMNYDKLSRALRYYYDKN
IMTKVHGKRYAYKFDFHGIAQALQPHPPE
;
_entity_poly.pdbx_strand_id                 A 
_entity_poly.pdbx_target_identifier         ? 
# 
_pdbx_entity_nonpoly.entity_id   2 
_pdbx_entity_nonpoly.name        water 
_pdbx_entity_nonpoly.comp_id     HOH 
# 
loop_
_entity_poly_seq.entity_id 
_entity_poly_seq.num 
_entity_poly_seq.mon_id 
_entity_poly_seq.hetero 
1 1   GLY n 
1 2   ALA n 
1 3   MET n 
1 4   GLY n 
1 5   SER n 
1 6   GLY n 
1 7   ILE n 
1 8   GLN n 
1 9   ARG n 
1 10  PRO n 
1 11  GLY n 
1 12  SER n 
1 13  GLY n 
1 14  GLN n 
1 15  ILE n 
1 16  GLN n 
1 17  LEU n 
1 18  TRP n 
1 19  GLN n 
1 20  PHE n 
1 21  LEU n 
1 22  LEU n 
1 23  GLU n 
1 24  LEU n 
1 25  LEU n 
1 26  SER n 
1 27  ASP n 
1 28  SER n 
1 29  SER n 
1 30  ASN n 
1 31  SER n 
1 32  SER n 
1 33  CYS n 
1 34  ILE n 
1 35  THR n 
1 36  TRP n 
1 37  GLU n 
1 38  GLY n 
1 39  THR n 
1 40  ASN n 
1 41  GLY n 
1 42  GLU n 
1 43  PHE n 
1 44  LYS n 
1 45  MET n 
1 46  THR n 
1 47  ASP n 
1 48  PRO n 
1 49  ASP n 
1 50  GLU n 
1 51  VAL n 
1 52  ALA n 
1 53  ARG n 
1 54  ARG n 
1 55  TRP n 
1 56  GLY n 
1 57  GLU n 
1 58  ARG n 
1 59  LYS n 
1 60  SER n 
1 61  LYS n 
1 62  PRO n 
1 63  ASN n 
1 64  MET n 
1 65  ASN n 
1 66  TYR n 
1 67  ASP n 
1 68  LYS n 
1 69  LEU n 
1 70  SER n 
1 71  ARG n 
1 72  ALA n 
1 73  LEU n 
1 74  ARG n 
1 75  TYR n 
1 76  TYR n 
1 77  TYR n 
1 78  ASP n 
1 79  LYS n 
1 80  ASN n 
1 81  ILE n 
1 82  MET n 
1 83  THR n 
1 84  LYS n 
1 85  VAL n 
1 86  HIS n 
1 87  GLY n 
1 88  LYS n 
1 89  ARG n 
1 90  TYR n 
1 91  ALA n 
1 92  TYR n 
1 93  LYS n 
1 94  PHE n 
1 95  ASP n 
1 96  PHE n 
1 97  HIS n 
1 98  GLY n 
1 99  ILE n 
1 100 ALA n 
1 101 GLN n 
1 102 ALA n 
1 103 LEU n 
1 104 GLN n 
1 105 PRO n 
1 106 HIS n 
1 107 PRO n 
1 108 PRO n 
1 109 GLU n 
# 
_entity_src_gen.entity_id                          1 
_entity_src_gen.pdbx_src_id                        1 
_entity_src_gen.pdbx_alt_source_flag               sample 
_entity_src_gen.pdbx_seq_type                      ? 
_entity_src_gen.pdbx_beg_seq_num                   ? 
_entity_src_gen.pdbx_end_seq_num                   ? 
_entity_src_gen.gene_src_common_name               human 
_entity_src_gen.gene_src_genus                     ? 
_entity_src_gen.pdbx_gene_src_gene                 ERG 
_entity_src_gen.gene_src_species                   ? 
_entity_src_gen.gene_src_strain                    ? 
_entity_src_gen.gene_src_tissue                    ? 
_entity_src_gen.gene_src_tissue_fraction           ? 
_entity_src_gen.gene_src_details                   ? 
_entity_src_gen.pdbx_gene_src_fragment             ? 
_entity_src_gen.pdbx_gene_src_scientific_name      'Homo sapiens' 
_entity_src_gen.pdbx_gene_src_ncbi_taxonomy_id     9606 
_entity_src_gen.pdbx_gene_src_variant              ? 
_entity_src_gen.pdbx_gene_src_cell_line            ? 
_entity_src_gen.pdbx_gene_src_atcc                 ? 
_entity_src_gen.pdbx_gene_src_organ                ? 
_entity_src_gen.pdbx_gene_src_organelle            ? 
_entity_src_gen.pdbx_gene_src_cell                 ? 
_entity_src_gen.pdbx_gene_src_cellular_location    ? 
_entity_src_gen.host_org_common_name               ? 
_entity_src_gen.pdbx_host_org_scientific_name      'Escherichia coli' 
_entity_src_gen.pdbx_host_org_ncbi_taxonomy_id     562 
_entity_src_gen.host_org_genus                     ? 
_entity_src_gen.pdbx_host_org_gene                 ? 
_entity_src_gen.pdbx_host_org_organ                ? 
_entity_src_gen.host_org_species                   ? 
_entity_src_gen.pdbx_host_org_tissue               ? 
_entity_src_gen.pdbx_host_org_tissue_fraction      ? 
_entity_src_gen.pdbx_host_org_strain               ? 
_entity_src_gen.pdbx_host_org_variant              ? 
_entity_src_gen.pdbx_host_org_cell_line            ? 
_entity_src_gen.pdbx_host_org_atcc                 ? 
_entity_src_gen.pdbx_host_org_culture_collection   ? 
_entity_src_gen.pdbx_host_org_cell                 ? 
_entity_src_gen.pdbx_host_org_organelle            ? 
_entity_src_gen.pdbx_host_org_cellular_location    ? 
_entity_src_gen.pdbx_host_org_vector_type          ? 
_entity_src_gen.pdbx_host_org_vector               ? 
_entity_src_gen.host_org_details                   ? 
_entity_src_gen.expression_system_id               ? 
_entity_src_gen.plasmid_name                       ? 
_entity_src_gen.plasmid_details                    ? 
_entity_src_gen.pdbx_description                   ? 
# 
loop_
_chem_comp.id 
_chem_comp.type 
_chem_comp.mon_nstd_flag 
_chem_comp.name 
_chem_comp.pdbx_synonyms 
_chem_comp.formula 
_chem_comp.formula_weight 
ALA 'L-peptide linking' y ALANINE         ? 'C3 H7 N O2'     89.093  
ARG 'L-peptide linking' y ARGININE        ? 'C6 H15 N4 O2 1' 175.209 
ASN 'L-peptide linking' y ASPARAGINE      ? 'C4 H8 N2 O3'    132.118 
ASP 'L-peptide linking' y 'ASPARTIC ACID' ? 'C4 H7 N O4'     133.103 
CYS 'L-peptide linking' y CYSTEINE        ? 'C3 H7 N O2 S'   121.158 
GLN 'L-peptide linking' y GLUTAMINE       ? 'C5 H10 N2 O3'   146.144 
GLU 'L-peptide linking' y 'GLUTAMIC ACID' ? 'C5 H9 N O4'     147.129 
GLY 'peptide linking'   y GLYCINE         ? 'C2 H5 N O2'     75.067  
HIS 'L-peptide linking' y HISTIDINE       ? 'C6 H10 N3 O2 1' 156.162 
HOH non-polymer         . WATER           ? 'H2 O'           18.015  
ILE 'L-peptide linking' y ISOLEUCINE      ? 'C6 H13 N O2'    131.173 
LEU 'L-peptide linking' y LEUCINE         ? 'C6 H13 N O2'    131.173 
LYS 'L-peptide linking' y LYSINE          ? 'C6 H15 N2 O2 1' 147.195 
MET 'L-peptide linking' y METHIONINE      ? 'C5 H11 N O2 S'  149.211 
PHE 'L-peptide linking' y PHENYLALANINE   ? 'C9 H11 N O2'    165.189 
PRO 'L-peptide linking' y PROLINE         ? 'C5 H9 N O2'     115.130 
SER 'L-peptide linking' y SERINE          ? 'C3 H7 N O3'     105.093 
THR 'L-peptide linking' y THREONINE       ? 'C4 H9 N O3'     119.119 
TRP 'L-peptide linking' y TRYPTOPHAN      ? 'C11 H12 N2 O2'  204.225 
TYR 'L-peptide linking' y TYROSINE        ? 'C9 H11 N O3'    181.189 
VAL 'L-peptide linking' y VALINE          ? 'C5 H11 N O2'    117.146 
# 
loop_
_pdbx_poly_seq_scheme.asym_id 
_pdbx_poly_seq_scheme.entity_id 
_pdbx_poly_seq_scheme.seq_id 
_pdbx_poly_seq_scheme.mon_id 
_pdbx_poly_seq_scheme.ndb_seq_num 
_pdbx_poly_seq_scheme.pdb_seq_num 
_pdbx_poly_seq_scheme.auth_seq_num 
_pdbx_poly_seq_scheme.pdb_mon_id 
_pdbx_poly_seq_scheme.auth_mon_id 
_pdbx_poly_seq_scheme.pdb_strand_id 
_pdbx_poly_seq_scheme.pdb_ins_code 
_pdbx_poly_seq_scheme.hetero 
A 1 1   GLY 1   280 ?   ?   ?   A . n 
A 1 2   ALA 2   281 ?   ?   ?   A . n 
A 1 3   MET 3   282 ?   ?   ?   A . n 
A 1 4   GLY 4   283 ?   ?   ?   A . n 
A 1 5   SER 5   284 ?   ?   ?   A . n 
A 1 6   GLY 6   285 ?   ?   ?   A . n 
A 1 7   ILE 7   286 286 ILE ILE A . n 
A 1 8   GLN 8   287 287 GLN GLN A . n 
A 1 9   ARG 9   288 288 ARG ARG A . n 
A 1 10  PRO 10  289 289 PRO PRO A . n 
A 1 11  GLY 11  290 290 GLY GLY A . n 
A 1 12  SER 12  291 291 SER SER A . n 
A 1 13  GLY 13  292 292 GLY GLY A . n 
A 1 14  GLN 14  293 293 GLN GLN A . n 
A 1 15  ILE 15  294 294 ILE ILE A . n 
A 1 16  GLN 16  295 295 GLN GLN A . n 
A 1 17  LEU 17  296 296 LEU LEU A . n 
A 1 18  TRP 18  297 297 TRP TRP A . n 
A 1 19  GLN 19  298 298 GLN GLN A . n 
A 1 20  PHE 20  299 299 PHE PHE A . n 
A 1 21  LEU 21  300 300 LEU LEU A . n 
A 1 22  LEU 22  301 301 LEU LEU A . n 
A 1 23  GLU 23  302 302 GLU GLU A . n 
A 1 24  LEU 24  303 303 LEU LEU A . n 
A 1 25  LEU 25  304 304 LEU LEU A . n 
A 1 26  SER 26  305 305 SER SER A . n 
A 1 27  ASP 27  306 306 ASP ASP A . n 
A 1 28  SER 28  307 307 SER SER A . n 
A 1 29  SER 29  308 308 SER SER A . n 
A 1 30  ASN 30  309 309 ASN ASN A . n 
A 1 31  SER 31  310 310 SER SER A . n 
A 1 32  SER 32  311 311 SER SER A . n 
A 1 33  CYS 33  312 312 CYS CYS A . n 
A 1 34  ILE 34  313 313 ILE ILE A . n 
A 1 35  THR 35  314 314 THR THR A . n 
A 1 36  TRP 36  315 315 TRP TRP A . n 
A 1 37  GLU 37  316 316 GLU GLU A . n 
A 1 38  GLY 38  317 317 GLY GLY A . n 
A 1 39  THR 39  318 318 THR THR A . n 
A 1 40  ASN 40  319 319 ASN ASN A . n 
A 1 41  GLY 41  320 320 GLY GLY A . n 
A 1 42  GLU 42  321 321 GLU GLU A . n 
A 1 43  PHE 43  322 322 PHE PHE A . n 
A 1 44  LYS 44  323 323 LYS LYS A . n 
A 1 45  MET 45  324 324 MET MET A . n 
A 1 46  THR 46  325 325 THR THR A . n 
A 1 47  ASP 47  326 326 ASP ASP A . n 
A 1 48  PRO 48  327 327 PRO PRO A . n 
A 1 49  ASP 49  328 328 ASP ASP A . n 
A 1 50  GLU 50  329 329 GLU GLU A . n 
A 1 51  VAL 51  330 330 VAL VAL A . n 
A 1 52  ALA 52  331 331 ALA ALA A . n 
A 1 53  ARG 53  332 332 ARG ARG A . n 
A 1 54  ARG 54  333 333 ARG ARG A . n 
A 1 55  TRP 55  334 334 TRP TRP A . n 
A 1 56  GLY 56  335 335 GLY GLY A . n 
A 1 57  GLU 57  336 336 GLU GLU A . n 
A 1 58  ARG 58  337 337 ARG ARG A . n 
A 1 59  LYS 59  338 338 LYS LYS A . n 
A 1 60  SER 60  339 339 SER SER A . n 
A 1 61  LYS 61  340 340 LYS LYS A . n 
A 1 62  PRO 62  341 341 PRO PRO A . n 
A 1 63  ASN 63  342 342 ASN ASN A . n 
A 1 64  MET 64  343 343 MET MET A . n 
A 1 65  ASN 65  344 344 ASN ASN A . n 
A 1 66  TYR 66  345 345 TYR TYR A . n 
A 1 67  ASP 67  346 346 ASP ASP A . n 
A 1 68  LYS 68  347 347 LYS LYS A . n 
A 1 69  LEU 69  348 348 LEU LEU A . n 
A 1 70  SER 70  349 349 SER SER A . n 
A 1 71  ARG 71  350 350 ARG ARG A . n 
A 1 72  ALA 72  351 351 ALA ALA A . n 
A 1 73  LEU 73  352 352 LEU LEU A . n 
A 1 74  ARG 74  353 353 ARG ARG A . n 
A 1 75  TYR 75  354 354 TYR TYR A . n 
A 1 76  TYR 76  355 355 TYR TYR A . n 
A 1 77  TYR 77  356 356 TYR TYR A . n 
A 1 78  ASP 78  357 357 ASP ASP A . n 
A 1 79  LYS 79  358 358 LYS LYS A . n 
A 1 80  ASN 80  359 359 ASN ASN A . n 
A 1 81  ILE 81  360 360 ILE ILE A . n 
A 1 82  MET 82  361 361 MET MET A . n 
A 1 83  THR 83  362 362 THR THR A . n 
A 1 84  LYS 84  363 363 LYS LYS A . n 
A 1 85  VAL 85  364 364 VAL VAL A . n 
A 1 86  HIS 86  365 365 HIS HIS A . n 
A 1 87  GLY 87  366 366 GLY GLY A . n 
A 1 88  LYS 88  367 367 LYS LYS A . n 
A 1 89  ARG 89  368 368 ARG ARG A . n 
A 1 90  TYR 90  369 369 TYR TYR A . n 
A 1 91  ALA 91  370 370 ALA ALA A . n 
A 1 92  TYR 92  371 371 TYR TYR A . n 
A 1 93  LYS 93  372 372 LYS LYS A . n 
A 1 94  PHE 94  373 373 PHE PHE A . n 
A 1 95  ASP 95  374 374 ASP ASP A . n 
A 1 96  PHE 96  375 375 PHE PHE A . n 
A 1 97  HIS 97  376 376 HIS HIS A . n 
A 1 98  GLY 98  377 377 GLY GLY A . n 
A 1 99  ILE 99  378 378 ILE ILE A . n 
A 1 100 ALA 100 379 379 ALA ALA A . n 
A 1 101 GLN 101 380 380 GLN GLN A . n 
A 1 102 ALA 102 381 381 ALA ALA A . n 
A 1 103 LEU 103 382 382 LEU LEU A . n 
A 1 104 GLN 104 383 383 GLN GLN A . n 
A 1 105 PRO 105 384 ?   ?   ?   A . n 
A 1 106 HIS 106 385 ?   ?   ?   A . n 
A 1 107 PRO 107 386 ?   ?   ?   A . n 
A 1 108 PRO 108 387 ?   ?   ?   A . n 
A 1 109 GLU 109 388 ?   ?   ?   A . n 
# 
loop_
_pdbx_nonpoly_scheme.asym_id 
_pdbx_nonpoly_scheme.entity_id 
_pdbx_nonpoly_scheme.mon_id 
_pdbx_nonpoly_scheme.ndb_seq_num 
_pdbx_nonpoly_scheme.pdb_seq_num 
_pdbx_nonpoly_scheme.auth_seq_num 
_pdbx_nonpoly_scheme.pdb_mon_id 
_pdbx_nonpoly_scheme.auth_mon_id 
_pdbx_nonpoly_scheme.pdb_strand_id 
_pdbx_nonpoly_scheme.pdb_ins_code 
B 2 HOH 1  401 1  HOH HOH A . 
B 2 HOH 2  402 2  HOH HOH A . 
B 2 HOH 3  403 3  HOH HOH A . 
B 2 HOH 4  404 4  HOH HOH A . 
B 2 HOH 5  405 5  HOH HOH A . 
B 2 HOH 6  406 6  HOH HOH A . 
B 2 HOH 7  407 7  HOH HOH A . 
B 2 HOH 8  408 8  HOH HOH A . 
B 2 HOH 9  409 9  HOH HOH A . 
B 2 HOH 10 410 10 HOH HOH A . 
B 2 HOH 11 411 11 HOH HOH A . 
B 2 HOH 12 412 12 HOH HOH A . 
B 2 HOH 13 413 13 HOH HOH A . 
B 2 HOH 14 414 14 HOH HOH A . 
B 2 HOH 15 415 15 HOH HOH A . 
B 2 HOH 16 416 16 HOH HOH A . 
B 2 HOH 17 417 17 HOH HOH A . 
B 2 HOH 18 418 18 HOH HOH A . 
B 2 HOH 19 419 19 HOH HOH A . 
B 2 HOH 20 420 20 HOH HOH A . 
B 2 HOH 21 421 21 HOH HOH A . 
B 2 HOH 22 422 22 HOH HOH A . 
B 2 HOH 23 423 23 HOH HOH A . 
B 2 HOH 24 424 24 HOH HOH A . 
B 2 HOH 25 425 25 HOH HOH A . 
B 2 HOH 26 426 26 HOH HOH A . 
B 2 HOH 27 427 27 HOH HOH A . 
B 2 HOH 28 428 28 HOH HOH A . 
B 2 HOH 29 429 29 HOH HOH A . 
B 2 HOH 30 430 30 HOH HOH A . 
B 2 HOH 31 431 31 HOH HOH A . 
B 2 HOH 32 432 32 HOH HOH A . 
B 2 HOH 33 433 33 HOH HOH A . 
B 2 HOH 34 434 34 HOH HOH A . 
B 2 HOH 35 435 35 HOH HOH A . 
B 2 HOH 36 436 36 HOH HOH A . 
B 2 HOH 37 437 37 HOH HOH A . 
B 2 HOH 38 438 38 HOH HOH A . 
B 2 HOH 39 439 39 HOH HOH A . 
B 2 HOH 40 440 40 HOH HOH A . 
B 2 HOH 41 441 41 HOH HOH A . 
B 2 HOH 42 442 42 HOH HOH A . 
B 2 HOH 43 443 43 HOH HOH A . 
B 2 HOH 44 444 44 HOH HOH A . 
B 2 HOH 45 445 45 HOH HOH A . 
B 2 HOH 46 446 46 HOH HOH A . 
# 
loop_
_pdbx_unobs_or_zero_occ_atoms.id 
_pdbx_unobs_or_zero_occ_atoms.PDB_model_num 
_pdbx_unobs_or_zero_occ_atoms.polymer_flag 
_pdbx_unobs_or_zero_occ_atoms.occupancy_flag 
_pdbx_unobs_or_zero_occ_atoms.auth_asym_id 
_pdbx_unobs_or_zero_occ_atoms.auth_comp_id 
_pdbx_unobs_or_zero_occ_atoms.auth_seq_id 
_pdbx_unobs_or_zero_occ_atoms.PDB_ins_code 
_pdbx_unobs_or_zero_occ_atoms.auth_atom_id 
_pdbx_unobs_or_zero_occ_atoms.label_alt_id 
_pdbx_unobs_or_zero_occ_atoms.label_asym_id 
_pdbx_unobs_or_zero_occ_atoms.label_comp_id 
_pdbx_unobs_or_zero_occ_atoms.label_seq_id 
_pdbx_unobs_or_zero_occ_atoms.label_atom_id 
1 1 Y 1 A LYS 358 ? CD ? A LYS 79 CD 
2 1 Y 1 A LYS 358 ? CE ? A LYS 79 CE 
3 1 Y 1 A LYS 358 ? NZ ? A LYS 79 NZ 
4 1 Y 1 A LYS 372 ? CE ? A LYS 93 CE 
5 1 Y 1 A LYS 372 ? NZ ? A LYS 93 NZ 
# 
loop_
_software.name 
_software.classification 
_software.version 
_software.citation_id 
_software.pdbx_ordinal 
HKL-2000 'data collection' .        ? 1 
PHASER   phasing           .        ? 2 
REFMAC   refinement        5.7.0029 ? 3 
HKL-2000 'data reduction'  .        ? 4 
HKL-2000 'data scaling'    .        ? 5 
# 
_cell.entry_id           4IRG 
_cell.length_a           44.699 
_cell.length_b           44.699 
_cell.length_c           175.112 
_cell.angle_alpha        90.00 
_cell.angle_beta         90.00 
_cell.angle_gamma        120.00 
_cell.Z_PDB              12 
_cell.pdbx_unique_axis   ? 
_cell.length_a_esd       ? 
_cell.length_b_esd       ? 
_cell.length_c_esd       ? 
_cell.angle_alpha_esd    ? 
_cell.angle_beta_esd     ? 
_cell.angle_gamma_esd    ? 
# 
_symmetry.entry_id                         4IRG 
_symmetry.space_group_name_H-M             'P 65 2 2' 
_symmetry.pdbx_full_space_group_name_H-M   ? 
_symmetry.cell_setting                     ? 
_symmetry.Int_Tables_number                179 
_symmetry.space_group_name_Hall            ? 
# 
_exptl.entry_id          4IRG 
_exptl.method            'X-RAY DIFFRACTION' 
_exptl.crystals_number   1 
# 
_exptl_crystal.id                    1 
_exptl_crystal.density_meas          ? 
_exptl_crystal.density_Matthews      2.01 
_exptl_crystal.density_percent_sol   38.81 
_exptl_crystal.description           ? 
_exptl_crystal.F_000                 ? 
_exptl_crystal.preparation           ? 
# 
_exptl_crystal_grow.crystal_id      1 
_exptl_crystal_grow.method          'VAPOR DIFFUSION, SITTING DROP' 
_exptl_crystal_grow.temp            290 
_exptl_crystal_grow.temp_details    ? 
_exptl_crystal_grow.pH              4.5 
_exptl_crystal_grow.pdbx_details    '1.4M Sodium Citrate, pH 4.5, VAPOR DIFFUSION, SITTING DROP, temperature 290K' 
_exptl_crystal_grow.pdbx_pH_range   ? 
# 
_diffrn.id                     1 
_diffrn.ambient_temp           100 
_diffrn.ambient_temp_details   ? 
_diffrn.crystal_id             1 
# 
_diffrn_detector.diffrn_id              1 
_diffrn_detector.detector               'IMAGE PLATE' 
_diffrn_detector.type                   'MAR scanner 300 mm plate' 
_diffrn_detector.pdbx_collection_date   2012-12-01 
_diffrn_detector.details                ? 
# 
_diffrn_radiation.diffrn_id                        1 
_diffrn_radiation.wavelength_id                    1 
_diffrn_radiation.pdbx_monochromatic_or_laue_m_l   M 
_diffrn_radiation.monochromator                    'Si 111' 
_diffrn_radiation.pdbx_diffrn_protocol             'SINGLE WAVELENGTH' 
_diffrn_radiation.pdbx_scattering_type             x-ray 
# 
_diffrn_radiation_wavelength.id           1 
_diffrn_radiation_wavelength.wavelength   1.000 
_diffrn_radiation_wavelength.wt           1.0 
# 
_diffrn_source.diffrn_id                   1 
_diffrn_source.source                      SYNCHROTRON 
_diffrn_source.type                        'APS BEAMLINE 22-ID' 
_diffrn_source.pdbx_synchrotron_site       APS 
_diffrn_source.pdbx_synchrotron_beamline   22-ID 
_diffrn_source.pdbx_wavelength             ? 
_diffrn_source.pdbx_wavelength_list        1.000 
# 
_reflns.entry_id                     4IRG 
_reflns.observed_criterion_sigma_I   ? 
_reflns.observed_criterion_sigma_F   ? 
_reflns.d_resolution_low             35.43 
_reflns.d_resolution_high            1.70 
_reflns.number_obs                   11537 
_reflns.number_all                   12118 
_reflns.percent_possible_obs         ? 
_reflns.pdbx_Rmerge_I_obs            ? 
_reflns.pdbx_Rsym_value              ? 
_reflns.pdbx_netI_over_sigmaI        ? 
_reflns.B_iso_Wilson_estimate        ? 
_reflns.pdbx_redundancy              ? 
_reflns.R_free_details               ? 
_reflns.limit_h_max                  ? 
_reflns.limit_h_min                  ? 
_reflns.limit_k_max                  ? 
_reflns.limit_k_min                  ? 
_reflns.limit_l_max                  ? 
_reflns.limit_l_min                  ? 
_reflns.observed_criterion_F_max     ? 
_reflns.observed_criterion_F_min     ? 
_reflns.pdbx_chi_squared             ? 
_reflns.pdbx_scaling_rejects         ? 
_reflns.pdbx_ordinal                 1 
_reflns.pdbx_diffrn_id               1 
# 
_reflns_shell.d_res_high             1.70 
_reflns_shell.d_res_low              1.73 
_reflns_shell.percent_possible_all   ? 
_reflns_shell.Rmerge_I_obs           ? 
_reflns_shell.pdbx_Rsym_value        ? 
_reflns_shell.meanI_over_sigI_obs    ? 
_reflns_shell.pdbx_redundancy        ? 
_reflns_shell.percent_possible_obs   ? 
_reflns_shell.number_unique_all      ? 
_reflns_shell.number_measured_all    ? 
_reflns_shell.number_measured_obs    ? 
_reflns_shell.number_unique_obs      ? 
_reflns_shell.pdbx_chi_squared       ? 
_reflns_shell.pdbx_ordinal           1 
_reflns_shell.pdbx_diffrn_id         1 
# 
_refine.entry_id                                 4IRG 
_refine.ls_number_reflns_obs                     11537 
_refine.ls_number_reflns_all                     12118 
_refine.pdbx_ls_sigma_I                          ? 
_refine.pdbx_ls_sigma_F                          ? 
_refine.pdbx_data_cutoff_high_absF               ? 
_refine.pdbx_data_cutoff_low_absF                ? 
_refine.pdbx_data_cutoff_high_rms_absF           ? 
_refine.ls_d_res_low                             35.43 
_refine.ls_d_res_high                            1.70 
_refine.ls_percent_reflns_obs                    99.25 
_refine.ls_R_factor_obs                          0.18990 
_refine.ls_R_factor_all                          ? 
_refine.ls_R_factor_R_work                       0.18809 
_refine.ls_R_factor_R_free                       0.22756 
_refine.ls_R_factor_R_free_error                 ? 
_refine.ls_R_factor_R_free_error_details         ? 
_refine.ls_percent_reflns_R_free                 4.8 
_refine.ls_number_reflns_R_free                  580 
_refine.ls_number_parameters                     ? 
_refine.ls_number_restraints                     ? 
_refine.occupancy_min                            ? 
_refine.occupancy_max                            ? 
_refine.correlation_coeff_Fo_to_Fc               0.955 
_refine.correlation_coeff_Fo_to_Fc_free          0.930 
_refine.B_iso_mean                               21.615 
_refine.aniso_B[1][1]                            0.26 
_refine.aniso_B[2][2]                            0.26 
_refine.aniso_B[3][3]                            -0.83 
_refine.aniso_B[1][2]                            0.26 
_refine.aniso_B[1][3]                            0.00 
_refine.aniso_B[2][3]                            0.00 
_refine.solvent_model_details                    MASK 
_refine.solvent_model_param_ksol                 ? 
_refine.solvent_model_param_bsol                 ? 
_refine.pdbx_solvent_vdw_probe_radii             1.20 
_refine.pdbx_solvent_ion_probe_radii             0.80 
_refine.pdbx_solvent_shrinkage_radii             0.80 
_refine.pdbx_ls_cross_valid_method               THROUGHOUT 
_refine.details                                  'HYDROGENS HAVE BEEN ADDED IN THE RIDING POSITIONS' 
_refine.pdbx_starting_model                      ? 
_refine.pdbx_method_to_determine_struct          'MOLECULAR REPLACEMENT' 
_refine.pdbx_isotropic_thermal_model             ? 
_refine.pdbx_stereochemistry_target_values       'MAXIMUM LIKELIHOOD' 
_refine.pdbx_stereochem_target_val_spec_case     ? 
_refine.pdbx_R_Free_selection_details            RANDOM 
_refine.pdbx_overall_ESU_R                       0.106 
_refine.pdbx_overall_ESU_R_Free                  0.107 
_refine.overall_SU_ML                            0.069 
_refine.pdbx_overall_phase_error                 ? 
_refine.overall_SU_B                             4.229 
_refine.overall_SU_R_Cruickshank_DPI             ? 
_refine.ls_redundancy_reflns_obs                 ? 
_refine.B_iso_min                                ? 
_refine.B_iso_max                                ? 
_refine.overall_SU_R_free                        ? 
_refine.ls_wR_factor_R_free                      ? 
_refine.ls_wR_factor_R_work                      ? 
_refine.overall_FOM_free_R_set                   ? 
_refine.overall_FOM_work_R_set                   ? 
_refine.pdbx_diffrn_id                           1 
_refine.pdbx_refine_id                           'X-RAY DIFFRACTION' 
_refine.pdbx_TLS_residual_ADP_flag               ? 
_refine.pdbx_overall_SU_R_free_Cruickshank_DPI   ? 
_refine.pdbx_overall_SU_R_Blow_DPI               ? 
_refine.pdbx_overall_SU_R_free_Blow_DPI          ? 
# 
_refine_hist.pdbx_refine_id                   'X-RAY DIFFRACTION' 
_refine_hist.cycle_id                         LAST 
_refine_hist.pdbx_number_atoms_protein        807 
_refine_hist.pdbx_number_atoms_nucleic_acid   0 
_refine_hist.pdbx_number_atoms_ligand         0 
_refine_hist.number_atoms_solvent             46 
_refine_hist.number_atoms_total               853 
_refine_hist.d_res_high                       1.70 
_refine_hist.d_res_low                        35.43 
# 
loop_
_refine_ls_restr.type 
_refine_ls_restr.dev_ideal 
_refine_ls_restr.dev_ideal_target 
_refine_ls_restr.weight 
_refine_ls_restr.number 
_refine_ls_restr.pdbx_restraint_function 
_refine_ls_restr.pdbx_refine_id 
r_bond_refined_d       0.022  0.019  ? 827  ? 'X-RAY DIFFRACTION' 
r_bond_other_d         0.001  0.020  ? 760  ? 'X-RAY DIFFRACTION' 
r_angle_refined_deg    2.001  1.932  ? 1113 ? 'X-RAY DIFFRACTION' 
r_angle_other_deg      0.997  3.000  ? 1743 ? 'X-RAY DIFFRACTION' 
r_dihedral_angle_1_deg 5.270  5.000  ? 97   ? 'X-RAY DIFFRACTION' 
r_dihedral_angle_2_deg 31.966 23.409 ? 44   ? 'X-RAY DIFFRACTION' 
r_dihedral_angle_3_deg 14.736 15.000 ? 146  ? 'X-RAY DIFFRACTION' 
r_dihedral_angle_4_deg 21.365 15.000 ? 7    ? 'X-RAY DIFFRACTION' 
r_chiral_restr         0.139  0.200  ? 110  ? 'X-RAY DIFFRACTION' 
r_gen_planes_refined   0.011  0.020  ? 945  ? 'X-RAY DIFFRACTION' 
r_gen_planes_other     0.001  0.020  ? 214  ? 'X-RAY DIFFRACTION' 
# 
_refine_ls_shell.pdbx_total_number_of_bins_used   20 
_refine_ls_shell.d_res_high                       1.70 
_refine_ls_shell.d_res_low                        1.747 
_refine_ls_shell.number_reflns_R_work             784 
_refine_ls_shell.R_factor_R_work                  0.230 
_refine_ls_shell.percent_reflns_obs               96.42 
_refine_ls_shell.R_factor_R_free                  0.308 
_refine_ls_shell.R_factor_R_free_error            ? 
_refine_ls_shell.percent_reflns_R_free            ? 
_refine_ls_shell.number_reflns_R_free             50 
_refine_ls_shell.number_reflns_all                ? 
_refine_ls_shell.R_factor_all                     ? 
_refine_ls_shell.number_reflns_obs                ? 
_refine_ls_shell.redundancy_reflns_obs            ? 
_refine_ls_shell.pdbx_refine_id                   'X-RAY DIFFRACTION' 
# 
_struct.entry_id                  4IRG 
_struct.title                     'Uninhibited DNA-binding domain of the Ets transcription factor ERG' 
_struct.pdbx_model_details        ? 
_struct.pdbx_CASP_flag            ? 
_struct.pdbx_model_type_details   ? 
# 
_struct_keywords.entry_id        4IRG 
_struct_keywords.pdbx_keywords   'DNA BINDING PROTEIN' 
_struct_keywords.text            'winged Helix-Turn-Helix, Ets domain, DNA BINDING PROTEIN' 
# 
loop_
_struct_asym.id 
_struct_asym.pdbx_blank_PDB_chainid_flag 
_struct_asym.pdbx_modified 
_struct_asym.entity_id 
_struct_asym.details 
A N N 1 ? 
B N N 2 ? 
# 
_struct_ref.id                         1 
_struct_ref.db_name                    UNP 
_struct_ref.db_code                    ERG_HUMAN 
_struct_ref.pdbx_db_accession          P11308 
_struct_ref.entity_id                  1 
_struct_ref.pdbx_seq_one_letter_code   
;PGSGQIQLWQFLLELLSDSSNSSCITWEGTNGEFKMTDPDEVARRWGERKSKPNMNYDKLSRALRYYYDKNIMTKVHGKR
YAYKFDFHGIAQALQPHPPE
;
_struct_ref.pdbx_align_begin           313 
_struct_ref.pdbx_db_isoform            ? 
# 
_struct_ref_seq.align_id                      1 
_struct_ref_seq.ref_id                        1 
_struct_ref_seq.pdbx_PDB_id_code              4IRG 
_struct_ref_seq.pdbx_strand_id                A 
_struct_ref_seq.seq_align_beg                 10 
_struct_ref_seq.pdbx_seq_align_beg_ins_code   ? 
_struct_ref_seq.seq_align_end                 109 
_struct_ref_seq.pdbx_seq_align_end_ins_code   ? 
_struct_ref_seq.pdbx_db_accession             P11308 
_struct_ref_seq.db_align_beg                  313 
_struct_ref_seq.pdbx_db_align_beg_ins_code    ? 
_struct_ref_seq.db_align_end                  412 
_struct_ref_seq.pdbx_db_align_end_ins_code    ? 
_struct_ref_seq.pdbx_auth_seq_align_beg       289 
_struct_ref_seq.pdbx_auth_seq_align_end       388 
# 
loop_
_struct_ref_seq_dif.align_id 
_struct_ref_seq_dif.pdbx_pdb_id_code 
_struct_ref_seq_dif.mon_id 
_struct_ref_seq_dif.pdbx_pdb_strand_id 
_struct_ref_seq_dif.seq_num 
_struct_ref_seq_dif.pdbx_pdb_ins_code 
_struct_ref_seq_dif.pdbx_seq_db_name 
_struct_ref_seq_dif.pdbx_seq_db_accession_code 
_struct_ref_seq_dif.db_mon_id 
_struct_ref_seq_dif.pdbx_seq_db_seq_num 
_struct_ref_seq_dif.details 
_struct_ref_seq_dif.pdbx_auth_seq_num 
_struct_ref_seq_dif.pdbx_ordinal 
1 4IRG GLY A 1 ? UNP P11308 ? ? 'expression tag' 280 1 
1 4IRG ALA A 2 ? UNP P11308 ? ? 'expression tag' 281 2 
1 4IRG MET A 3 ? UNP P11308 ? ? 'expression tag' 282 3 
1 4IRG GLY A 4 ? UNP P11308 ? ? 'expression tag' 283 4 
1 4IRG SER A 5 ? UNP P11308 ? ? 'expression tag' 284 5 
1 4IRG GLY A 6 ? UNP P11308 ? ? 'expression tag' 285 6 
1 4IRG ILE A 7 ? UNP P11308 ? ? 'expression tag' 286 7 
1 4IRG GLN A 8 ? UNP P11308 ? ? 'expression tag' 287 8 
1 4IRG ARG A 9 ? UNP P11308 ? ? 'expression tag' 288 9 
# 
_pdbx_struct_assembly.id                   1 
_pdbx_struct_assembly.details              author_and_software_defined_assembly 
_pdbx_struct_assembly.method_details       PISA 
_pdbx_struct_assembly.oligomeric_details   dimeric 
_pdbx_struct_assembly.oligomeric_count     2 
# 
loop_
_pdbx_struct_assembly_prop.biol_id 
_pdbx_struct_assembly_prop.type 
_pdbx_struct_assembly_prop.value 
_pdbx_struct_assembly_prop.details 
1 'ABSA (A^2)' 1930  ? 
1 MORE         -16   ? 
1 'SSA (A^2)'  10440 ? 
# 
_pdbx_struct_assembly_gen.assembly_id       1 
_pdbx_struct_assembly_gen.oper_expression   1,2 
_pdbx_struct_assembly_gen.asym_id_list      A,B 
# 
loop_
_pdbx_struct_oper_list.id 
_pdbx_struct_oper_list.type 
_pdbx_struct_oper_list.name 
_pdbx_struct_oper_list.symmetry_operation 
_pdbx_struct_oper_list.matrix[1][1] 
_pdbx_struct_oper_list.matrix[1][2] 
_pdbx_struct_oper_list.matrix[1][3] 
_pdbx_struct_oper_list.vector[1] 
_pdbx_struct_oper_list.matrix[2][1] 
_pdbx_struct_oper_list.matrix[2][2] 
_pdbx_struct_oper_list.matrix[2][3] 
_pdbx_struct_oper_list.vector[2] 
_pdbx_struct_oper_list.matrix[3][1] 
_pdbx_struct_oper_list.matrix[3][2] 
_pdbx_struct_oper_list.matrix[3][3] 
_pdbx_struct_oper_list.vector[3] 
1 'identity operation'         1_555  x,y,z        1.0000000000  0.0000000000 0.0000000000  0.0000000000  0.0000000000 1.0000000000  0.0000000000  0.0000000000   0.0000000000  0.0000000000  1.0000000000  0.0000000000  
2 'crystal symmetry operation' 12_554 x,x-y,-z-1/6 -0.1319085220 0.7199019996 -0.6814258968 18.9869971361 0.7199019996 -0.4029904657 -0.5651015798 -12.6432810223 -0.6814258968 -0.5651015798 -0.4651010123 10.8310047388 
# 
_struct_biol.id        1 
_struct_biol.details   ? 
# 
loop_
_struct_conf.conf_type_id 
_struct_conf.id 
_struct_conf.pdbx_PDB_helix_id 
_struct_conf.beg_label_comp_id 
_struct_conf.beg_label_asym_id 
_struct_conf.beg_label_seq_id 
_struct_conf.pdbx_beg_PDB_ins_code 
_struct_conf.end_label_comp_id 
_struct_conf.end_label_asym_id 
_struct_conf.end_label_seq_id 
_struct_conf.pdbx_end_PDB_ins_code 
_struct_conf.beg_auth_comp_id 
_struct_conf.beg_auth_asym_id 
_struct_conf.beg_auth_seq_id 
_struct_conf.end_auth_comp_id 
_struct_conf.end_auth_asym_id 
_struct_conf.end_auth_seq_id 
_struct_conf.pdbx_PDB_helix_class 
_struct_conf.details 
_struct_conf.pdbx_PDB_helix_length 
HELX_P HELX_P1 1 GLN A 16 ? SER A 26  ? GLN A 295 SER A 305 1 ? 11 
HELX_P HELX_P2 2 ASP A 27 ? SER A 31  ? ASP A 306 SER A 310 5 ? 5  
HELX_P HELX_P3 3 ASP A 47 ? SER A 60  ? ASP A 326 SER A 339 1 ? 14 
HELX_P HELX_P4 4 ASN A 65 ? LYS A 79  ? ASN A 344 LYS A 358 1 ? 15 
HELX_P HELX_P5 5 ASP A 95 ? LEU A 103 ? ASP A 374 LEU A 382 1 ? 9  
# 
_struct_conf_type.id          HELX_P 
_struct_conf_type.criteria    ? 
_struct_conf_type.reference   ? 
# 
_struct_sheet.id               A 
_struct_sheet.type             ? 
_struct_sheet.number_strands   4 
_struct_sheet.details          ? 
# 
loop_
_struct_sheet_order.sheet_id 
_struct_sheet_order.range_id_1 
_struct_sheet_order.range_id_2 
_struct_sheet_order.offset 
_struct_sheet_order.sense 
A 1 2 ? anti-parallel 
A 2 3 ? anti-parallel 
A 3 4 ? anti-parallel 
# 
loop_
_struct_sheet_range.sheet_id 
_struct_sheet_range.id 
_struct_sheet_range.beg_label_comp_id 
_struct_sheet_range.beg_label_asym_id 
_struct_sheet_range.beg_label_seq_id 
_struct_sheet_range.pdbx_beg_PDB_ins_code 
_struct_sheet_range.end_label_comp_id 
_struct_sheet_range.end_label_asym_id 
_struct_sheet_range.end_label_seq_id 
_struct_sheet_range.pdbx_end_PDB_ins_code 
_struct_sheet_range.beg_auth_comp_id 
_struct_sheet_range.beg_auth_asym_id 
_struct_sheet_range.beg_auth_seq_id 
_struct_sheet_range.end_auth_comp_id 
_struct_sheet_range.end_auth_asym_id 
_struct_sheet_range.end_auth_seq_id 
A 1 THR A 35 ? TRP A 36 ? THR A 314 TRP A 315 
A 2 GLU A 42 ? LYS A 44 ? GLU A 321 LYS A 323 
A 3 ALA A 91 ? PHE A 94 ? ALA A 370 PHE A 373 
A 4 MET A 82 ? LYS A 84 ? MET A 361 LYS A 363 
# 
loop_
_pdbx_struct_sheet_hbond.sheet_id 
_pdbx_struct_sheet_hbond.range_id_1 
_pdbx_struct_sheet_hbond.range_id_2 
_pdbx_struct_sheet_hbond.range_1_label_atom_id 
_pdbx_struct_sheet_hbond.range_1_label_comp_id 
_pdbx_struct_sheet_hbond.range_1_label_asym_id 
_pdbx_struct_sheet_hbond.range_1_label_seq_id 
_pdbx_struct_sheet_hbond.range_1_PDB_ins_code 
_pdbx_struct_sheet_hbond.range_1_auth_atom_id 
_pdbx_struct_sheet_hbond.range_1_auth_comp_id 
_pdbx_struct_sheet_hbond.range_1_auth_asym_id 
_pdbx_struct_sheet_hbond.range_1_auth_seq_id 
_pdbx_struct_sheet_hbond.range_2_label_atom_id 
_pdbx_struct_sheet_hbond.range_2_label_comp_id 
_pdbx_struct_sheet_hbond.range_2_label_asym_id 
_pdbx_struct_sheet_hbond.range_2_label_seq_id 
_pdbx_struct_sheet_hbond.range_2_PDB_ins_code 
_pdbx_struct_sheet_hbond.range_2_auth_atom_id 
_pdbx_struct_sheet_hbond.range_2_auth_comp_id 
_pdbx_struct_sheet_hbond.range_2_auth_asym_id 
_pdbx_struct_sheet_hbond.range_2_auth_seq_id 
A 1 2 N THR A 35 ? N THR A 314 O LYS A 44 ? O LYS A 323 
A 2 3 N PHE A 43 ? N PHE A 322 O TYR A 92 ? O TYR A 371 
A 3 4 O LYS A 93 ? O LYS A 372 N THR A 83 ? N THR A 362 
# 
_pdbx_validate_close_contact.id               1 
_pdbx_validate_close_contact.PDB_model_num    1 
_pdbx_validate_close_contact.auth_atom_id_1   O 
_pdbx_validate_close_contact.auth_asym_id_1   A 
_pdbx_validate_close_contact.auth_comp_id_1   HOH 
_pdbx_validate_close_contact.auth_seq_id_1    417 
_pdbx_validate_close_contact.PDB_ins_code_1   ? 
_pdbx_validate_close_contact.label_alt_id_1   ? 
_pdbx_validate_close_contact.auth_atom_id_2   O 
_pdbx_validate_close_contact.auth_asym_id_2   A 
_pdbx_validate_close_contact.auth_comp_id_2   HOH 
_pdbx_validate_close_contact.auth_seq_id_2    440 
_pdbx_validate_close_contact.PDB_ins_code_2   ? 
_pdbx_validate_close_contact.label_alt_id_2   ? 
_pdbx_validate_close_contact.dist             2.19 
# 
loop_
_pdbx_validate_rmsd_angle.id 
_pdbx_validate_rmsd_angle.PDB_model_num 
_pdbx_validate_rmsd_angle.auth_atom_id_1 
_pdbx_validate_rmsd_angle.auth_asym_id_1 
_pdbx_validate_rmsd_angle.auth_comp_id_1 
_pdbx_validate_rmsd_angle.auth_seq_id_1 
_pdbx_validate_rmsd_angle.PDB_ins_code_1 
_pdbx_validate_rmsd_angle.label_alt_id_1 
_pdbx_validate_rmsd_angle.auth_atom_id_2 
_pdbx_validate_rmsd_angle.auth_asym_id_2 
_pdbx_validate_rmsd_angle.auth_comp_id_2 
_pdbx_validate_rmsd_angle.auth_seq_id_2 
_pdbx_validate_rmsd_angle.PDB_ins_code_2 
_pdbx_validate_rmsd_angle.label_alt_id_2 
_pdbx_validate_rmsd_angle.auth_atom_id_3 
_pdbx_validate_rmsd_angle.auth_asym_id_3 
_pdbx_validate_rmsd_angle.auth_comp_id_3 
_pdbx_validate_rmsd_angle.auth_seq_id_3 
_pdbx_validate_rmsd_angle.PDB_ins_code_3 
_pdbx_validate_rmsd_angle.label_alt_id_3 
_pdbx_validate_rmsd_angle.angle_value 
_pdbx_validate_rmsd_angle.angle_target_value 
_pdbx_validate_rmsd_angle.angle_deviation 
_pdbx_validate_rmsd_angle.angle_standard_deviation 
_pdbx_validate_rmsd_angle.linker_flag 
1 1 NE A ARG 288 ? ? CZ A ARG 288 ? ? NH1 A ARG 288 ? ? 125.58 120.30 5.28  0.50 N 
2 1 NE A ARG 288 ? ? CZ A ARG 288 ? ? NH2 A ARG 288 ? ? 115.68 120.30 -4.62 0.50 N 
3 1 NE A ARG 337 ? ? CZ A ARG 337 ? ? NH1 A ARG 337 ? ? 123.46 120.30 3.16  0.50 N 
4 1 CA A MET 361 ? ? CB A MET 361 ? ? CG  A MET 361 ? ? 128.02 113.30 14.72 1.70 N 
# 
loop_
_pdbx_struct_special_symmetry.id 
_pdbx_struct_special_symmetry.PDB_model_num 
_pdbx_struct_special_symmetry.auth_asym_id 
_pdbx_struct_special_symmetry.auth_comp_id 
_pdbx_struct_special_symmetry.auth_seq_id 
_pdbx_struct_special_symmetry.PDB_ins_code 
_pdbx_struct_special_symmetry.label_asym_id 
_pdbx_struct_special_symmetry.label_comp_id 
_pdbx_struct_special_symmetry.label_seq_id 
1 1 A HOH 407 ? B HOH . 
2 1 A HOH 410 ? B HOH . 
3 1 A HOH 411 ? B HOH . 
4 1 A HOH 426 ? B HOH . 
5 1 A HOH 446 ? B HOH . 
# 
_pdbx_refine_tls.pdbx_refine_id   'X-RAY DIFFRACTION' 
_pdbx_refine_tls.id               1 
_pdbx_refine_tls.details          ? 
_pdbx_refine_tls.method           refined 
_pdbx_refine_tls.origin_x         0.0297 
_pdbx_refine_tls.origin_y         -0.1191 
_pdbx_refine_tls.origin_z         -0.4965 
_pdbx_refine_tls.T[1][1]          0.0304 
_pdbx_refine_tls.T[2][2]          0.0165 
_pdbx_refine_tls.T[3][3]          0.0116 
_pdbx_refine_tls.T[1][2]          -0.0150 
_pdbx_refine_tls.T[1][3]          0.0064 
_pdbx_refine_tls.T[2][3]          -0.0120 
_pdbx_refine_tls.L[1][1]          2.1942 
_pdbx_refine_tls.L[2][2]          1.8143 
_pdbx_refine_tls.L[3][3]          1.4584 
_pdbx_refine_tls.L[1][2]          -0.5519 
_pdbx_refine_tls.L[1][3]          0.5438 
_pdbx_refine_tls.L[2][3]          -0.1326 
_pdbx_refine_tls.S[1][1]          -0.0327 
_pdbx_refine_tls.S[1][2]          0.1503 
_pdbx_refine_tls.S[1][3]          -0.1451 
_pdbx_refine_tls.S[2][1]          -0.1393 
_pdbx_refine_tls.S[2][2]          0.0193 
_pdbx_refine_tls.S[2][3]          0.0531 
_pdbx_refine_tls.S[3][1]          0.1383 
_pdbx_refine_tls.S[3][2]          -0.0359 
_pdbx_refine_tls.S[3][3]          0.0134 
# 
_pdbx_refine_tls_group.pdbx_refine_id      'X-RAY DIFFRACTION' 
_pdbx_refine_tls_group.id                  1 
_pdbx_refine_tls_group.refine_tls_id       1 
_pdbx_refine_tls_group.beg_auth_asym_id    A 
_pdbx_refine_tls_group.beg_auth_seq_id     286 
_pdbx_refine_tls_group.beg_label_asym_id   ? 
_pdbx_refine_tls_group.beg_label_seq_id    ? 
_pdbx_refine_tls_group.end_auth_asym_id    A 
_pdbx_refine_tls_group.end_auth_seq_id     383 
_pdbx_refine_tls_group.end_label_asym_id   ? 
_pdbx_refine_tls_group.end_label_seq_id    ? 
_pdbx_refine_tls_group.selection           ? 
_pdbx_refine_tls_group.selection_details   ? 
# 
loop_
_pdbx_unobs_or_zero_occ_residues.id 
_pdbx_unobs_or_zero_occ_residues.PDB_model_num 
_pdbx_unobs_or_zero_occ_residues.polymer_flag 
_pdbx_unobs_or_zero_occ_residues.occupancy_flag 
_pdbx_unobs_or_zero_occ_residues.auth_asym_id 
_pdbx_unobs_or_zero_occ_residues.auth_comp_id 
_pdbx_unobs_or_zero_occ_residues.auth_seq_id 
_pdbx_unobs_or_zero_occ_residues.PDB_ins_code 
_pdbx_unobs_or_zero_occ_residues.label_asym_id 
_pdbx_unobs_or_zero_occ_residues.label_comp_id 
_pdbx_unobs_or_zero_occ_residues.label_seq_id 
1  1 Y 1 A GLY 280 ? A GLY 1   
2  1 Y 1 A ALA 281 ? A ALA 2   
3  1 Y 1 A MET 282 ? A MET 3   
4  1 Y 1 A GLY 283 ? A GLY 4   
5  1 Y 1 A SER 284 ? A SER 5   
6  1 Y 1 A GLY 285 ? A GLY 6   
7  1 Y 1 A PRO 384 ? A PRO 105 
8  1 Y 1 A HIS 385 ? A HIS 106 
9  1 Y 1 A PRO 386 ? A PRO 107 
10 1 Y 1 A PRO 387 ? A PRO 108 
11 1 Y 1 A GLU 388 ? A GLU 109 
# 
loop_
_chem_comp_atom.comp_id 
_chem_comp_atom.atom_id 
_chem_comp_atom.type_symbol 
_chem_comp_atom.pdbx_aromatic_flag 
_chem_comp_atom.pdbx_stereo_config 
_chem_comp_atom.pdbx_ordinal 
ALA N    N N N 1   
ALA CA   C N S 2   
ALA C    C N N 3   
ALA O    O N N 4   
ALA CB   C N N 5   
ALA OXT  O N N 6   
ALA H    H N N 7   
ALA H2   H N N 8   
ALA HA   H N N 9   
ALA HB1  H N N 10  
ALA HB2  H N N 11  
ALA HB3  H N N 12  
ALA HXT  H N N 13  
ARG N    N N N 14  
ARG CA   C N S 15  
ARG C    C N N 16  
ARG O    O N N 17  
ARG CB   C N N 18  
ARG CG   C N N 19  
ARG CD   C N N 20  
ARG NE   N N N 21  
ARG CZ   C N N 22  
ARG NH1  N N N 23  
ARG NH2  N N N 24  
ARG OXT  O N N 25  
ARG H    H N N 26  
ARG H2   H N N 27  
ARG HA   H N N 28  
ARG HB2  H N N 29  
ARG HB3  H N N 30  
ARG HG2  H N N 31  
ARG HG3  H N N 32  
ARG HD2  H N N 33  
ARG HD3  H N N 34  
ARG HE   H N N 35  
ARG HH11 H N N 36  
ARG HH12 H N N 37  
ARG HH21 H N N 38  
ARG HH22 H N N 39  
ARG HXT  H N N 40  
ASN N    N N N 41  
ASN CA   C N S 42  
ASN C    C N N 43  
ASN O    O N N 44  
ASN CB   C N N 45  
ASN CG   C N N 46  
ASN OD1  O N N 47  
ASN ND2  N N N 48  
ASN OXT  O N N 49  
ASN H    H N N 50  
ASN H2   H N N 51  
ASN HA   H N N 52  
ASN HB2  H N N 53  
ASN HB3  H N N 54  
ASN HD21 H N N 55  
ASN HD22 H N N 56  
ASN HXT  H N N 57  
ASP N    N N N 58  
ASP CA   C N S 59  
ASP C    C N N 60  
ASP O    O N N 61  
ASP CB   C N N 62  
ASP CG   C N N 63  
ASP OD1  O N N 64  
ASP OD2  O N N 65  
ASP OXT  O N N 66  
ASP H    H N N 67  
ASP H2   H N N 68  
ASP HA   H N N 69  
ASP HB2  H N N 70  
ASP HB3  H N N 71  
ASP HD2  H N N 72  
ASP HXT  H N N 73  
CYS N    N N N 74  
CYS CA   C N R 75  
CYS C    C N N 76  
CYS O    O N N 77  
CYS CB   C N N 78  
CYS SG   S N N 79  
CYS OXT  O N N 80  
CYS H    H N N 81  
CYS H2   H N N 82  
CYS HA   H N N 83  
CYS HB2  H N N 84  
CYS HB3  H N N 85  
CYS HG   H N N 86  
CYS HXT  H N N 87  
GLN N    N N N 88  
GLN CA   C N S 89  
GLN C    C N N 90  
GLN O    O N N 91  
GLN CB   C N N 92  
GLN CG   C N N 93  
GLN CD   C N N 94  
GLN OE1  O N N 95  
GLN NE2  N N N 96  
GLN OXT  O N N 97  
GLN H    H N N 98  
GLN H2   H N N 99  
GLN HA   H N N 100 
GLN HB2  H N N 101 
GLN HB3  H N N 102 
GLN HG2  H N N 103 
GLN HG3  H N N 104 
GLN HE21 H N N 105 
GLN HE22 H N N 106 
GLN HXT  H N N 107 
GLU N    N N N 108 
GLU CA   C N S 109 
GLU C    C N N 110 
GLU O    O N N 111 
GLU CB   C N N 112 
GLU CG   C N N 113 
GLU CD   C N N 114 
GLU OE1  O N N 115 
GLU OE2  O N N 116 
GLU OXT  O N N 117 
GLU H    H N N 118 
GLU H2   H N N 119 
GLU HA   H N N 120 
GLU HB2  H N N 121 
GLU HB3  H N N 122 
GLU HG2  H N N 123 
GLU HG3  H N N 124 
GLU HE2  H N N 125 
GLU HXT  H N N 126 
GLY N    N N N 127 
GLY CA   C N N 128 
GLY C    C N N 129 
GLY O    O N N 130 
GLY OXT  O N N 131 
GLY H    H N N 132 
GLY H2   H N N 133 
GLY HA2  H N N 134 
GLY HA3  H N N 135 
GLY HXT  H N N 136 
HIS N    N N N 137 
HIS CA   C N S 138 
HIS C    C N N 139 
HIS O    O N N 140 
HIS CB   C N N 141 
HIS CG   C Y N 142 
HIS ND1  N Y N 143 
HIS CD2  C Y N 144 
HIS CE1  C Y N 145 
HIS NE2  N Y N 146 
HIS OXT  O N N 147 
HIS H    H N N 148 
HIS H2   H N N 149 
HIS HA   H N N 150 
HIS HB2  H N N 151 
HIS HB3  H N N 152 
HIS HD1  H N N 153 
HIS HD2  H N N 154 
HIS HE1  H N N 155 
HIS HE2  H N N 156 
HIS HXT  H N N 157 
HOH O    O N N 158 
HOH H1   H N N 159 
HOH H2   H N N 160 
ILE N    N N N 161 
ILE CA   C N S 162 
ILE C    C N N 163 
ILE O    O N N 164 
ILE CB   C N S 165 
ILE CG1  C N N 166 
ILE CG2  C N N 167 
ILE CD1  C N N 168 
ILE OXT  O N N 169 
ILE H    H N N 170 
ILE H2   H N N 171 
ILE HA   H N N 172 
ILE HB   H N N 173 
ILE HG12 H N N 174 
ILE HG13 H N N 175 
ILE HG21 H N N 176 
ILE HG22 H N N 177 
ILE HG23 H N N 178 
ILE HD11 H N N 179 
ILE HD12 H N N 180 
ILE HD13 H N N 181 
ILE HXT  H N N 182 
LEU N    N N N 183 
LEU CA   C N S 184 
LEU C    C N N 185 
LEU O    O N N 186 
LEU CB   C N N 187 
LEU CG   C N N 188 
LEU CD1  C N N 189 
LEU CD2  C N N 190 
LEU OXT  O N N 191 
LEU H    H N N 192 
LEU H2   H N N 193 
LEU HA   H N N 194 
LEU HB2  H N N 195 
LEU HB3  H N N 196 
LEU HG   H N N 197 
LEU HD11 H N N 198 
LEU HD12 H N N 199 
LEU HD13 H N N 200 
LEU HD21 H N N 201 
LEU HD22 H N N 202 
LEU HD23 H N N 203 
LEU HXT  H N N 204 
LYS N    N N N 205 
LYS CA   C N S 206 
LYS C    C N N 207 
LYS O    O N N 208 
LYS CB   C N N 209 
LYS CG   C N N 210 
LYS CD   C N N 211 
LYS CE   C N N 212 
LYS NZ   N N N 213 
LYS OXT  O N N 214 
LYS H    H N N 215 
LYS H2   H N N 216 
LYS HA   H N N 217 
LYS HB2  H N N 218 
LYS HB3  H N N 219 
LYS HG2  H N N 220 
LYS HG3  H N N 221 
LYS HD2  H N N 222 
LYS HD3  H N N 223 
LYS HE2  H N N 224 
LYS HE3  H N N 225 
LYS HZ1  H N N 226 
LYS HZ2  H N N 227 
LYS HZ3  H N N 228 
LYS HXT  H N N 229 
MET N    N N N 230 
MET CA   C N S 231 
MET C    C N N 232 
MET O    O N N 233 
MET CB   C N N 234 
MET CG   C N N 235 
MET SD   S N N 236 
MET CE   C N N 237 
MET OXT  O N N 238 
MET H    H N N 239 
MET H2   H N N 240 
MET HA   H N N 241 
MET HB2  H N N 242 
MET HB3  H N N 243 
MET HG2  H N N 244 
MET HG3  H N N 245 
MET HE1  H N N 246 
MET HE2  H N N 247 
MET HE3  H N N 248 
MET HXT  H N N 249 
PHE N    N N N 250 
PHE CA   C N S 251 
PHE C    C N N 252 
PHE O    O N N 253 
PHE CB   C N N 254 
PHE CG   C Y N 255 
PHE CD1  C Y N 256 
PHE CD2  C Y N 257 
PHE CE1  C Y N 258 
PHE CE2  C Y N 259 
PHE CZ   C Y N 260 
PHE OXT  O N N 261 
PHE H    H N N 262 
PHE H2   H N N 263 
PHE HA   H N N 264 
PHE HB2  H N N 265 
PHE HB3  H N N 266 
PHE HD1  H N N 267 
PHE HD2  H N N 268 
PHE HE1  H N N 269 
PHE HE2  H N N 270 
PHE HZ   H N N 271 
PHE HXT  H N N 272 
PRO N    N N N 273 
PRO CA   C N S 274 
PRO C    C N N 275 
PRO O    O N N 276 
PRO CB   C N N 277 
PRO CG   C N N 278 
PRO CD   C N N 279 
PRO OXT  O N N 280 
PRO H    H N N 281 
PRO HA   H N N 282 
PRO HB2  H N N 283 
PRO HB3  H N N 284 
PRO HG2  H N N 285 
PRO HG3  H N N 286 
PRO HD2  H N N 287 
PRO HD3  H N N 288 
PRO HXT  H N N 289 
SER N    N N N 290 
SER CA   C N S 291 
SER C    C N N 292 
SER O    O N N 293 
SER CB   C N N 294 
SER OG   O N N 295 
SER OXT  O N N 296 
SER H    H N N 297 
SER H2   H N N 298 
SER HA   H N N 299 
SER HB2  H N N 300 
SER HB3  H N N 301 
SER HG   H N N 302 
SER HXT  H N N 303 
THR N    N N N 304 
THR CA   C N S 305 
THR C    C N N 306 
THR O    O N N 307 
THR CB   C N R 308 
THR OG1  O N N 309 
THR CG2  C N N 310 
THR OXT  O N N 311 
THR H    H N N 312 
THR H2   H N N 313 
THR HA   H N N 314 
THR HB   H N N 315 
THR HG1  H N N 316 
THR HG21 H N N 317 
THR HG22 H N N 318 
THR HG23 H N N 319 
THR HXT  H N N 320 
TRP N    N N N 321 
TRP CA   C N S 322 
TRP C    C N N 323 
TRP O    O N N 324 
TRP CB   C N N 325 
TRP CG   C Y N 326 
TRP CD1  C Y N 327 
TRP CD2  C Y N 328 
TRP NE1  N Y N 329 
TRP CE2  C Y N 330 
TRP CE3  C Y N 331 
TRP CZ2  C Y N 332 
TRP CZ3  C Y N 333 
TRP CH2  C Y N 334 
TRP OXT  O N N 335 
TRP H    H N N 336 
TRP H2   H N N 337 
TRP HA   H N N 338 
TRP HB2  H N N 339 
TRP HB3  H N N 340 
TRP HD1  H N N 341 
TRP HE1  H N N 342 
TRP HE3  H N N 343 
TRP HZ2  H N N 344 
TRP HZ3  H N N 345 
TRP HH2  H N N 346 
TRP HXT  H N N 347 
TYR N    N N N 348 
TYR CA   C N S 349 
TYR C    C N N 350 
TYR O    O N N 351 
TYR CB   C N N 352 
TYR CG   C Y N 353 
TYR CD1  C Y N 354 
TYR CD2  C Y N 355 
TYR CE1  C Y N 356 
TYR CE2  C Y N 357 
TYR CZ   C Y N 358 
TYR OH   O N N 359 
TYR OXT  O N N 360 
TYR H    H N N 361 
TYR H2   H N N 362 
TYR HA   H N N 363 
TYR HB2  H N N 364 
TYR HB3  H N N 365 
TYR HD1  H N N 366 
TYR HD2  H N N 367 
TYR HE1  H N N 368 
TYR HE2  H N N 369 
TYR HH   H N N 370 
TYR HXT  H N N 371 
VAL N    N N N 372 
VAL CA   C N S 373 
VAL C    C N N 374 
VAL O    O N N 375 
VAL CB   C N N 376 
VAL CG1  C N N 377 
VAL CG2  C N N 378 
VAL OXT  O N N 379 
VAL H    H N N 380 
VAL H2   H N N 381 
VAL HA   H N N 382 
VAL HB   H N N 383 
VAL HG11 H N N 384 
VAL HG12 H N N 385 
VAL HG13 H N N 386 
VAL HG21 H N N 387 
VAL HG22 H N N 388 
VAL HG23 H N N 389 
VAL HXT  H N N 390 
# 
loop_
_chem_comp_bond.comp_id 
_chem_comp_bond.atom_id_1 
_chem_comp_bond.atom_id_2 
_chem_comp_bond.value_order 
_chem_comp_bond.pdbx_aromatic_flag 
_chem_comp_bond.pdbx_stereo_config 
_chem_comp_bond.pdbx_ordinal 
ALA N   CA   sing N N 1   
ALA N   H    sing N N 2   
ALA N   H2   sing N N 3   
ALA CA  C    sing N N 4   
ALA CA  CB   sing N N 5   
ALA CA  HA   sing N N 6   
ALA C   O    doub N N 7   
ALA C   OXT  sing N N 8   
ALA CB  HB1  sing N N 9   
ALA CB  HB2  sing N N 10  
ALA CB  HB3  sing N N 11  
ALA OXT HXT  sing N N 12  
ARG N   CA   sing N N 13  
ARG N   H    sing N N 14  
ARG N   H2   sing N N 15  
ARG CA  C    sing N N 16  
ARG CA  CB   sing N N 17  
ARG CA  HA   sing N N 18  
ARG C   O    doub N N 19  
ARG C   OXT  sing N N 20  
ARG CB  CG   sing N N 21  
ARG CB  HB2  sing N N 22  
ARG CB  HB3  sing N N 23  
ARG CG  CD   sing N N 24  
ARG CG  HG2  sing N N 25  
ARG CG  HG3  sing N N 26  
ARG CD  NE   sing N N 27  
ARG CD  HD2  sing N N 28  
ARG CD  HD3  sing N N 29  
ARG NE  CZ   sing N N 30  
ARG NE  HE   sing N N 31  
ARG CZ  NH1  sing N N 32  
ARG CZ  NH2  doub N N 33  
ARG NH1 HH11 sing N N 34  
ARG NH1 HH12 sing N N 35  
ARG NH2 HH21 sing N N 36  
ARG NH2 HH22 sing N N 37  
ARG OXT HXT  sing N N 38  
ASN N   CA   sing N N 39  
ASN N   H    sing N N 40  
ASN N   H2   sing N N 41  
ASN CA  C    sing N N 42  
ASN CA  CB   sing N N 43  
ASN CA  HA   sing N N 44  
ASN C   O    doub N N 45  
ASN C   OXT  sing N N 46  
ASN CB  CG   sing N N 47  
ASN CB  HB2  sing N N 48  
ASN CB  HB3  sing N N 49  
ASN CG  OD1  doub N N 50  
ASN CG  ND2  sing N N 51  
ASN ND2 HD21 sing N N 52  
ASN ND2 HD22 sing N N 53  
ASN OXT HXT  sing N N 54  
ASP N   CA   sing N N 55  
ASP N   H    sing N N 56  
ASP N   H2   sing N N 57  
ASP CA  C    sing N N 58  
ASP CA  CB   sing N N 59  
ASP CA  HA   sing N N 60  
ASP C   O    doub N N 61  
ASP C   OXT  sing N N 62  
ASP CB  CG   sing N N 63  
ASP CB  HB2  sing N N 64  
ASP CB  HB3  sing N N 65  
ASP CG  OD1  doub N N 66  
ASP CG  OD2  sing N N 67  
ASP OD2 HD2  sing N N 68  
ASP OXT HXT  sing N N 69  
CYS N   CA   sing N N 70  
CYS N   H    sing N N 71  
CYS N   H2   sing N N 72  
CYS CA  C    sing N N 73  
CYS CA  CB   sing N N 74  
CYS CA  HA   sing N N 75  
CYS C   O    doub N N 76  
CYS C   OXT  sing N N 77  
CYS CB  SG   sing N N 78  
CYS CB  HB2  sing N N 79  
CYS CB  HB3  sing N N 80  
CYS SG  HG   sing N N 81  
CYS OXT HXT  sing N N 82  
GLN N   CA   sing N N 83  
GLN N   H    sing N N 84  
GLN N   H2   sing N N 85  
GLN CA  C    sing N N 86  
GLN CA  CB   sing N N 87  
GLN CA  HA   sing N N 88  
GLN C   O    doub N N 89  
GLN C   OXT  sing N N 90  
GLN CB  CG   sing N N 91  
GLN CB  HB2  sing N N 92  
GLN CB  HB3  sing N N 93  
GLN CG  CD   sing N N 94  
GLN CG  HG2  sing N N 95  
GLN CG  HG3  sing N N 96  
GLN CD  OE1  doub N N 97  
GLN CD  NE2  sing N N 98  
GLN NE2 HE21 sing N N 99  
GLN NE2 HE22 sing N N 100 
GLN OXT HXT  sing N N 101 
GLU N   CA   sing N N 102 
GLU N   H    sing N N 103 
GLU N   H2   sing N N 104 
GLU CA  C    sing N N 105 
GLU CA  CB   sing N N 106 
GLU CA  HA   sing N N 107 
GLU C   O    doub N N 108 
GLU C   OXT  sing N N 109 
GLU CB  CG   sing N N 110 
GLU CB  HB2  sing N N 111 
GLU CB  HB3  sing N N 112 
GLU CG  CD   sing N N 113 
GLU CG  HG2  sing N N 114 
GLU CG  HG3  sing N N 115 
GLU CD  OE1  doub N N 116 
GLU CD  OE2  sing N N 117 
GLU OE2 HE2  sing N N 118 
GLU OXT HXT  sing N N 119 
GLY N   CA   sing N N 120 
GLY N   H    sing N N 121 
GLY N   H2   sing N N 122 
GLY CA  C    sing N N 123 
GLY CA  HA2  sing N N 124 
GLY CA  HA3  sing N N 125 
GLY C   O    doub N N 126 
GLY C   OXT  sing N N 127 
GLY OXT HXT  sing N N 128 
HIS N   CA   sing N N 129 
HIS N   H    sing N N 130 
HIS N   H2   sing N N 131 
HIS CA  C    sing N N 132 
HIS CA  CB   sing N N 133 
HIS CA  HA   sing N N 134 
HIS C   O    doub N N 135 
HIS C   OXT  sing N N 136 
HIS CB  CG   sing N N 137 
HIS CB  HB2  sing N N 138 
HIS CB  HB3  sing N N 139 
HIS CG  ND1  sing Y N 140 
HIS CG  CD2  doub Y N 141 
HIS ND1 CE1  doub Y N 142 
HIS ND1 HD1  sing N N 143 
HIS CD2 NE2  sing Y N 144 
HIS CD2 HD2  sing N N 145 
HIS CE1 NE2  sing Y N 146 
HIS CE1 HE1  sing N N 147 
HIS NE2 HE2  sing N N 148 
HIS OXT HXT  sing N N 149 
HOH O   H1   sing N N 150 
HOH O   H2   sing N N 151 
ILE N   CA   sing N N 152 
ILE N   H    sing N N 153 
ILE N   H2   sing N N 154 
ILE CA  C    sing N N 155 
ILE CA  CB   sing N N 156 
ILE CA  HA   sing N N 157 
ILE C   O    doub N N 158 
ILE C   OXT  sing N N 159 
ILE CB  CG1  sing N N 160 
ILE CB  CG2  sing N N 161 
ILE CB  HB   sing N N 162 
ILE CG1 CD1  sing N N 163 
ILE CG1 HG12 sing N N 164 
ILE CG1 HG13 sing N N 165 
ILE CG2 HG21 sing N N 166 
ILE CG2 HG22 sing N N 167 
ILE CG2 HG23 sing N N 168 
ILE CD1 HD11 sing N N 169 
ILE CD1 HD12 sing N N 170 
ILE CD1 HD13 sing N N 171 
ILE OXT HXT  sing N N 172 
LEU N   CA   sing N N 173 
LEU N   H    sing N N 174 
LEU N   H2   sing N N 175 
LEU CA  C    sing N N 176 
LEU CA  CB   sing N N 177 
LEU CA  HA   sing N N 178 
LEU C   O    doub N N 179 
LEU C   OXT  sing N N 180 
LEU CB  CG   sing N N 181 
LEU CB  HB2  sing N N 182 
LEU CB  HB3  sing N N 183 
LEU CG  CD1  sing N N 184 
LEU CG  CD2  sing N N 185 
LEU CG  HG   sing N N 186 
LEU CD1 HD11 sing N N 187 
LEU CD1 HD12 sing N N 188 
LEU CD1 HD13 sing N N 189 
LEU CD2 HD21 sing N N 190 
LEU CD2 HD22 sing N N 191 
LEU CD2 HD23 sing N N 192 
LEU OXT HXT  sing N N 193 
LYS N   CA   sing N N 194 
LYS N   H    sing N N 195 
LYS N   H2   sing N N 196 
LYS CA  C    sing N N 197 
LYS CA  CB   sing N N 198 
LYS CA  HA   sing N N 199 
LYS C   O    doub N N 200 
LYS C   OXT  sing N N 201 
LYS CB  CG   sing N N 202 
LYS CB  HB2  sing N N 203 
LYS CB  HB3  sing N N 204 
LYS CG  CD   sing N N 205 
LYS CG  HG2  sing N N 206 
LYS CG  HG3  sing N N 207 
LYS CD  CE   sing N N 208 
LYS CD  HD2  sing N N 209 
LYS CD  HD3  sing N N 210 
LYS CE  NZ   sing N N 211 
LYS CE  HE2  sing N N 212 
LYS CE  HE3  sing N N 213 
LYS NZ  HZ1  sing N N 214 
LYS NZ  HZ2  sing N N 215 
LYS NZ  HZ3  sing N N 216 
LYS OXT HXT  sing N N 217 
MET N   CA   sing N N 218 
MET N   H    sing N N 219 
MET N   H2   sing N N 220 
MET CA  C    sing N N 221 
MET CA  CB   sing N N 222 
MET CA  HA   sing N N 223 
MET C   O    doub N N 224 
MET C   OXT  sing N N 225 
MET CB  CG   sing N N 226 
MET CB  HB2  sing N N 227 
MET CB  HB3  sing N N 228 
MET CG  SD   sing N N 229 
MET CG  HG2  sing N N 230 
MET CG  HG3  sing N N 231 
MET SD  CE   sing N N 232 
MET CE  HE1  sing N N 233 
MET CE  HE2  sing N N 234 
MET CE  HE3  sing N N 235 
MET OXT HXT  sing N N 236 
PHE N   CA   sing N N 237 
PHE N   H    sing N N 238 
PHE N   H2   sing N N 239 
PHE CA  C    sing N N 240 
PHE CA  CB   sing N N 241 
PHE CA  HA   sing N N 242 
PHE C   O    doub N N 243 
PHE C   OXT  sing N N 244 
PHE CB  CG   sing N N 245 
PHE CB  HB2  sing N N 246 
PHE CB  HB3  sing N N 247 
PHE CG  CD1  doub Y N 248 
PHE CG  CD2  sing Y N 249 
PHE CD1 CE1  sing Y N 250 
PHE CD1 HD1  sing N N 251 
PHE CD2 CE2  doub Y N 252 
PHE CD2 HD2  sing N N 253 
PHE CE1 CZ   doub Y N 254 
PHE CE1 HE1  sing N N 255 
PHE CE2 CZ   sing Y N 256 
PHE CE2 HE2  sing N N 257 
PHE CZ  HZ   sing N N 258 
PHE OXT HXT  sing N N 259 
PRO N   CA   sing N N 260 
PRO N   CD   sing N N 261 
PRO N   H    sing N N 262 
PRO CA  C    sing N N 263 
PRO CA  CB   sing N N 264 
PRO CA  HA   sing N N 265 
PRO C   O    doub N N 266 
PRO C   OXT  sing N N 267 
PRO CB  CG   sing N N 268 
PRO CB  HB2  sing N N 269 
PRO CB  HB3  sing N N 270 
PRO CG  CD   sing N N 271 
PRO CG  HG2  sing N N 272 
PRO CG  HG3  sing N N 273 
PRO CD  HD2  sing N N 274 
PRO CD  HD3  sing N N 275 
PRO OXT HXT  sing N N 276 
SER N   CA   sing N N 277 
SER N   H    sing N N 278 
SER N   H2   sing N N 279 
SER CA  C    sing N N 280 
SER CA  CB   sing N N 281 
SER CA  HA   sing N N 282 
SER C   O    doub N N 283 
SER C   OXT  sing N N 284 
SER CB  OG   sing N N 285 
SER CB  HB2  sing N N 286 
SER CB  HB3  sing N N 287 
SER OG  HG   sing N N 288 
SER OXT HXT  sing N N 289 
THR N   CA   sing N N 290 
THR N   H    sing N N 291 
THR N   H2   sing N N 292 
THR CA  C    sing N N 293 
THR CA  CB   sing N N 294 
THR CA  HA   sing N N 295 
THR C   O    doub N N 296 
THR C   OXT  sing N N 297 
THR CB  OG1  sing N N 298 
THR CB  CG2  sing N N 299 
THR CB  HB   sing N N 300 
THR OG1 HG1  sing N N 301 
THR CG2 HG21 sing N N 302 
THR CG2 HG22 sing N N 303 
THR CG2 HG23 sing N N 304 
THR OXT HXT  sing N N 305 
TRP N   CA   sing N N 306 
TRP N   H    sing N N 307 
TRP N   H2   sing N N 308 
TRP CA  C    sing N N 309 
TRP CA  CB   sing N N 310 
TRP CA  HA   sing N N 311 
TRP C   O    doub N N 312 
TRP C   OXT  sing N N 313 
TRP CB  CG   sing N N 314 
TRP CB  HB2  sing N N 315 
TRP CB  HB3  sing N N 316 
TRP CG  CD1  doub Y N 317 
TRP CG  CD2  sing Y N 318 
TRP CD1 NE1  sing Y N 319 
TRP CD1 HD1  sing N N 320 
TRP CD2 CE2  doub Y N 321 
TRP CD2 CE3  sing Y N 322 
TRP NE1 CE2  sing Y N 323 
TRP NE1 HE1  sing N N 324 
TRP CE2 CZ2  sing Y N 325 
TRP CE3 CZ3  doub Y N 326 
TRP CE3 HE3  sing N N 327 
TRP CZ2 CH2  doub Y N 328 
TRP CZ2 HZ2  sing N N 329 
TRP CZ3 CH2  sing Y N 330 
TRP CZ3 HZ3  sing N N 331 
TRP CH2 HH2  sing N N 332 
TRP OXT HXT  sing N N 333 
TYR N   CA   sing N N 334 
TYR N   H    sing N N 335 
TYR N   H2   sing N N 336 
TYR CA  C    sing N N 337 
TYR CA  CB   sing N N 338 
TYR CA  HA   sing N N 339 
TYR C   O    doub N N 340 
TYR C   OXT  sing N N 341 
TYR CB  CG   sing N N 342 
TYR CB  HB2  sing N N 343 
TYR CB  HB3  sing N N 344 
TYR CG  CD1  doub Y N 345 
TYR CG  CD2  sing Y N 346 
TYR CD1 CE1  sing Y N 347 
TYR CD1 HD1  sing N N 348 
TYR CD2 CE2  doub Y N 349 
TYR CD2 HD2  sing N N 350 
TYR CE1 CZ   doub Y N 351 
TYR CE1 HE1  sing N N 352 
TYR CE2 CZ   sing Y N 353 
TYR CE2 HE2  sing N N 354 
TYR CZ  OH   sing N N 355 
TYR OH  HH   sing N N 356 
TYR OXT HXT  sing N N 357 
VAL N   CA   sing N N 358 
VAL N   H    sing N N 359 
VAL N   H2   sing N N 360 
VAL CA  C    sing N N 361 
VAL CA  CB   sing N N 362 
VAL CA  HA   sing N N 363 
VAL C   O    doub N N 364 
VAL C   OXT  sing N N 365 
VAL CB  CG1  sing N N 366 
VAL CB  CG2  sing N N 367 
VAL CB  HB   sing N N 368 
VAL CG1 HG11 sing N N 369 
VAL CG1 HG12 sing N N 370 
VAL CG1 HG13 sing N N 371 
VAL CG2 HG21 sing N N 372 
VAL CG2 HG22 sing N N 373 
VAL CG2 HG23 sing N N 374 
VAL OXT HXT  sing N N 375 
# 
_atom_sites.entry_id                    4IRG 
_atom_sites.fract_transf_matrix[1][1]   0.01701939 
_atom_sites.fract_transf_matrix[1][2]   0.01411390 
_atom_sites.fract_transf_matrix[1][3]   -0.01335918 
_atom_sites.fract_transf_matrix[2][1]   -0.00409743 
_atom_sites.fract_transf_matrix[2][2]   0.00488649 
_atom_sites.fract_transf_matrix[2][3]   -0.02503352 
_atom_sites.fract_transf_matrix[3][1]   -0.00284634 
_atom_sites.fract_transf_matrix[3][2]   0.00475107 
_atom_sites.fract_transf_matrix[3][3]   0.00139328 
_atom_sites.fract_transf_vector[1]      0.232977 
_atom_sites.fract_transf_vector[2]      0.321850 
_atom_sites.fract_transf_vector[3]      -0.033828 
# 
loop_
_atom_type.symbol 
C 
N 
O 
S 
# 
loop_
_atom_site.group_PDB 
_atom_site.id 
_atom_site.type_symbol 
_atom_site.label_atom_id 
_atom_site.label_alt_id 
_atom_site.label_comp_id 
_atom_site.label_asym_id 
_atom_site.label_entity_id 
_atom_site.label_seq_id 
_atom_site.pdbx_PDB_ins_code 
_atom_site.Cartn_x 
_atom_site.Cartn_y 
_atom_site.Cartn_z 
_atom_site.occupancy 
_atom_site.B_iso_or_equiv 
_atom_site.pdbx_formal_charge 
_atom_site.auth_seq_id 
_atom_site.auth_comp_id 
_atom_site.auth_asym_id 
_atom_site.auth_atom_id 
_atom_site.pdbx_PDB_model_num 
ATOM   1   N N   . ILE A 1 7   ? 14.486  -1.909  -4.291  1.00 27.53 ? 286 ILE A N   1 
ATOM   2   C CA  . ILE A 1 7   ? 14.110  -0.778  -3.398  1.00 27.70 ? 286 ILE A CA  1 
ATOM   3   C C   . ILE A 1 7   ? 14.407  0.510   -4.172  1.00 26.10 ? 286 ILE A C   1 
ATOM   4   O O   . ILE A 1 7   ? 15.501  0.666   -4.710  1.00 25.55 ? 286 ILE A O   1 
ATOM   5   C CB  . ILE A 1 7   ? 15.029  -0.780  -2.138  1.00 33.45 ? 286 ILE A CB  1 
ATOM   6   C CG1 . ILE A 1 7   ? 14.621  0.234   -1.087  1.00 31.33 ? 286 ILE A CG1 1 
ATOM   7   C CG2 . ILE A 1 7   ? 16.524  -0.551  -2.501  1.00 38.24 ? 286 ILE A CG2 1 
ATOM   8   C CD1 . ILE A 1 7   ? 13.341  -0.081  -0.378  1.00 32.73 ? 286 ILE A CD1 1 
ATOM   9   N N   . GLN A 1 8   ? 13.471  1.444   -4.186  1.00 21.77 ? 287 GLN A N   1 
ATOM   10  C CA  . GLN A 1 8   ? 13.768  2.782   -4.697  1.00 20.90 ? 287 GLN A CA  1 
ATOM   11  C C   . GLN A 1 8   ? 14.007  3.782   -3.582  1.00 20.15 ? 287 GLN A C   1 
ATOM   12  O O   . GLN A 1 8   ? 13.739  3.533   -2.457  1.00 18.76 ? 287 GLN A O   1 
ATOM   13  C CB  . GLN A 1 8   ? 12.616  3.278   -5.604  1.00 22.23 ? 287 GLN A CB  1 
ATOM   14  C CG  . GLN A 1 8   ? 12.324  2.349   -6.784  1.00 25.06 ? 287 GLN A CG  1 
ATOM   15  C CD  . GLN A 1 8   ? 13.407  2.340   -7.823  1.00 29.00 ? 287 GLN A CD  1 
ATOM   16  O OE1 . GLN A 1 8   ? 14.114  3.325   -8.042  1.00 29.49 ? 287 GLN A OE1 1 
ATOM   17  N NE2 . GLN A 1 8   ? 13.574  1.191   -8.481  1.00 32.20 ? 287 GLN A NE2 1 
ATOM   18  N N   . ARG A 1 9   ? 14.447  4.983   -3.964  1.00 19.68 ? 288 ARG A N   1 
ATOM   19  C CA  . ARG A 1 9   ? 14.725  6.055   -3.006  1.00 20.55 ? 288 ARG A CA  1 
ATOM   20  C C   . ARG A 1 9   ? 13.423  6.443   -2.320  1.00 19.15 ? 288 ARG A C   1 
ATOM   21  O O   . ARG A 1 9   ? 12.447  6.627   -2.969  1.00 18.49 ? 288 ARG A O   1 
ATOM   22  C CB  . ARG A 1 9   ? 15.331  7.260   -3.786  1.00 23.54 ? 288 ARG A CB  1 
ATOM   23  C CG  . ARG A 1 9   ? 15.331  8.610   -3.086  1.00 26.99 ? 288 ARG A CG  1 
ATOM   24  C CD  . ARG A 1 9   ? 16.195  9.644   -3.821  1.00 30.59 ? 288 ARG A CD  1 
ATOM   25  N NE  . ARG A 1 9   ? 17.388  9.832   -3.021  1.00 38.36 ? 288 ARG A NE  1 
ATOM   26  C CZ  . ARG A 1 9   ? 18.666  9.633   -3.343  1.00 42.33 ? 288 ARG A CZ  1 
ATOM   27  N NH1 . ARG A 1 9   ? 19.130  9.352   -4.579  1.00 46.29 ? 288 ARG A NH1 1 
ATOM   28  N NH2 . ARG A 1 9   ? 19.538  9.835   -2.374  1.00 50.30 ? 288 ARG A NH2 1 
ATOM   29  N N   . PRO A 1 10  ? 13.408  6.538   -0.985  1.00 17.90 ? 289 PRO A N   1 
ATOM   30  C CA  . PRO A 1 10  ? 12.189  6.947   -0.273  1.00 16.82 ? 289 PRO A CA  1 
ATOM   31  C C   . PRO A 1 10  ? 11.732  8.318   -0.871  1.00 16.45 ? 289 PRO A C   1 
ATOM   32  O O   . PRO A 1 10  ? 12.593  9.193   -1.152  1.00 17.60 ? 289 PRO A O   1 
ATOM   33  C CB  . PRO A 1 10  ? 12.672  7.052   1.171   1.00 18.73 ? 289 PRO A CB  1 
ATOM   34  C CG  . PRO A 1 10  ? 13.781  6.063   1.242   1.00 19.16 ? 289 PRO A CG  1 
ATOM   35  C CD  . PRO A 1 10  ? 14.506  6.194   -0.063  1.00 20.75 ? 289 PRO A CD  1 
ATOM   36  N N   . GLY A 1 11  ? 10.440  8.455   -1.076  1.00 15.01 ? 290 GLY A N   1 
ATOM   37  C CA  . GLY A 1 11  ? 9.841   9.680   -1.552  1.00 15.13 ? 290 GLY A CA  1 
ATOM   38  C C   . GLY A 1 11  ? 9.911   9.842   -3.053  1.00 15.34 ? 290 GLY A C   1 
ATOM   39  O O   . GLY A 1 11  ? 9.545   10.908  -3.564  1.00 16.09 ? 290 GLY A O   1 
ATOM   40  N N   . SER A 1 12  ? 10.465  8.879   -3.787  1.00 15.34 ? 291 SER A N   1 
ATOM   41  C CA  . SER A 1 12  ? 10.693  9.080   -5.208  1.00 16.19 ? 291 SER A CA  1 
ATOM   42  C C   . SER A 1 12  ? 9.452   8.784   -6.017  1.00 15.66 ? 291 SER A C   1 
ATOM   43  O O   . SER A 1 12  ? 8.549   8.064   -5.577  1.00 14.77 ? 291 SER A O   1 
ATOM   44  C CB  . SER A 1 12  ? 11.862  8.208   -5.747  1.00 17.55 ? 291 SER A CB  1 
ATOM   45  O OG  . SER A 1 12  ? 11.472  6.889   -5.625  1.00 20.02 ? 291 SER A OG  1 
ATOM   46  N N   . GLY A 1 13  ? 9.421   9.363   -7.215  1.00 16.83 ? 292 GLY A N   1 
ATOM   47  C CA  . GLY A 1 13  ? 8.346   9.144   -8.164  1.00 17.59 ? 292 GLY A CA  1 
ATOM   48  C C   . GLY A 1 13  ? 8.396   7.790   -8.803  1.00 18.55 ? 292 GLY A C   1 
ATOM   49  O O   . GLY A 1 13  ? 7.331   7.277   -9.157  1.00 19.84 ? 292 GLY A O   1 
ATOM   50  N N   . GLN A 1 14  ? 9.580   7.193   -8.882  1.00 19.22 ? 293 GLN A N   1 
ATOM   51  C CA  . GLN A 1 14  ? 9.744   5.823   -9.397  1.00 21.82 ? 293 GLN A CA  1 
ATOM   52  C C   . GLN A 1 14  ? 9.340   4.699   -8.474  1.00 19.32 ? 293 GLN A C   1 
ATOM   53  O O   . GLN A 1 14  ? 9.390   3.547   -8.871  1.00 19.11 ? 293 GLN A O   1 
ATOM   54  C CB  . GLN A 1 14  ? 11.194  5.628   -9.855  1.00 27.98 ? 293 GLN A CB  1 
ATOM   55  C CG  . GLN A 1 14  ? 11.439  6.322   -11.161 1.00 36.87 ? 293 GLN A CG  1 
ATOM   56  C CD  . GLN A 1 14  ? 12.921  6.615   -11.426 1.00 46.14 ? 293 GLN A CD  1 
ATOM   57  O OE1 . GLN A 1 14  ? 13.746  6.772   -10.496 1.00 50.63 ? 293 GLN A OE1 1 
ATOM   58  N NE2 . GLN A 1 14  ? 13.252  6.758   -12.703 1.00 51.71 ? 293 GLN A NE2 1 
ATOM   59  N N   . ILE A 1 15  ? 8.983   5.025   -7.249  1.00 16.22 ? 294 ILE A N   1 
ATOM   60  C CA  . ILE A 1 15  ? 8.630   4.043   -6.227  1.00 15.49 ? 294 ILE A CA  1 
ATOM   61  C C   . ILE A 1 15  ? 7.530   3.105   -6.707  1.00 15.25 ? 294 ILE A C   1 
ATOM   62  O O   . ILE A 1 15  ? 6.578   3.496   -7.443  1.00 14.84 ? 294 ILE A O   1 
ATOM   63  C CB  . ILE A 1 15  ? 8.246   4.805   -4.944  1.00 15.22 ? 294 ILE A CB  1 
ATOM   64  C CG1 . ILE A 1 15  ? 8.342   3.945   -3.685  1.00 14.35 ? 294 ILE A CG1 1 
ATOM   65  C CG2 . ILE A 1 15  ? 6.844   5.378   -5.053  1.00 14.42 ? 294 ILE A CG2 1 
ATOM   66  C CD1 . ILE A 1 15  ? 8.319   4.705   -2.405  1.00 14.56 ? 294 ILE A CD1 1 
ATOM   67  N N   . GLN A 1 16  ? 7.617   1.843   -6.307  1.00 15.23 ? 295 GLN A N   1 
ATOM   68  C CA  . GLN A 1 16  ? 6.497   0.925   -6.493  1.00 16.20 ? 295 GLN A CA  1 
ATOM   69  C C   . GLN A 1 16  ? 5.432   1.043   -5.408  1.00 13.81 ? 295 GLN A C   1 
ATOM   70  O O   . GLN A 1 16  ? 5.702   1.451   -4.315  1.00 13.02 ? 295 GLN A O   1 
ATOM   71  C CB  . GLN A 1 16  ? 6.991   -0.527  -6.608  1.00 17.58 ? 295 GLN A CB  1 
ATOM   72  C CG  . GLN A 1 16  ? 7.995   -0.722  -7.754  1.00 21.85 ? 295 GLN A CG  1 
ATOM   73  C CD  . GLN A 1 16  ? 7.352   -0.425  -9.065  1.00 27.38 ? 295 GLN A CD  1 
ATOM   74  O OE1 . GLN A 1 16  ? 7.713   0.549   -9.742  1.00 37.12 ? 295 GLN A OE1 1 
ATOM   75  N NE2 . GLN A 1 16  ? 6.346   -1.238  -9.423  1.00 30.42 ? 295 GLN A NE2 1 
ATOM   76  N N   . LEU A 1 17  ? 4.208   0.613   -5.741  1.00 13.58 ? 296 LEU A N   1 
ATOM   77  C CA  . LEU A 1 17  ? 3.091   0.726   -4.796  1.00 13.03 ? 296 LEU A CA  1 
ATOM   78  C C   . LEU A 1 17  ? 3.372   0.089   -3.415  1.00 12.97 ? 296 LEU A C   1 
ATOM   79  O O   . LEU A 1 17  ? 3.043   0.664   -2.396  1.00 12.84 ? 296 LEU A O   1 
ATOM   80  C CB  . LEU A 1 17  ? 1.815   0.201   -5.424  1.00 13.52 ? 296 LEU A CB  1 
ATOM   81  C CG  . LEU A 1 17  ? 0.556   0.271   -4.575  1.00 14.21 ? 296 LEU A CG  1 
ATOM   82  C CD1 . LEU A 1 17  ? 0.247   1.658   -4.076  1.00 13.64 ? 296 LEU A CD1 1 
ATOM   83  C CD2 . LEU A 1 17  ? -0.602  -0.293  -5.359  1.00 16.12 ? 296 LEU A CD2 1 
ATOM   84  N N   . TRP A 1 18  ? 3.897   -1.138  -3.401  1.00 15.10 ? 297 TRP A N   1 
ATOM   85  C CA  . TRP A 1 18  ? 4.203   -1.829  -2.108  1.00 14.95 ? 297 TRP A CA  1 
ATOM   86  C C   . TRP A 1 18  ? 5.089   -1.000  -1.232  1.00 14.04 ? 297 TRP A C   1 
ATOM   87  O O   . TRP A 1 18  ? 4.805   -0.819  -0.010  1.00 14.85 ? 297 TRP A O   1 
ATOM   88  C CB  . TRP A 1 18  ? 4.784   -3.255  -2.356  1.00 16.64 ? 297 TRP A CB  1 
ATOM   89  C CG  . TRP A 1 18  ? 6.172   -3.275  -2.947  1.00 16.96 ? 297 TRP A CG  1 
ATOM   90  C CD1 . TRP A 1 18  ? 6.471   -3.421  -4.250  1.00 19.03 ? 297 TRP A CD1 1 
ATOM   91  C CD2 . TRP A 1 18  ? 7.435   -3.190  -2.259  1.00 18.01 ? 297 TRP A CD2 1 
ATOM   92  N NE1 . TRP A 1 18  ? 7.849   -3.346  -4.449  1.00 19.90 ? 297 TRP A NE1 1 
ATOM   93  C CE2 . TRP A 1 18  ? 8.444   -3.249  -3.209  1.00 18.78 ? 297 TRP A CE2 1 
ATOM   94  C CE3 . TRP A 1 18  ? 7.808   -3.029  -0.910  1.00 18.02 ? 297 TRP A CE3 1 
ATOM   95  C CZ2 . TRP A 1 18  ? 9.798   -3.167  -2.866  1.00 19.83 ? 297 TRP A CZ2 1 
ATOM   96  C CZ3 . TRP A 1 18  ? 9.165   -2.992  -0.592  1.00 17.85 ? 297 TRP A CZ3 1 
ATOM   97  C CH2 . TRP A 1 18  ? 10.113  -3.003  -1.541  1.00 19.76 ? 297 TRP A CH2 1 
ATOM   98  N N   . GLN A 1 19  ? 6.103   -0.328  -1.799  1.00 13.87 ? 298 GLN A N   1 
ATOM   99  C CA  . GLN A 1 19  ? 7.041   0.418   -1.028  1.00 13.38 ? 298 GLN A CA  1 
ATOM   100 C C   . GLN A 1 19  ? 6.439   1.759   -0.595  1.00 12.39 ? 298 GLN A C   1 
ATOM   101 O O   . GLN A 1 19  ? 6.726   2.265   0.522   1.00 11.24 ? 298 GLN A O   1 
ATOM   102 C CB  . GLN A 1 19  ? 8.341   0.637   -1.806  1.00 13.79 ? 298 GLN A CB  1 
ATOM   103 C CG  . GLN A 1 19  ? 9.406   1.293   -0.958  1.00 15.14 ? 298 GLN A CG  1 
ATOM   104 C CD  . GLN A 1 19  ? 10.633  1.718   -1.690  1.00 15.86 ? 298 GLN A CD  1 
ATOM   105 O OE1 . GLN A 1 19  ? 10.984  1.195   -2.757  1.00 18.88 ? 298 GLN A OE1 1 
ATOM   106 N NE2 . GLN A 1 19  ? 11.403  2.590   -1.041  1.00 18.26 ? 298 GLN A NE2 1 
ATOM   107 N N   . PHE A 1 20  ? 5.617   2.322   -1.483  1.00 10.91 ? 299 PHE A N   1 
ATOM   108 C CA  . PHE A 1 20  ? 4.893   3.579   -1.137  1.00 11.24 ? 299 PHE A CA  1 
ATOM   109 C C   . PHE A 1 20  ? 3.988   3.379   0.077   1.00 10.98 ? 299 PHE A C   1 
ATOM   110 O O   . PHE A 1 20  ? 3.962   4.205   0.959   1.00 10.42 ? 299 PHE A O   1 
ATOM   111 C CB  . PHE A 1 20  ? 4.099   4.025   -2.332  1.00 11.85 ? 299 PHE A CB  1 
ATOM   112 C CG  . PHE A 1 20  ? 3.197   5.248   -2.125  1.00 11.64 ? 299 PHE A CG  1 
ATOM   113 C CD1 . PHE A 1 20  ? 3.708   6.522   -2.165  1.00 12.19 ? 299 PHE A CD1 1 
ATOM   114 C CD2 . PHE A 1 20  ? 1.860   5.088   -1.980  1.00 13.03 ? 299 PHE A CD2 1 
ATOM   115 C CE1 . PHE A 1 20  ? 2.859   7.618   -1.973  1.00 12.66 ? 299 PHE A CE1 1 
ATOM   116 C CE2 . PHE A 1 20  ? 1.022   6.206   -1.795  1.00 12.95 ? 299 PHE A CE2 1 
ATOM   117 C CZ  . PHE A 1 20  ? 1.547   7.445   -1.812  1.00 12.35 ? 299 PHE A CZ  1 
ATOM   118 N N   . LEU A 1 21  ? 3.267   2.293   0.097   1.00 12.32 ? 300 LEU A N   1 
ATOM   119 C CA  . LEU A 1 21  ? 2.364   2.009   1.276   1.00 11.70 ? 300 LEU A CA  1 
ATOM   120 C C   . LEU A 1 21  ? 3.191   1.784   2.558   1.00 12.23 ? 300 LEU A C   1 
ATOM   121 O O   . LEU A 1 21  ? 2.839   2.328   3.630   1.00 10.79 ? 300 LEU A O   1 
ATOM   122 C CB  . LEU A 1 21  ? 1.464   0.878   0.980   1.00 12.41 ? 300 LEU A CB  1 
ATOM   123 C CG  . LEU A 1 21  ? 0.519   1.028   -0.182  1.00 14.04 ? 300 LEU A CG  1 
ATOM   124 C CD1 . LEU A 1 21  ? -0.255  -0.276  -0.427  1.00 16.56 ? 300 LEU A CD1 1 
ATOM   125 C CD2 . LEU A 1 21  ? -0.417  2.227   -0.013  1.00 14.66 ? 300 LEU A CD2 1 
ATOM   126 N N   . LEU A 1 22  ? 4.332   1.065   2.499   1.00 11.61 ? 301 LEU A N   1 
ATOM   127 C CA  . LEU A 1 22  ? 5.220   0.928   3.641   1.00 13.00 ? 301 LEU A CA  1 
ATOM   128 C C   . LEU A 1 22  ? 5.767   2.283   4.098   1.00 12.05 ? 301 LEU A C   1 
ATOM   129 O O   . LEU A 1 22  ? 5.890   2.540   5.280   1.00 12.56 ? 301 LEU A O   1 
ATOM   130 C CB  . LEU A 1 22  ? 6.389   -0.050  3.406   1.00 14.39 ? 301 LEU A CB  1 
ATOM   131 C CG  . LEU A 1 22  ? 6.128   -1.512  3.324   1.00 14.90 ? 301 LEU A CG  1 
ATOM   132 C CD1 . LEU A 1 22  ? 7.448   -2.203  2.926   1.00 16.50 ? 301 LEU A CD1 1 
ATOM   133 C CD2 . LEU A 1 22  ? 5.614   -2.090  4.664   1.00 15.29 ? 301 LEU A CD2 1 
ATOM   134 N N   . GLU A 1 23  ? 6.073   3.178   3.157   1.00 12.88 ? 302 GLU A N   1 
ATOM   135 C CA  . GLU A 1 23  ? 6.557   4.513   3.472   1.00 13.17 ? 302 GLU A CA  1 
ATOM   136 C C   . GLU A 1 23  ? 5.477   5.281   4.269   1.00 12.16 ? 302 GLU A C   1 
ATOM   137 O O   . GLU A 1 23  ? 5.820   5.966   5.253   1.00 13.27 ? 302 GLU A O   1 
ATOM   138 C CB  . GLU A 1 23  ? 6.874   5.235   2.134   1.00 15.16 ? 302 GLU A CB  1 
ATOM   139 C CG  . GLU A 1 23  ? 7.443   6.596   2.294   1.00 20.48 ? 302 GLU A CG  1 
ATOM   140 C CD  . GLU A 1 23  ? 7.873   7.184   0.937   1.00 24.55 ? 302 GLU A CD  1 
ATOM   141 O OE1 . GLU A 1 23  ? 8.719   6.569   0.244   1.00 24.70 ? 302 GLU A OE1 1 
ATOM   142 O OE2 . GLU A 1 23  ? 7.332   8.270   0.638   1.00 27.77 ? 302 GLU A OE2 1 
ATOM   143 N N   . LEU A 1 24  ? 4.237   5.240   3.831   1.00 10.70 ? 303 LEU A N   1 
ATOM   144 C CA  . LEU A 1 24  ? 3.176   5.961   4.538   1.00 11.59 ? 303 LEU A CA  1 
ATOM   145 C C   . LEU A 1 24  ? 2.942   5.337   5.926   1.00 11.07 ? 303 LEU A C   1 
ATOM   146 O O   . LEU A 1 24  ? 2.733   6.011   6.894   1.00 12.03 ? 303 LEU A O   1 
ATOM   147 C CB  . LEU A 1 24  ? 1.865   5.890   3.777   1.00 12.87 ? 303 LEU A CB  1 
ATOM   148 C CG  . LEU A 1 24  ? 1.766   6.583   2.428   1.00 16.29 ? 303 LEU A CG  1 
ATOM   149 C CD1 . LEU A 1 24  ? 0.382   6.435   1.882   1.00 16.71 ? 303 LEU A CD1 1 
ATOM   150 C CD2 . LEU A 1 24  ? 2.120   8.009   2.475   1.00 19.68 ? 303 LEU A CD2 1 
ATOM   151 N N   . LEU A 1 25  ? 3.029   4.016   5.983   1.00 10.02 ? 304 LEU A N   1 
ATOM   152 C CA  . LEU A 1 25  ? 2.805   3.310   7.255   1.00 10.69 ? 304 LEU A CA  1 
ATOM   153 C C   . LEU A 1 25  ? 3.901   3.557   8.277   1.00 12.32 ? 304 LEU A C   1 
ATOM   154 O O   . LEU A 1 25  ? 3.667   3.505   9.514   1.00 11.84 ? 304 LEU A O   1 
ATOM   155 C CB  . LEU A 1 25  ? 2.656   1.810   6.998   1.00 10.26 ? 304 LEU A CB  1 
ATOM   156 C CG  . LEU A 1 25  ? 1.324   1.346   6.377   1.00 10.68 ? 304 LEU A CG  1 
ATOM   157 C CD1 . LEU A 1 25  ? 1.460   -0.021  5.737   1.00 12.45 ? 304 LEU A CD1 1 
ATOM   158 C CD2 . LEU A 1 25  ? 0.176   1.355   7.396   1.00 11.34 ? 304 LEU A CD2 1 
ATOM   159 N N   . SER A 1 26  ? 5.132   3.770   7.798   1.00 11.88 ? 305 SER A N   1 
ATOM   160 C CA  . SER A 1 26  ? 6.255   3.996   8.680   1.00 12.99 ? 305 SER A CA  1 
ATOM   161 C C   . SER A 1 26  ? 6.144   5.272   9.537   1.00 13.37 ? 305 SER A C   1 
ATOM   162 O O   . SER A 1 26  ? 6.855   5.396   10.523  1.00 15.70 ? 305 SER A O   1 
ATOM   163 C CB  . SER A 1 26  ? 7.584   4.037   7.832   1.00 15.27 ? 305 SER A CB  1 
ATOM   164 O OG  . SER A 1 26  ? 7.687   5.268   7.128   1.00 17.14 ? 305 SER A OG  1 
ATOM   165 N N   . ASP A 1 27  ? 5.328   6.232   9.073   1.00 12.94 ? 306 ASP A N   1 
ATOM   166 C CA  . ASP A 1 27  ? 5.094   7.505   9.771   1.00 13.31 ? 306 ASP A CA  1 
ATOM   167 C C   . ASP A 1 27  ? 3.681   7.496   10.349  1.00 12.27 ? 306 ASP A C   1 
ATOM   168 O O   . ASP A 1 27  ? 2.702   7.607   9.626   1.00 11.21 ? 306 ASP A O   1 
ATOM   169 C CB  . ASP A 1 27  ? 5.295   8.638   8.764   1.00 15.56 ? 306 ASP A CB  1 
ATOM   170 C CG  . ASP A 1 27  ? 5.055   10.025  9.347   1.00 20.25 ? 306 ASP A CG  1 
ATOM   171 O OD1 . ASP A 1 27  ? 4.622   10.168  10.489  1.00 19.99 ? 306 ASP A OD1 1 
ATOM   172 O OD2 . ASP A 1 27  ? 5.337   11.024  8.620   1.00 22.86 ? 306 ASP A OD2 1 
ATOM   173 N N   . SER A 1 28  ? 3.583   7.325   11.670  1.00 12.22 ? 307 SER A N   1 
ATOM   174 C CA  . SER A 1 28  ? 2.251   7.222   12.342  1.00 13.61 ? 307 SER A CA  1 
ATOM   175 C C   . SER A 1 28  ? 1.373   8.417   12.107  1.00 13.20 ? 307 SER A C   1 
ATOM   176 O O   . SER A 1 28  ? 0.112   8.322   12.211  1.00 12.05 ? 307 SER A O   1 
ATOM   177 C CB  . SER A 1 28  ? 2.482   7.022   13.881  1.00 14.71 ? 307 SER A CB  1 
ATOM   178 O OG  . SER A 1 28  ? 2.981   8.183   14.386  1.00 19.85 ? 307 SER A OG  1 
ATOM   179 N N   . SER A 1 29  ? 1.963   9.573   11.723  1.00 12.63 ? 308 SER A N   1 
ATOM   180 C CA  . SER A 1 29  ? 1.132   10.717  11.429  1.00 13.53 ? 308 SER A CA  1 
ATOM   181 C C   . SER A 1 29  ? 0.210   10.587  10.229  1.00 12.88 ? 308 SER A C   1 
ATOM   182 O O   . SER A 1 29  ? -0.730  11.384  10.129  1.00 13.92 ? 308 SER A O   1 
ATOM   183 C CB  . SER A 1 29  ? 1.969   12.001  11.360  1.00 16.40 ? 308 SER A CB  1 
ATOM   184 O OG  . SER A 1 29  ? 2.579   12.138  10.141  1.00 17.62 ? 308 SER A OG  1 
ATOM   185 N N   . ASN A 1 30  ? 0.421   9.591   9.398   1.00 11.32 ? 309 ASN A N   1 
ATOM   186 C CA  . ASN A 1 30  ? -0.472  9.245   8.284   1.00 11.82 ? 309 ASN A CA  1 
ATOM   187 C C   . ASN A 1 30  ? -1.737  8.443   8.604   1.00 11.93 ? 309 ASN A C   1 
ATOM   188 O O   . ASN A 1 30  ? -2.509  8.075   7.691   1.00 12.00 ? 309 ASN A O   1 
ATOM   189 C CB  . ASN A 1 30  ? 0.281   8.555   7.141   1.00 12.33 ? 309 ASN A CB  1 
ATOM   190 C CG  . ASN A 1 30  ? 1.299   9.434   6.523   1.00 13.91 ? 309 ASN A CG  1 
ATOM   191 O OD1 . ASN A 1 30  ? 0.973   10.584  6.110   1.00 14.33 ? 309 ASN A OD1 1 
ATOM   192 N ND2 . ASN A 1 30  ? 2.496   8.928   6.383   1.00 12.98 ? 309 ASN A ND2 1 
ATOM   193 N N   . SER A 1 31  ? -1.950  8.219   9.907   1.00 11.93 ? 310 SER A N   1 
ATOM   194 C CA  . SER A 1 31  ? -2.960  7.199   10.344  1.00 11.78 ? 310 SER A CA  1 
ATOM   195 C C   . SER A 1 31  ? -4.403  7.544   10.004  1.00 13.09 ? 310 SER A C   1 
ATOM   196 O O   . SER A 1 31  ? -5.250  6.632   10.016  1.00 14.42 ? 310 SER A O   1 
ATOM   197 C CB  . SER A 1 31  ? -2.773  6.857   11.805  1.00 13.13 ? 310 SER A CB  1 
ATOM   198 O OG  . SER A 1 31  ? -1.629  6.048   12.043  1.00 12.63 ? 310 SER A OG  1 
ATOM   199 N N   . SER A 1 32  ? -4.690  8.806   9.692   1.00 12.62 ? 311 SER A N   1 
ATOM   200 C CA  . SER A 1 32  ? -5.999  9.183   9.223   1.00 14.21 ? 311 SER A CA  1 
ATOM   201 C C   . SER A 1 32  ? -6.306  8.703   7.841   1.00 14.79 ? 311 SER A C   1 
ATOM   202 O O   . SER A 1 32  ? -7.536  8.693   7.466   1.00 15.07 ? 311 SER A O   1 
ATOM   203 C CB  . SER A 1 32  ? -6.205  10.697  9.276   1.00 16.31 ? 311 SER A CB  1 
ATOM   204 O OG  . SER A 1 32  ? -6.244  11.171  10.648  1.00 21.49 ? 311 SER A OG  1 
ATOM   205 N N   . CYS A 1 33  ? -5.313  8.277   7.114   1.00 12.92 ? 312 CYS A N   1 
ATOM   206 C CA  . CYS A 1 33  ? -5.586  7.615   5.843   1.00 13.55 ? 312 CYS A CA  1 
ATOM   207 C C   . CYS A 1 33  ? -5.136  6.190   5.715   1.00 12.58 ? 312 CYS A C   1 
ATOM   208 O O   . CYS A 1 33  ? -5.781  5.404   5.005   1.00 12.79 ? 312 CYS A O   1 
ATOM   209 C CB  . CYS A 1 33  ? -5.123  8.409   4.671   1.00 15.65 ? 312 CYS A CB  1 
ATOM   210 S SG  . CYS A 1 33  ? -3.398  8.574   4.323   1.00 18.93 ? 312 CYS A SG  1 
ATOM   211 N N   . ILE A 1 34  ? -4.062  5.821   6.420   1.00 10.98 ? 313 ILE A N   1 
ATOM   212 C CA  . ILE A 1 34  ? -3.563  4.439   6.341   1.00 10.77 ? 313 ILE A CA  1 
ATOM   213 C C   . ILE A 1 34  ? -2.748  4.167   7.617   1.00 10.21 ? 313 ILE A C   1 
ATOM   214 O O   . ILE A 1 34  ? -1.926  5.016   8.023   1.00 11.00 ? 313 ILE A O   1 
ATOM   215 C CB  . ILE A 1 34  ? -2.687  4.183   5.069   1.00 11.33 ? 313 ILE A CB  1 
ATOM   216 C CG1 . ILE A 1 34  ? -2.329  2.697   4.965   1.00 11.39 ? 313 ILE A CG1 1 
ATOM   217 C CG2 . ILE A 1 34  ? -1.437  5.034   4.970   1.00 12.46 ? 313 ILE A CG2 1 
ATOM   218 C CD1 . ILE A 1 34  ? -1.737  2.313   3.593   1.00 12.15 ? 313 ILE A CD1 1 
ATOM   219 N N   . THR A 1 35  ? -2.985  3.017   8.258   1.00 9.94  ? 314 THR A N   1 
ATOM   220 C CA  . THR A 1 35  ? -2.382  2.751   9.556   1.00 10.37 ? 314 THR A CA  1 
ATOM   221 C C   . THR A 1 35  ? -2.152  1.266   9.750   1.00 10.83 ? 314 THR A C   1 
ATOM   222 O O   . THR A 1 35  ? -2.922  0.446   9.255   1.00 10.36 ? 314 THR A O   1 
ATOM   223 C CB  . THR A 1 35  ? -3.238  3.337   10.694  1.00 11.67 ? 314 THR A CB  1 
ATOM   224 O OG1 . THR A 1 35  ? -2.486  3.433   11.911  1.00 12.47 ? 314 THR A OG1 1 
ATOM   225 C CG2 . THR A 1 35  ? -4.434  2.536   11.020  1.00 13.43 ? 314 THR A CG2 1 
ATOM   226 N N   . TRP A 1 36  ? -1.134  0.914   10.511  1.00 10.39 ? 315 TRP A N   1 
ATOM   227 C CA  . TRP A 1 36  ? -0.997  -0.484  10.912  1.00 11.25 ? 315 TRP A CA  1 
ATOM   228 C C   . TRP A 1 36  ? -2.141  -0.963  11.785  1.00 12.85 ? 315 TRP A C   1 
ATOM   229 O O   . TRP A 1 36  ? -2.622  -0.232  12.623  1.00 11.95 ? 315 TRP A O   1 
ATOM   230 C CB  . TRP A 1 36  ? 0.328   -0.675  11.684  1.00 12.21 ? 315 TRP A CB  1 
ATOM   231 C CG  . TRP A 1 36  ? 1.588   -0.523  10.895  1.00 11.49 ? 315 TRP A CG  1 
ATOM   232 C CD1 . TRP A 1 36  ? 2.669   0.313   11.201  1.00 10.82 ? 315 TRP A CD1 1 
ATOM   233 C CD2 . TRP A 1 36  ? 2.033   -1.316  9.789   1.00 10.21 ? 315 TRP A CD2 1 
ATOM   234 N NE1 . TRP A 1 36  ? 3.653   0.118   10.340  1.00 10.60 ? 315 TRP A NE1 1 
ATOM   235 C CE2 . TRP A 1 36  ? 3.353   -0.934  9.503   1.00 10.65 ? 315 TRP A CE2 1 
ATOM   236 C CE3 . TRP A 1 36  ? 1.456   -2.410  9.076   1.00 12.01 ? 315 TRP A CE3 1 
ATOM   237 C CZ2 . TRP A 1 36  ? 4.077   -1.502  8.431   1.00 11.70 ? 315 TRP A CZ2 1 
ATOM   238 C CZ3 . TRP A 1 36  ? 2.216   -3.013  8.065   1.00 11.97 ? 315 TRP A CZ3 1 
ATOM   239 C CH2 . TRP A 1 36  ? 3.503   -2.539  7.761   1.00 12.07 ? 315 TRP A CH2 1 
ATOM   240 N N   . GLU A 1 37  ? -2.574  -2.219  11.655  1.00 13.53 ? 316 GLU A N   1 
ATOM   241 C CA  . GLU A 1 37  ? -3.629  -2.803  12.463  1.00 17.95 ? 316 GLU A CA  1 
ATOM   242 C C   . GLU A 1 37  ? -3.184  -3.438  13.784  1.00 18.87 ? 316 GLU A C   1 
ATOM   243 O O   . GLU A 1 37  ? -3.999  -3.538  14.741  1.00 21.92 ? 316 GLU A O   1 
ATOM   244 C CB  . GLU A 1 37  ? -4.341  -3.846  11.593  1.00 20.57 ? 316 GLU A CB  1 
ATOM   245 C CG  . GLU A 1 37  ? -5.596  -4.369  12.209  1.00 26.41 ? 316 GLU A CG  1 
ATOM   246 C CD  . GLU A 1 37  ? -5.368  -5.580  13.120  1.00 31.73 ? 316 GLU A CD  1 
ATOM   247 O OE1 . GLU A 1 37  ? -4.255  -6.202  13.075  1.00 34.45 ? 316 GLU A OE1 1 
ATOM   248 O OE2 . GLU A 1 37  ? -6.340  -5.925  13.868  1.00 30.78 ? 316 GLU A OE2 1 
ATOM   249 N N   . GLY A 1 38  ? -1.921  -3.843  13.809  1.00 19.97 ? 317 GLY A N   1 
ATOM   250 C CA  . GLY A 1 38  ? -1.270  -4.423  14.997  1.00 22.37 ? 317 GLY A CA  1 
ATOM   251 C C   . GLY A 1 38  ? -0.808  -5.833  14.738  1.00 25.49 ? 317 GLY A C   1 
ATOM   252 O O   . GLY A 1 38  ? 0.292   -6.221  15.151  1.00 27.94 ? 317 GLY A O   1 
ATOM   253 N N   . THR A 1 39  ? -1.583  -6.611  13.989  1.00 22.86 ? 318 THR A N   1 
ATOM   254 C CA  . THR A 1 39  ? -1.160  -7.966  13.642  1.00 27.07 ? 318 THR A CA  1 
ATOM   255 C C   . THR A 1 39  ? -0.084  -7.894  12.586  1.00 25.28 ? 318 THR A C   1 
ATOM   256 O O   . THR A 1 39  ? -0.264  -7.149  11.643  1.00 27.00 ? 318 THR A O   1 
ATOM   257 C CB  . THR A 1 39  ? -2.275  -8.670  12.876  1.00 30.28 ? 318 THR A CB  1 
ATOM   258 O OG1 . THR A 1 39  ? -3.411  -8.724  13.682  1.00 32.49 ? 318 THR A OG1 1 
ATOM   259 C CG2 . THR A 1 39  ? -1.839  -10.089 12.405  0.50 29.19 ? 318 THR A CG2 1 
ATOM   260 N N   . ASN A 1 40  ? 1.002   -8.642  12.713  1.00 24.10 ? 319 ASN A N   1 
ATOM   261 C CA  . ASN A 1 40  ? 2.195   -8.400  11.897  1.00 26.46 ? 319 ASN A CA  1 
ATOM   262 C C   . ASN A 1 40  ? 1.916   -8.281  10.362  1.00 22.30 ? 319 ASN A C   1 
ATOM   263 O O   . ASN A 1 40  ? 1.517   -9.236  9.708   1.00 26.00 ? 319 ASN A O   1 
ATOM   264 C CB  . ASN A 1 40  ? 3.243   -9.457  12.201  1.00 27.90 ? 319 ASN A CB  1 
ATOM   265 C CG  . ASN A 1 40  ? 4.697   -9.014  11.919  1.00 28.43 ? 319 ASN A CG  1 
ATOM   266 O OD1 . ASN A 1 40  ? 5.068   -7.813  11.906  1.00 26.12 ? 319 ASN A OD1 1 
ATOM   267 N ND2 . ASN A 1 40  ? 5.554   -10.042 11.721  1.00 31.22 ? 319 ASN A ND2 1 
ATOM   268 N N   . GLY A 1 41  ? 2.161   -7.087  9.870   1.00 21.70 ? 320 GLY A N   1 
ATOM   269 C CA  . GLY A 1 41  ? 2.039   -6.840  8.460   1.00 18.42 ? 320 GLY A CA  1 
ATOM   270 C C   . GLY A 1 41  ? 0.634   -6.392  8.008   1.00 16.12 ? 320 GLY A C   1 
ATOM   271 O O   . GLY A 1 41  ? 0.508   -6.042  6.853   1.00 14.74 ? 320 GLY A O   1 
ATOM   272 N N   . GLU A 1 42  ? -0.376  -6.506  8.857   1.00 15.34 ? 321 GLU A N   1 
ATOM   273 C CA  . GLU A 1 42  ? -1.743  -6.128  8.461   1.00 15.21 ? 321 GLU A CA  1 
ATOM   274 C C   . GLU A 1 42  ? -1.929  -4.625  8.625   1.00 13.37 ? 321 GLU A C   1 
ATOM   275 O O   . GLU A 1 42  ? -1.465  -4.005  9.604   1.00 12.21 ? 321 GLU A O   1 
ATOM   276 C CB  . GLU A 1 42  ? -2.719  -6.785  9.327   1.00 18.00 ? 321 GLU A CB  1 
ATOM   277 C CG  . GLU A 1 42  ? -4.134  -6.609  8.909   1.00 20.71 ? 321 GLU A CG  1 
ATOM   278 C CD  . GLU A 1 42  ? -5.128  -7.481  9.724   1.00 26.07 ? 321 GLU A CD  1 
ATOM   279 O OE1 . GLU A 1 42  ? -4.807  -8.684  10.032  1.00 28.80 ? 321 GLU A OE1 1 
ATOM   280 O OE2 . GLU A 1 42  ? -6.243  -6.926  10.024  1.00 31.43 ? 321 GLU A OE2 1 
ATOM   281 N N   . PHE A 1 43  ? -2.586  -4.007  7.644   1.00 12.68 ? 322 PHE A N   1 
ATOM   282 C CA  . PHE A 1 43  ? -2.846  -2.583  7.704   1.00 12.25 ? 322 PHE A CA  1 
ATOM   283 C C   . PHE A 1 43  ? -4.263  -2.277  7.223   1.00 13.84 ? 322 PHE A C   1 
ATOM   284 O O   . PHE A 1 43  ? -4.893  -3.113  6.614   1.00 13.90 ? 322 PHE A O   1 
ATOM   285 C CB  . PHE A 1 43  ? -1.875  -1.745  6.900   1.00 11.81 ? 322 PHE A CB  1 
ATOM   286 C CG  . PHE A 1 43  ? -1.847  -2.018  5.414   1.00 12.72 ? 322 PHE A CG  1 
ATOM   287 C CD1 . PHE A 1 43  ? -1.042  -3.062  4.922   1.00 14.46 ? 322 PHE A CD1 1 
ATOM   288 C CD2 . PHE A 1 43  ? -2.557  -1.236  4.506   1.00 14.06 ? 322 PHE A CD2 1 
ATOM   289 C CE1 . PHE A 1 43  ? -0.949  -3.295  3.560   1.00 15.40 ? 322 PHE A CE1 1 
ATOM   290 C CE2 . PHE A 1 43  ? -2.432  -1.470  3.149   1.00 13.35 ? 322 PHE A CE2 1 
ATOM   291 C CZ  . PHE A 1 43  ? -1.629  -2.497  2.678   1.00 13.95 ? 322 PHE A CZ  1 
ATOM   292 N N   . LYS A 1 44  ? -4.720  -1.074  7.526   1.00 13.32 ? 323 LYS A N   1 
ATOM   293 C CA  . LYS A 1 44  ? -6.047  -0.705  6.997   1.00 15.17 ? 323 LYS A CA  1 
ATOM   294 C C   . LYS A 1 44  ? -5.972  0.699   6.427   1.00 13.83 ? 323 LYS A C   1 
ATOM   295 O O   . LYS A 1 44  ? -5.248  1.577   6.974   1.00 12.51 ? 323 LYS A O   1 
ATOM   296 C CB  . LYS A 1 44  ? -7.115  -0.819  8.007   1.00 20.47 ? 323 LYS A CB  1 
ATOM   297 C CG  . LYS A 1 44  ? -6.972  -0.072  9.272   1.00 24.28 ? 323 LYS A CG  1 
ATOM   298 C CD  . LYS A 1 44  ? -7.922  -0.610  10.390  1.00 30.39 ? 323 LYS A CD  1 
ATOM   299 C CE  . LYS A 1 44  ? -9.058  0.336   10.727  0.50 29.68 ? 323 LYS A CE  1 
ATOM   300 N NZ  . LYS A 1 44  ? -9.396  0.155   12.159  0.50 30.75 ? 323 LYS A NZ  1 
ATOM   301 N N   . MET A 1 45  ? -6.699  0.888   5.319   1.00 12.94 ? 324 MET A N   1 
ATOM   302 C CA  . MET A 1 45  ? -6.855  2.189   4.721   1.00 14.23 ? 324 MET A CA  1 
ATOM   303 C C   . MET A 1 45  ? -8.031  2.834   5.361   1.00 14.78 ? 324 MET A C   1 
ATOM   304 O O   . MET A 1 45  ? -9.183  2.576   5.014   1.00 16.67 ? 324 MET A O   1 
ATOM   305 C CB  . MET A 1 45  ? -6.963  2.081   3.192   1.00 15.42 ? 324 MET A CB  1 
ATOM   306 C CG  . MET A 1 45  ? -5.711  1.547   2.558   1.00 17.11 ? 324 MET A CG  1 
ATOM   307 S SD  . MET A 1 45  ? -5.942  1.597   0.781   1.00 23.28 ? 324 MET A SD  1 
ATOM   308 C CE  . MET A 1 45  ? -4.635  0.561   0.224   1.00 23.91 ? 324 MET A CE  1 
ATOM   309 N N   . THR A 1 46  ? -7.793  3.653   6.355   1.00 16.11 ? 325 THR A N   1 
ATOM   310 C CA  . THR A 1 46  ? -8.809  4.388   7.020   1.00 17.37 ? 325 THR A CA  1 
ATOM   311 C C   . THR A 1 46  ? -9.460  5.443   6.101   1.00 18.01 ? 325 THR A C   1 
ATOM   312 O O   . THR A 1 46  ? -10.596 5.806   6.312   1.00 19.82 ? 325 THR A O   1 
ATOM   313 C CB  . THR A 1 46  ? -8.279  5.022   8.304   1.00 22.78 ? 325 THR A CB  1 
ATOM   314 O OG1 . THR A 1 46  ? -7.109  5.743   7.999   1.00 22.02 ? 325 THR A OG1 1 
ATOM   315 C CG2 . THR A 1 46  ? -7.764  3.930   9.235   1.00 26.40 ? 325 THR A CG2 1 
ATOM   316 N N   . ASP A 1 47  ? -8.756  5.934   5.061   1.00 15.48 ? 326 ASP A N   1 
ATOM   317 C CA  . ASP A 1 47  ? -9.388  6.776   4.021   1.00 14.96 ? 326 ASP A CA  1 
ATOM   318 C C   . ASP A 1 47  ? -8.816  6.352   2.710   1.00 13.18 ? 326 ASP A C   1 
ATOM   319 O O   . ASP A 1 47  ? -7.790  6.853   2.264   1.00 12.31 ? 326 ASP A O   1 
ATOM   320 C CB  . ASP A 1 47  ? -9.069  8.268   4.224   1.00 15.90 ? 326 ASP A CB  1 
ATOM   321 C CG  . ASP A 1 47  ? -9.839  9.129   3.252   1.00 19.11 ? 326 ASP A CG  1 
ATOM   322 O OD1 . ASP A 1 47  ? -10.229 8.649   2.180   1.00 21.64 ? 326 ASP A OD1 1 
ATOM   323 O OD2 . ASP A 1 47  ? -9.993  10.305  3.654   1.00 24.23 ? 326 ASP A OD2 1 
ATOM   324 N N   . PRO A 1 48  ? -9.396  5.304   2.073   1.00 13.01 ? 327 PRO A N   1 
ATOM   325 C CA  . PRO A 1 48  ? -8.830  4.736   0.885   1.00 13.65 ? 327 PRO A CA  1 
ATOM   326 C C   . PRO A 1 48  ? -8.770  5.735   -0.282  1.00 12.80 ? 327 PRO A C   1 
ATOM   327 O O   . PRO A 1 48  ? -7.888  5.628   -1.151  1.00 12.69 ? 327 PRO A O   1 
ATOM   328 C CB  . PRO A 1 48  ? -9.757  3.563   0.599   1.00 15.20 ? 327 PRO A CB  1 
ATOM   329 C CG  . PRO A 1 48  ? -10.971 3.837   1.329   1.00 15.53 ? 327 PRO A CG  1 
ATOM   330 C CD  . PRO A 1 48  ? -10.512 4.523   2.560   1.00 15.37 ? 327 PRO A CD  1 
ATOM   331 N N   . ASP A 1 49  ? -9.713  6.674   -0.323  1.00 13.96 ? 328 ASP A N   1 
ATOM   332 C CA  . ASP A 1 49  ? -9.666  7.670   -1.370  1.00 14.01 ? 328 ASP A CA  1 
ATOM   333 C C   . ASP A 1 49  ? -8.466  8.613   -1.188  1.00 13.36 ? 328 ASP A C   1 
ATOM   334 O O   . ASP A 1 49  ? -7.864  9.082   -2.212  1.00 13.83 ? 328 ASP A O   1 
ATOM   335 C CB  . ASP A 1 49  ? -10.941 8.405   -1.394  1.00 15.57 ? 328 ASP A CB  1 
ATOM   336 C CG  . ASP A 1 49  ? -12.101 7.554   -1.935  1.00 18.36 ? 328 ASP A CG  1 
ATOM   337 O OD1 . ASP A 1 49  ? -11.824 6.675   -2.784  1.00 17.80 ? 328 ASP A OD1 1 
ATOM   338 O OD2 . ASP A 1 49  ? -13.274 7.806   -1.529  1.00 21.66 ? 328 ASP A OD2 1 
ATOM   339 N N   . GLU A 1 50  ? -8.105  8.906   0.044   1.00 13.22 ? 329 GLU A N   1 
ATOM   340 C CA  . GLU A 1 50  ? -6.928  9.700   0.285   1.00 14.38 ? 329 GLU A CA  1 
ATOM   341 C C   . GLU A 1 50  ? -5.620  8.989   -0.078  1.00 12.78 ? 329 GLU A C   1 
ATOM   342 O O   . GLU A 1 50  ? -4.714  9.614   -0.609  1.00 13.71 ? 329 GLU A O   1 
ATOM   343 C CB  . GLU A 1 50  ? -6.901  10.220  1.728   1.00 15.95 ? 329 GLU A CB  1 
ATOM   344 C CG  . GLU A 1 50  ? -5.663  11.029  2.086   1.00 17.48 ? 329 GLU A CG  1 
ATOM   345 C CD  . GLU A 1 50  ? -5.539  12.391  1.390   1.00 20.17 ? 329 GLU A CD  1 
ATOM   346 O OE1 . GLU A 1 50  ? -6.486  12.820  0.669   1.00 20.51 ? 329 GLU A OE1 1 
ATOM   347 O OE2 . GLU A 1 50  ? -4.474  13.068  1.669   1.00 21.07 ? 329 GLU A OE2 1 
ATOM   348 N N   . VAL A 1 51  ? -5.529  7.681   0.222   1.00 12.61 ? 330 VAL A N   1 
ATOM   349 C CA  . VAL A 1 51  ? -4.385  6.883   -0.205  1.00 11.93 ? 330 VAL A CA  1 
ATOM   350 C C   . VAL A 1 51  ? -4.314  6.940   -1.720  1.00 12.42 ? 330 VAL A C   1 
ATOM   351 O O   . VAL A 1 51  ? -3.222  7.179   -2.237  1.00 12.57 ? 330 VAL A O   1 
ATOM   352 C CB  . VAL A 1 51  ? -4.462  5.438   0.303   1.00 11.52 ? 330 VAL A CB  1 
ATOM   353 C CG1 . VAL A 1 51  ? -3.256  4.612   -0.166  1.00 12.30 ? 330 VAL A CG1 1 
ATOM   354 C CG2 . VAL A 1 51  ? -4.551  5.407   1.835   1.00 11.55 ? 330 VAL A CG2 1 
ATOM   355 N N   . ALA A 1 52  ? -5.419  6.743   -2.442  1.00 11.31 ? 331 ALA A N   1 
ATOM   356 C CA  . ALA A 1 52  ? -5.400  6.765   -3.913  1.00 12.46 ? 331 ALA A CA  1 
ATOM   357 C C   . ALA A 1 52  ? -4.980  8.144   -4.436  1.00 12.04 ? 331 ALA A C   1 
ATOM   358 O O   . ALA A 1 52  ? -4.198  8.222   -5.408  1.00 12.31 ? 331 ALA A O   1 
ATOM   359 C CB  . ALA A 1 52  ? -6.719  6.316   -4.516  1.00 12.77 ? 331 ALA A CB  1 
ATOM   360 N N   . ARG A 1 53  ? -5.424  9.201   -3.756  1.00 13.69 ? 332 ARG A N   1 
ATOM   361 C CA  . ARG A 1 53  ? -5.080  10.550  -4.181  1.00 13.85 ? 332 ARG A CA  1 
ATOM   362 C C   . ARG A 1 53  ? -3.559  10.764  -4.039  1.00 13.89 ? 332 ARG A C   1 
ATOM   363 O O   . ARG A 1 53  ? -2.939  11.321  -4.971  1.00 15.30 ? 332 ARG A O   1 
ATOM   364 C CB  . ARG A 1 53  ? -5.834  11.624  -3.386  1.00 15.57 ? 332 ARG A CB  1 
ATOM   365 C CG  . ARG A 1 53  ? -5.671  13.057  -3.862  1.00 18.08 ? 332 ARG A CG  1 
ATOM   366 C CD  . ARG A 1 53  ? -6.140  14.076  -2.804  1.00 20.22 ? 332 ARG A CD  1 
ATOM   367 N NE  . ARG A 1 53  ? -5.281  14.163  -1.636  1.00 22.26 ? 332 ARG A NE  1 
ATOM   368 C CZ  . ARG A 1 53  ? -4.024  14.640  -1.590  1.00 23.78 ? 332 ARG A CZ  1 
ATOM   369 N NH1 . ARG A 1 53  ? -3.430  15.140  -2.672  1.00 25.57 ? 332 ARG A NH1 1 
ATOM   370 N NH2 . ARG A 1 53  ? -3.348  14.615  -0.450  1.00 24.50 ? 332 ARG A NH2 1 
ATOM   371 N N   . ARG A 1 54  ? -3.006  10.312  -2.913  1.00 14.02 ? 333 ARG A N   1 
ATOM   372 C CA  . ARG A 1 54  ? -1.597  10.481  -2.650  1.00 14.01 ? 333 ARG A CA  1 
ATOM   373 C C   . ARG A 1 54  ? -0.762  9.650   -3.634  1.00 13.97 ? 333 ARG A C   1 
ATOM   374 O O   . ARG A 1 54  ? 0.324   10.079  -4.075  1.00 13.54 ? 333 ARG A O   1 
ATOM   375 C CB  . ARG A 1 54  ? -1.316  10.162  -1.203  1.00 15.22 ? 333 ARG A CB  1 
ATOM   376 C CG  . ARG A 1 54  ? -1.833  11.197  -0.242  1.00 18.05 ? 333 ARG A CG  1 
ATOM   377 C CD  . ARG A 1 54  ? -1.212  10.912  1.067   1.00 23.15 ? 333 ARG A CD  1 
ATOM   378 N NE  . ARG A 1 54  ? -1.914  11.512  2.166   1.00 28.21 ? 333 ARG A NE  1 
ATOM   379 C CZ  . ARG A 1 54  ? -1.403  11.511  3.394   1.00 29.44 ? 333 ARG A CZ  1 
ATOM   380 N NH1 . ARG A 1 54  ? -0.182  11.109  3.533   1.00 25.47 ? 333 ARG A NH1 1 
ATOM   381 N NH2 . ARG A 1 54  ? -2.098  12.042  4.406   1.00 37.28 ? 333 ARG A NH2 1 
ATOM   382 N N   . TRP A 1 55  ? -1.230  8.458   -3.972  1.00 12.35 ? 334 TRP A N   1 
ATOM   383 C CA  . TRP A 1 55  ? -0.559  7.656   -4.970  1.00 12.75 ? 334 TRP A CA  1 
ATOM   384 C C   . TRP A 1 55  ? -0.597  8.324   -6.346  1.00 13.30 ? 334 TRP A C   1 
ATOM   385 O O   . TRP A 1 55  ? 0.430   8.401   -7.012  1.00 13.98 ? 334 TRP A O   1 
ATOM   386 C CB  . TRP A 1 55  ? -1.197  6.240   -4.986  1.00 12.42 ? 334 TRP A CB  1 
ATOM   387 C CG  . TRP A 1 55  ? -0.664  5.302   -5.986  1.00 13.44 ? 334 TRP A CG  1 
ATOM   388 C CD1 . TRP A 1 55  ? -1.395  4.650   -6.937  1.00 14.67 ? 334 TRP A CD1 1 
ATOM   389 C CD2 . TRP A 1 55  ? 0.725   4.838   -6.175  1.00 13.35 ? 334 TRP A CD2 1 
ATOM   390 N NE1 . TRP A 1 55  ? -0.568  3.845   -7.716  1.00 15.94 ? 334 TRP A NE1 1 
ATOM   391 C CE2 . TRP A 1 55  ? 0.706   3.910   -7.225  1.00 14.20 ? 334 TRP A CE2 1 
ATOM   392 C CE3 . TRP A 1 55  ? 1.934   5.075   -5.513  1.00 13.62 ? 334 TRP A CE3 1 
ATOM   393 C CZ2 . TRP A 1 55  ? 1.871   3.303   -7.695  1.00 15.39 ? 334 TRP A CZ2 1 
ATOM   394 C CZ3 . TRP A 1 55  ? 3.103   4.468   -5.983  1.00 13.60 ? 334 TRP A CZ3 1 
ATOM   395 C CH2 . TRP A 1 55  ? 3.046   3.554   -6.987  1.00 13.99 ? 334 TRP A CH2 1 
ATOM   396 N N   . GLY A 1 56  ? -1.760  8.857   -6.723  1.00 13.34 ? 335 GLY A N   1 
ATOM   397 C CA  . GLY A 1 56  ? -1.974  9.630   -7.958  1.00 14.91 ? 335 GLY A CA  1 
ATOM   398 C C   . GLY A 1 56  ? -1.014  10.801  -8.040  1.00 16.04 ? 335 GLY A C   1 
ATOM   399 O O   . GLY A 1 56  ? -0.427  11.089  -9.097  1.00 17.29 ? 335 GLY A O   1 
ATOM   400 N N   . GLU A 1 57  ? -0.811  11.449  -6.926  1.00 16.30 ? 336 GLU A N   1 
ATOM   401 C CA  . GLU A 1 57  ? 0.037   12.654  -6.868  1.00 17.04 ? 336 GLU A CA  1 
ATOM   402 C C   . GLU A 1 57  ? 1.537   12.267  -6.984  1.00 16.03 ? 336 GLU A C   1 
ATOM   403 O O   . GLU A 1 57  ? 2.293   12.941  -7.701  1.00 16.49 ? 336 GLU A O   1 
ATOM   404 C CB  . GLU A 1 57  ? -0.233  13.350  -5.555  1.00 20.32 ? 336 GLU A CB  1 
ATOM   405 C CG  . GLU A 1 57  ? 0.432   14.680  -5.233  1.00 24.45 ? 336 GLU A CG  1 
ATOM   406 C CD  . GLU A 1 57  ? 0.010   15.144  -3.821  1.00 29.28 ? 336 GLU A CD  1 
ATOM   407 O OE1 . GLU A 1 57  ? 0.224   14.369  -2.821  1.00 29.59 ? 336 GLU A OE1 1 
ATOM   408 O OE2 . GLU A 1 57  ? -0.549  16.258  -3.695  0.50 32.17 ? 336 GLU A OE2 1 
ATOM   409 N N   . ARG A 1 58  ? 1.916   11.173  -6.315  1.00 14.08 ? 337 ARG A N   1 
ATOM   410 C CA  . ARG A 1 58  ? 3.317   10.656  -6.366  1.00 14.25 ? 337 ARG A CA  1 
ATOM   411 C C   . ARG A 1 58  ? 3.715   10.278  -7.791  1.00 14.93 ? 337 ARG A C   1 
ATOM   412 O O   . ARG A 1 58  ? 4.834   10.546  -8.245  1.00 15.23 ? 337 ARG A O   1 
ATOM   413 C CB  . ARG A 1 58  ? 3.542   9.435   -5.458  1.00 13.49 ? 337 ARG A CB  1 
ATOM   414 C CG  . ARG A 1 58  ? 5.002   8.994   -5.398  1.00 13.97 ? 337 ARG A CG  1 
ATOM   415 C CD  . ARG A 1 58  ? 5.978   9.990   -4.878  1.00 15.24 ? 337 ARG A CD  1 
ATOM   416 N NE  . ARG A 1 58  ? 5.780   10.210  -3.462  1.00 15.07 ? 337 ARG A NE  1 
ATOM   417 C CZ  . ARG A 1 58  ? 6.270   9.393   -2.508  1.00 14.92 ? 337 ARG A CZ  1 
ATOM   418 N NH1 . ARG A 1 58  ? 7.069   8.331   -2.771  1.00 13.82 ? 337 ARG A NH1 1 
ATOM   419 N NH2 . ARG A 1 58  ? 5.959   9.659   -1.226  1.00 16.54 ? 337 ARG A NH2 1 
ATOM   420 N N   . LYS A 1 59  ? 2.801   9.570   -8.465  1.00 15.32 ? 338 LYS A N   1 
ATOM   421 C CA  . LYS A 1 59  ? 3.002   9.046   -9.771  1.00 17.40 ? 338 LYS A CA  1 
ATOM   422 C C   . LYS A 1 59  ? 2.589   9.999   -10.895 1.00 18.32 ? 338 LYS A C   1 
ATOM   423 O O   . LYS A 1 59  ? 2.731   9.652   -12.084 1.00 19.39 ? 338 LYS A O   1 
ATOM   424 C CB  . LYS A 1 59  ? 2.236   7.707   -9.921  1.00 18.65 ? 338 LYS A CB  1 
ATOM   425 C CG  . LYS A 1 59  ? 2.658   6.643   -8.934  1.00 19.17 ? 338 LYS A CG  1 
ATOM   426 C CD  . LYS A 1 59  ? 4.200   6.342   -8.804  1.00 20.23 ? 338 LYS A CD  1 
ATOM   427 C CE  . LYS A 1 59  ? 4.593   5.380   -9.888  1.00 21.85 ? 338 LYS A CE  1 
ATOM   428 N NZ  . LYS A 1 59  ? 5.990   4.889   -9.956  1.00 22.56 ? 338 LYS A NZ  1 
ATOM   429 N N   . SER A 1 60  ? 1.974   11.120  -10.508 1.00 18.47 ? 339 SER A N   1 
ATOM   430 C CA  . SER A 1 60  ? 1.343   12.090  -11.401 1.00 20.23 ? 339 SER A CA  1 
ATOM   431 C C   . SER A 1 60  ? 0.474   11.402  -12.441 1.00 22.85 ? 339 SER A C   1 
ATOM   432 O O   . SER A 1 60  ? 0.581   11.631  -13.633 1.00 24.51 ? 339 SER A O   1 
ATOM   433 C CB  . SER A 1 60  ? 2.405   13.065  -11.977 1.00 20.19 ? 339 SER A CB  1 
ATOM   434 O OG  . SER A 1 60  ? 1.773   14.232  -12.529 1.00 21.34 ? 339 SER A OG  1 
ATOM   435 N N   . LYS A 1 61  ? -0.403  10.522  -11.962 1.00 24.20 ? 340 LYS A N   1 
ATOM   436 C CA  . LYS A 1 61  ? -1.258  9.730   -12.811 1.00 26.15 ? 340 LYS A CA  1 
ATOM   437 C C   . LYS A 1 61  ? -2.652  10.355  -12.778 1.00 26.77 ? 340 LYS A C   1 
ATOM   438 O O   . LYS A 1 61  ? -3.258  10.449  -11.702 1.00 24.18 ? 340 LYS A O   1 
ATOM   439 C CB  . LYS A 1 61  ? -1.296  8.264   -12.383 1.00 28.16 ? 340 LYS A CB  1 
ATOM   440 C CG  . LYS A 1 61  ? -0.236  7.358   -13.022 1.00 31.82 ? 340 LYS A CG  1 
ATOM   441 C CD  . LYS A 1 61  ? -0.016  6.120   -12.183 1.00 35.61 ? 340 LYS A CD  1 
ATOM   442 C CE  . LYS A 1 61  ? 0.972   5.074   -12.741 1.00 40.97 ? 340 LYS A CE  1 
ATOM   443 N NZ  . LYS A 1 61  ? 1.071   4.029   -11.663 1.00 39.97 ? 340 LYS A NZ  1 
ATOM   444 N N   . PRO A 1 62  ? -3.151  10.795  -13.967 1.00 30.51 ? 341 PRO A N   1 
ATOM   445 C CA  . PRO A 1 62  ? -4.464  11.392  -13.948 1.00 32.46 ? 341 PRO A CA  1 
ATOM   446 C C   . PRO A 1 62  ? -5.500  10.294  -13.797 1.00 31.42 ? 341 PRO A C   1 
ATOM   447 O O   . PRO A 1 62  ? -5.288  9.123   -14.202 1.00 30.47 ? 341 PRO A O   1 
ATOM   448 C CB  . PRO A 1 62  ? -4.557  12.147  -15.283 1.00 36.45 ? 341 PRO A CB  1 
ATOM   449 C CG  . PRO A 1 62  ? -3.595  11.459  -16.174 1.00 35.71 ? 341 PRO A CG  1 
ATOM   450 C CD  . PRO A 1 62  ? -2.511  10.930  -15.300 1.00 35.32 ? 341 PRO A CD  1 
ATOM   451 N N   . ASN A 1 63  ? -6.593  10.678  -13.157 1.00 32.48 ? 342 ASN A N   1 
ATOM   452 C CA  . ASN A 1 63  ? -7.728  9.788   -12.986 1.00 31.05 ? 342 ASN A CA  1 
ATOM   453 C C   . ASN A 1 63  ? -7.368  8.586   -12.107 1.00 27.49 ? 342 ASN A C   1 
ATOM   454 O O   . ASN A 1 63  ? -7.995  7.540   -12.290 1.00 26.15 ? 342 ASN A O   1 
ATOM   455 C CB  . ASN A 1 63  ? -8.273  9.247   -14.338 1.00 34.92 ? 342 ASN A CB  1 
ATOM   456 C CG  . ASN A 1 63  ? -8.689  10.361  -15.307 1.00 37.14 ? 342 ASN A CG  1 
ATOM   457 O OD1 . ASN A 1 63  ? -9.300  11.356  -14.905 1.00 42.20 ? 342 ASN A OD1 1 
ATOM   458 N ND2 . ASN A 1 63  ? -8.330  10.207  -16.569 1.00 39.44 ? 342 ASN A ND2 1 
ATOM   459 N N   . MET A 1 64  ? -6.383  8.701   -11.208 1.00 23.90 ? 343 MET A N   1 
ATOM   460 C CA  . MET A 1 64  ? -6.127  7.648   -10.231 1.00 20.69 ? 343 MET A CA  1 
ATOM   461 C C   . MET A 1 64  ? -7.242  7.719   -9.209  1.00 20.26 ? 343 MET A C   1 
ATOM   462 O O   . MET A 1 64  ? -7.767  8.775   -8.918  1.00 20.51 ? 343 MET A O   1 
ATOM   463 C CB  . MET A 1 64  ? -4.783  7.833   -9.530  1.00 19.98 ? 343 MET A CB  1 
ATOM   464 C CG  . MET A 1 64  ? -4.374  6.828   -8.478  1.00 18.09 ? 343 MET A CG  1 
ATOM   465 S SD  . MET A 1 64  ? -4.570  5.105   -8.911  1.00 19.16 ? 343 MET A SD  1 
ATOM   466 C CE  . MET A 1 64  ? -3.390  4.936   -10.228 1.00 22.41 ? 343 MET A CE  1 
ATOM   467 N N   . ASN A 1 65  ? -7.703  6.538   -8.783  1.00 17.94 ? 344 ASN A N   1 
ATOM   468 C CA  . ASN A 1 65  ? -8.800  6.425   -7.825  1.00 16.04 ? 344 ASN A CA  1 
ATOM   469 C C   . ASN A 1 65  ? -8.751  5.071   -7.136  1.00 15.35 ? 344 ASN A C   1 
ATOM   470 O O   . ASN A 1 65  ? -7.897  4.223   -7.448  1.00 14.03 ? 344 ASN A O   1 
ATOM   471 C CB  . ASN A 1 65  ? -10.120 6.622   -8.598  1.00 17.04 ? 344 ASN A CB  1 
ATOM   472 C CG  . ASN A 1 65  ? -10.276 5.657   -9.748  1.00 17.87 ? 344 ASN A CG  1 
ATOM   473 O OD1 . ASN A 1 65  ? -10.109 4.453   -9.561  1.00 19.08 ? 344 ASN A OD1 1 
ATOM   474 N ND2 . ASN A 1 65  ? -10.657 6.125   -10.912 1.00 20.83 ? 344 ASN A ND2 1 
ATOM   475 N N   . TYR A 1 66  ? -9.606  4.879   -6.150  1.00 15.21 ? 345 TYR A N   1 
ATOM   476 C CA  . TYR A 1 66  ? -9.587  3.621   -5.357  1.00 14.97 ? 345 TYR A CA  1 
ATOM   477 C C   . TYR A 1 66  ? -9.829  2.392   -6.264  1.00 15.68 ? 345 TYR A C   1 
ATOM   478 O O   . TYR A 1 66  ? -9.145  1.352   -6.106  1.00 17.89 ? 345 TYR A O   1 
ATOM   479 C CB  . TYR A 1 66  ? -10.600 3.649   -4.165  1.00 16.02 ? 345 TYR A CB  1 
ATOM   480 C CG  . TYR A 1 66  ? -10.476 2.328   -3.405  1.00 16.81 ? 345 TYR A CG  1 
ATOM   481 C CD1 . TYR A 1 66  ? -9.340  2.038   -2.697  1.00 17.59 ? 345 TYR A CD1 1 
ATOM   482 C CD2 . TYR A 1 66  ? -11.461 1.343   -3.510  1.00 19.89 ? 345 TYR A CD2 1 
ATOM   483 C CE1 . TYR A 1 66  ? -9.179  0.836   -2.058  1.00 18.66 ? 345 TYR A CE1 1 
ATOM   484 C CE2 . TYR A 1 66  ? -11.275 0.085   -2.885  1.00 20.71 ? 345 TYR A CE2 1 
ATOM   485 C CZ  . TYR A 1 66  ? -10.128 -0.115  -2.138  1.00 20.30 ? 345 TYR A CZ  1 
ATOM   486 O OH  . TYR A 1 66  ? -9.936  -1.369  -1.509  1.00 22.45 ? 345 TYR A OH  1 
ATOM   487 N N   . ASP A 1 67  ? -10.714 2.473   -7.244  1.00 16.32 ? 346 ASP A N   1 
ATOM   488 C CA  . ASP A 1 67  ? -10.935 1.361   -8.202  1.00 18.31 ? 346 ASP A CA  1 
ATOM   489 C C   . ASP A 1 67  ? -9.587  0.872   -8.800  1.00 18.34 ? 346 ASP A C   1 
ATOM   490 O O   . ASP A 1 67  ? -9.281  -0.337  -8.818  1.00 17.86 ? 346 ASP A O   1 
ATOM   491 C CB  . ASP A 1 67  ? -11.919 1.738   -9.283  1.00 20.66 ? 346 ASP A CB  1 
ATOM   492 C CG  . ASP A 1 67  ? -12.086 0.665   -10.294 1.00 25.45 ? 346 ASP A CG  1 
ATOM   493 O OD1 . ASP A 1 67  ? -12.645 -0.350  -9.882  1.00 28.12 ? 346 ASP A OD1 1 
ATOM   494 O OD2 . ASP A 1 67  ? -11.670 0.825   -11.476 1.00 28.51 ? 346 ASP A OD2 1 
ATOM   495 N N   . LYS A 1 68  ? -8.811  1.828   -9.295  1.00 18.40 ? 347 LYS A N   1 
ATOM   496 C CA  . LYS A 1 68  ? -7.497  1.510   -9.900  1.00 19.73 ? 347 LYS A CA  1 
ATOM   497 C C   . LYS A 1 68  ? -6.472  1.043   -8.843  1.00 19.19 ? 347 LYS A C   1 
ATOM   498 O O   . LYS A 1 68  ? -5.755  0.076   -9.061  1.00 20.79 ? 347 LYS A O   1 
ATOM   499 C CB  . LYS A 1 68  ? -6.986  2.717   -10.682 1.00 21.00 ? 347 LYS A CB  1 
ATOM   500 C CG  . LYS A 1 68  ? -7.837  3.106   -11.846 1.00 24.09 ? 347 LYS A CG  1 
ATOM   501 C CD  . LYS A 1 68  ? -7.182  4.251   -12.601 1.00 26.70 ? 347 LYS A CD  1 
ATOM   502 C CE  . LYS A 1 68  ? -7.976  4.650   -13.802 1.00 30.31 ? 347 LYS A CE  1 
ATOM   503 N NZ  . LYS A 1 68  ? -7.493  5.997   -14.178 0.80 33.70 ? 347 LYS A NZ  1 
ATOM   504 N N   . LEU A 1 69  ? -6.448  1.644   -7.673  1.00 17.50 ? 348 LEU A N   1 
ATOM   505 C CA  . LEU A 1 69  ? -5.515  1.291   -6.636  1.00 17.52 ? 348 LEU A CA  1 
ATOM   506 C C   . LEU A 1 69  ? -5.806  -0.144  -6.226  1.00 18.45 ? 348 LEU A C   1 
ATOM   507 O O   . LEU A 1 69  ? -4.862  -0.920  -6.068  1.00 18.25 ? 348 LEU A O   1 
ATOM   508 C CB  . LEU A 1 69  ? -5.736  2.200   -5.448  1.00 18.14 ? 348 LEU A CB  1 
ATOM   509 C CG  . LEU A 1 69  ? -4.834  1.917   -4.241  1.00 18.69 ? 348 LEU A CG  1 
ATOM   510 C CD1 . LEU A 1 69  ? -3.423  2.280   -4.592  1.00 20.82 ? 348 LEU A CD1 1 
ATOM   511 C CD2 . LEU A 1 69  ? -5.301  2.757   -3.040  1.00 20.95 ? 348 LEU A CD2 1 
ATOM   512 N N   . SER A 1 70  ? -7.084  -0.487  -6.113  1.00 18.82 ? 349 SER A N   1 
ATOM   513 C CA  . SER A 1 70  ? -7.425  -1.840  -5.582  1.00 19.97 ? 349 SER A CA  1 
ATOM   514 C C   . SER A 1 70  ? -7.069  -2.878  -6.591  1.00 21.03 ? 349 SER A C   1 
ATOM   515 O O   . SER A 1 70  ? -6.631  -3.962  -6.216  1.00 21.90 ? 349 SER A O   1 
ATOM   516 C CB  . SER A 1 70  ? -8.858  -1.930  -5.074  1.00 20.46 ? 349 SER A CB  1 
ATOM   517 O OG  . SER A 1 70  ? -9.765  -1.851  -6.092  1.00 22.12 ? 349 SER A OG  1 
ATOM   518 N N   . ARG A 1 71  ? -7.197  -2.550  -7.864  1.00 21.55 ? 350 ARG A N   1 
ATOM   519 C CA  . ARG A 1 71  ? -6.831  -3.468  -8.904  1.00 22.99 ? 350 ARG A CA  1 
ATOM   520 C C   . ARG A 1 71  ? -5.300  -3.767  -8.851  1.00 23.86 ? 350 ARG A C   1 
ATOM   521 O O   . ARG A 1 71  ? -4.857  -4.923  -8.917  1.00 25.95 ? 350 ARG A O   1 
ATOM   522 C CB  . ARG A 1 71  ? -7.216  -2.900  -10.263 1.00 27.42 ? 350 ARG A CB  1 
ATOM   523 C CG  . ARG A 1 71  ? -6.915  -3.875  -11.381 1.00 33.62 ? 350 ARG A CG  1 
ATOM   524 C CD  . ARG A 1 71  ? -7.747  -3.659  -12.630 1.00 38.20 ? 350 ARG A CD  1 
ATOM   525 N NE  . ARG A 1 71  ? -9.147  -3.523  -12.272 1.00 39.80 ? 350 ARG A NE  1 
ATOM   526 C CZ  . ARG A 1 71  ? -9.783  -2.354  -12.163 1.00 39.64 ? 350 ARG A CZ  1 
ATOM   527 N NH1 . ARG A 1 71  ? -9.144  -1.233  -12.421 1.00 38.68 ? 350 ARG A NH1 1 
ATOM   528 N NH2 . ARG A 1 71  ? -11.086 -2.313  -11.853 1.00 38.59 ? 350 ARG A NH2 1 
ATOM   529 N N   . ALA A 1 72  ? -4.518  -2.725  -8.690  1.00 21.61 ? 351 ALA A N   1 
ATOM   530 C CA  . ALA A 1 72  ? -3.042  -2.898  -8.456  1.00 22.48 ? 351 ALA A CA  1 
ATOM   531 C C   . ALA A 1 72  ? -2.692  -3.763  -7.252  1.00 22.09 ? 351 ALA A C   1 
ATOM   532 O O   . ALA A 1 72  ? -1.718  -4.593  -7.224  1.00 24.23 ? 351 ALA A O   1 
ATOM   533 C CB  . ALA A 1 72  ? -2.431  -1.513  -8.343  1.00 22.40 ? 351 ALA A CB  1 
ATOM   534 N N   . LEU A 1 73  ? -3.399  -3.567  -6.154  1.00 21.32 ? 352 LEU A N   1 
ATOM   535 C CA  . LEU A 1 73  ? -3.195  -4.387  -4.973  1.00 21.22 ? 352 LEU A CA  1 
ATOM   536 C C   . LEU A 1 73  ? -3.514  -5.858  -5.188  1.00 24.73 ? 352 LEU A C   1 
ATOM   537 O O   . LEU A 1 73  ? -2.799  -6.721  -4.702  1.00 21.84 ? 352 LEU A O   1 
ATOM   538 C CB  . LEU A 1 73  ? -4.005  -3.841  -3.799  1.00 22.20 ? 352 LEU A CB  1 
ATOM   539 C CG  . LEU A 1 73  ? -3.582  -2.477  -3.333  1.00 20.88 ? 352 LEU A CG  1 
ATOM   540 C CD1 . LEU A 1 73  ? -4.572  -2.102  -2.295  1.00 24.28 ? 352 LEU A CD1 1 
ATOM   541 C CD2 . LEU A 1 73  ? -2.204  -2.433  -2.768  1.00 24.07 ? 352 LEU A CD2 1 
ATOM   542 N N   . ARG A 1 74  ? -4.589  -6.143  -5.914  1.00 24.78 ? 353 ARG A N   1 
ATOM   543 C CA  . ARG A 1 74  ? -4.954  -7.507  -6.304  1.00 30.34 ? 353 ARG A CA  1 
ATOM   544 C C   . ARG A 1 74  ? -3.793  -8.215  -7.045  1.00 27.97 ? 353 ARG A C   1 
ATOM   545 O O   . ARG A 1 74  ? -3.539  -9.446  -6.830  1.00 26.80 ? 353 ARG A O   1 
ATOM   546 C CB  . ARG A 1 74  ? -6.213  -7.436  -7.226  1.00 34.67 ? 353 ARG A CB  1 
ATOM   547 C CG  . ARG A 1 74  ? -7.123  -8.663  -7.271  1.00 45.25 ? 353 ARG A CG  1 
ATOM   548 C CD  . ARG A 1 74  ? -8.521  -8.422  -7.953  1.00 48.94 ? 353 ARG A CD  1 
ATOM   549 N NE  . ARG A 1 74  ? -9.214  -7.195  -7.476  1.00 47.66 ? 353 ARG A NE  1 
ATOM   550 C CZ  . ARG A 1 74  ? -9.613  -6.169  -8.253  1.00 51.82 ? 353 ARG A CZ  1 
ATOM   551 N NH1 . ARG A 1 74  ? -9.415  -6.182  -9.575  1.00 55.48 ? 353 ARG A NH1 1 
ATOM   552 N NH2 . ARG A 1 74  ? -10.226 -5.112  -7.718  1.00 47.59 ? 353 ARG A NH2 1 
ATOM   553 N N   . TYR A 1 75  ? -3.083  -7.481  -7.903  1.00 25.76 ? 354 TYR A N   1 
ATOM   554 C CA  . TYR A 1 75  ? -1.927  -7.986  -8.684  1.00 27.29 ? 354 TYR A CA  1 
ATOM   555 C C   . TYR A 1 75  ? -0.821  -8.543  -7.722  1.00 24.32 ? 354 TYR A C   1 
ATOM   556 O O   . TYR A 1 75  ? -0.095  -9.472  -8.096  1.00 25.10 ? 354 TYR A O   1 
ATOM   557 C CB  . TYR A 1 75  ? -1.308  -6.906  -9.648  1.00 32.96 ? 354 TYR A CB  1 
ATOM   558 C CG  . TYR A 1 75  ? 0.220   -7.085  -10.067 1.00 40.90 ? 354 TYR A CG  1 
ATOM   559 C CD1 . TYR A 1 75  ? 0.606   -7.835  -11.226 1.00 52.47 ? 354 TYR A CD1 1 
ATOM   560 C CD2 . TYR A 1 75  ? 1.272   -6.519  -9.278  1.00 44.89 ? 354 TYR A CD2 1 
ATOM   561 C CE1 . TYR A 1 75  ? 1.968   -8.009  -11.552 1.00 56.73 ? 354 TYR A CE1 1 
ATOM   562 C CE2 . TYR A 1 75  ? 2.625   -6.697  -9.594  1.00 49.37 ? 354 TYR A CE2 1 
ATOM   563 C CZ  . TYR A 1 75  ? 2.978   -7.433  -10.716 1.00 56.75 ? 354 TYR A CZ  1 
ATOM   564 O OH  . TYR A 1 75  ? 4.327   -7.566  -10.982 1.00 58.68 ? 354 TYR A OH  1 
ATOM   565 N N   . TYR A 1 76  ? -0.697  -7.953  -6.546  1.00 20.04 ? 355 TYR A N   1 
ATOM   566 C CA  . TYR A 1 76  ? 0.338   -8.370  -5.561  1.00 18.79 ? 355 TYR A CA  1 
ATOM   567 C C   . TYR A 1 76  ? 0.036   -9.699  -4.927  1.00 19.75 ? 355 TYR A C   1 
ATOM   568 O O   . TYR A 1 76  ? 0.941   -10.320 -4.377  1.00 19.18 ? 355 TYR A O   1 
ATOM   569 C CB  . TYR A 1 76  ? 0.537   -7.330  -4.485  1.00 17.47 ? 355 TYR A CB  1 
ATOM   570 C CG  . TYR A 1 76  ? 1.327   -6.126  -4.894  1.00 17.33 ? 355 TYR A CG  1 
ATOM   571 C CD1 . TYR A 1 76  ? 2.439   -6.230  -5.743  1.00 17.90 ? 355 TYR A CD1 1 
ATOM   572 C CD2 . TYR A 1 76  ? 0.997   -4.867  -4.437  1.00 17.69 ? 355 TYR A CD2 1 
ATOM   573 C CE1 . TYR A 1 76  ? 3.214   -5.101  -6.101  1.00 18.91 ? 355 TYR A CE1 1 
ATOM   574 C CE2 . TYR A 1 76  ? 1.752   -3.753  -4.820  1.00 19.16 ? 355 TYR A CE2 1 
ATOM   575 C CZ  . TYR A 1 76  ? 2.836   -3.880  -5.666  1.00 17.94 ? 355 TYR A CZ  1 
ATOM   576 O OH  . TYR A 1 76  ? 3.562   -2.784  -5.990  1.00 18.38 ? 355 TYR A OH  1 
ATOM   577 N N   . TYR A 1 77  ? -1.182  -10.188 -5.036  1.00 20.63 ? 356 TYR A N   1 
ATOM   578 C CA  . TYR A 1 77  ? -1.469  -11.472 -4.471  1.00 24.31 ? 356 TYR A CA  1 
ATOM   579 C C   . TYR A 1 77  ? -0.675  -12.551 -5.193  1.00 25.07 ? 356 TYR A C   1 
ATOM   580 O O   . TYR A 1 77  ? -0.070  -13.418 -4.556  1.00 23.34 ? 356 TYR A O   1 
ATOM   581 C CB  . TYR A 1 77  ? -2.963  -11.815 -4.517  1.00 27.90 ? 356 TYR A CB  1 
ATOM   582 C CG  . TYR A 1 77  ? -3.263  -13.152 -3.907  1.00 34.55 ? 356 TYR A CG  1 
ATOM   583 C CD1 . TYR A 1 77  ? -3.081  -14.370 -4.651  1.00 38.29 ? 356 TYR A CD1 1 
ATOM   584 C CD2 . TYR A 1 77  ? -3.785  -13.246 -2.599  1.00 39.43 ? 356 TYR A CD2 1 
ATOM   585 C CE1 . TYR A 1 77  ? -3.362  -15.624 -4.094  1.00 41.55 ? 356 TYR A CE1 1 
ATOM   586 C CE2 . TYR A 1 77  ? -4.097  -14.487 -2.050  1.00 41.54 ? 356 TYR A CE2 1 
ATOM   587 C CZ  . TYR A 1 77  ? -3.890  -15.663 -2.784  1.00 43.46 ? 356 TYR A CZ  1 
ATOM   588 O OH  . TYR A 1 77  ? -4.208  -16.878 -2.207  1.00 44.94 ? 356 TYR A OH  1 
ATOM   589 N N   . ASP A 1 78  ? -0.659  -12.524 -6.536  1.00 26.44 ? 357 ASP A N   1 
ATOM   590 C CA  . ASP A 1 78  ? 0.048   -13.497 -7.293  1.00 29.89 ? 357 ASP A CA  1 
ATOM   591 C C   . ASP A 1 78  ? 1.539   -13.427 -7.166  1.00 26.62 ? 357 ASP A C   1 
ATOM   592 O O   . ASP A 1 78  ? 2.205   -14.424 -7.384  1.00 28.11 ? 357 ASP A O   1 
ATOM   593 C CB  . ASP A 1 78  ? -0.324  -13.390 -8.780  1.00 36.08 ? 357 ASP A CB  1 
ATOM   594 C CG  . ASP A 1 78  ? -1.707  -13.960 -9.083  1.00 44.71 ? 357 ASP A CG  1 
ATOM   595 O OD1 . ASP A 1 78  ? -2.113  -15.006 -8.476  1.00 47.13 ? 357 ASP A OD1 1 
ATOM   596 O OD2 . ASP A 1 78  ? -2.360  -13.378 -9.993  1.00 51.89 ? 357 ASP A OD2 1 
ATOM   597 N N   . LYS A 1 79  ? 2.036   -12.272 -6.813  1.00 23.52 ? 358 LYS A N   1 
ATOM   598 C CA  . LYS A 1 79  ? 3.429   -12.017 -6.619  1.00 23.54 ? 358 LYS A CA  1 
ATOM   599 C C   . LYS A 1 79  ? 3.858   -12.359 -5.162  1.00 22.07 ? 358 LYS A C   1 
ATOM   600 O O   . LYS A 1 79  ? 5.012   -12.137 -4.762  1.00 21.35 ? 358 LYS A O   1 
ATOM   601 C CB  . LYS A 1 79  ? 3.743   -10.549 -6.962  1.00 23.66 ? 358 LYS A CB  1 
ATOM   602 C CG  . LYS A 1 79  ? 3.667   -10.195 -8.430  1.00 26.58 ? 358 LYS A CG  1 
ATOM   603 N N   . ASN A 1 80  ? 2.935   -12.831 -4.333  1.00 20.93 ? 359 ASN A N   1 
ATOM   604 C CA  . ASN A 1 80  ? 3.249   -13.085 -2.887  1.00 19.66 ? 359 ASN A CA  1 
ATOM   605 C C   . ASN A 1 80  ? 3.780   -11.896 -2.101  1.00 18.56 ? 359 ASN A C   1 
ATOM   606 O O   . ASN A 1 80  ? 4.583   -12.048 -1.135  1.00 17.95 ? 359 ASN A O   1 
ATOM   607 C CB  . ASN A 1 80  ? 4.300   -14.252 -2.756  1.00 20.96 ? 359 ASN A CB  1 
ATOM   608 C CG  . ASN A 1 80  ? 3.934   -15.514 -3.508  1.00 23.34 ? 359 ASN A CG  1 
ATOM   609 O OD1 . ASN A 1 80  ? 4.802   -16.227 -4.155  1.00 24.58 ? 359 ASN A OD1 1 
ATOM   610 N ND2 . ASN A 1 80  ? 2.707   -15.931 -3.297  1.00 23.49 ? 359 ASN A ND2 1 
ATOM   611 N N   . ILE A 1 81  ? 3.321   -10.683 -2.465  1.00 16.03 ? 360 ILE A N   1 
ATOM   612 C CA  . ILE A 1 81  ? 3.678   -9.459  -1.795  1.00 16.61 ? 360 ILE A CA  1 
ATOM   613 C C   . ILE A 1 81  ? 2.572   -8.989  -0.829  1.00 16.09 ? 360 ILE A C   1 
ATOM   614 O O   . ILE A 1 81  ? 2.885   -8.416  0.204   1.00 15.40 ? 360 ILE A O   1 
ATOM   615 C CB  . ILE A 1 81  ? 3.985   -8.389  -2.860  1.00 17.93 ? 360 ILE A CB  1 
ATOM   616 C CG1 . ILE A 1 81  ? 5.420   -8.637  -3.361  1.00 21.77 ? 360 ILE A CG1 1 
ATOM   617 C CG2 . ILE A 1 81  ? 3.943   -6.979  -2.320  1.00 18.28 ? 360 ILE A CG2 1 
ATOM   618 C CD1 . ILE A 1 81  ? 5.684   -8.062  -4.696  1.00 24.79 ? 360 ILE A CD1 1 
ATOM   619 N N   . MET A 1 82  ? 1.313   -9.289  -1.145  1.00 17.10 ? 361 MET A N   1 
ATOM   620 C CA  . MET A 1 82  ? 0.222   -8.934  -0.258  1.00 19.81 ? 361 MET A CA  1 
ATOM   621 C C   . MET A 1 82  ? -1.004  -9.757  -0.428  1.00 24.80 ? 361 MET A C   1 
ATOM   622 O O   . MET A 1 82  ? -1.208  -10.320 -1.489  1.00 27.63 ? 361 MET A O   1 
ATOM   623 C CB  . MET A 1 82  ? -0.139  -7.459  -0.226  1.00 25.25 ? 361 MET A CB  1 
ATOM   624 C CG  . MET A 1 82  ? -0.552  -6.619  -1.329  1.00 26.55 ? 361 MET A CG  1 
ATOM   625 S SD  . MET A 1 82  ? -1.170  -5.027  -0.551  1.00 27.71 ? 361 MET A SD  1 
ATOM   626 C CE  . MET A 1 82  ? 0.428   -4.204  -0.514  1.00 24.92 ? 361 MET A CE  1 
ATOM   627 N N   . THR A 1 83  ? -1.818  -9.850  0.642   1.00 25.20 ? 362 THR A N   1 
ATOM   628 C CA  . THR A 1 83  ? -3.180  -10.421 0.543   1.00 25.85 ? 362 THR A CA  1 
ATOM   629 C C   . THR A 1 83  ? -4.232  -9.502  1.137   1.00 23.90 ? 362 THR A C   1 
ATOM   630 O O   . THR A 1 83  ? -3.913  -8.587  1.879   1.00 23.35 ? 362 THR A O   1 
ATOM   631 C CB  . THR A 1 83  ? -3.291  -11.768 1.253   1.00 30.42 ? 362 THR A CB  1 
ATOM   632 O OG1 . THR A 1 83  ? -2.895  -11.587 2.611   1.00 33.22 ? 362 THR A OG1 1 
ATOM   633 C CG2 . THR A 1 83  ? -2.310  -12.696 0.664   1.00 35.44 ? 362 THR A CG2 1 
ATOM   634 N N   . LYS A 1 84  ? -5.493  -9.710  0.760   1.00 24.94 ? 363 LYS A N   1 
ATOM   635 C CA  . LYS A 1 84  ? -6.603  -8.991  1.395   1.00 26.40 ? 363 LYS A CA  1 
ATOM   636 C C   . LYS A 1 84  ? -6.902  -9.676  2.722   1.00 24.94 ? 363 LYS A C   1 
ATOM   637 O O   . LYS A 1 84  ? -6.818  -10.856 2.849   1.00 26.76 ? 363 LYS A O   1 
ATOM   638 C CB  . LYS A 1 84  ? -7.895  -9.103  0.583   1.00 31.03 ? 363 LYS A CB  1 
ATOM   639 C CG  . LYS A 1 84  ? -7.884  -8.220  -0.610  1.00 34.43 ? 363 LYS A CG  1 
ATOM   640 C CD  . LYS A 1 84  ? -9.314  -7.817  -0.967  1.00 37.54 ? 363 LYS A CD  1 
ATOM   641 C CE  . LYS A 1 84  ? -9.433  -7.970  -2.458  1.00 39.85 ? 363 LYS A CE  1 
ATOM   642 N NZ  . LYS A 1 84  ? -10.852 -8.177  -2.826  1.00 44.17 ? 363 LYS A NZ  1 
ATOM   643 N N   . VAL A 1 85  ? -7.391  -8.907  3.664   1.00 24.17 ? 364 VAL A N   1 
ATOM   644 C CA  . VAL A 1 85  ? -7.896  -9.456  4.862   1.00 23.59 ? 364 VAL A CA  1 
ATOM   645 C C   . VAL A 1 85  ? -9.443  -9.378  4.778   1.00 26.48 ? 364 VAL A C   1 
ATOM   646 O O   . VAL A 1 85  ? -10.042 -8.273  4.651   1.00 24.98 ? 364 VAL A O   1 
ATOM   647 C CB  . VAL A 1 85  ? -7.383  -8.657  6.035   1.00 22.33 ? 364 VAL A CB  1 
ATOM   648 C CG1 . VAL A 1 85  ? -8.116  -9.040  7.300   1.00 24.02 ? 364 VAL A CG1 1 
ATOM   649 C CG2 . VAL A 1 85  ? -5.842  -8.695  6.029   1.00 22.11 ? 364 VAL A CG2 1 
ATOM   650 N N   . HIS A 1 86  ? -10.052 -10.540 4.923   1.00 29.36 ? 365 HIS A N   1 
ATOM   651 C CA  . HIS A 1 86  ? -11.509 -10.675 4.961   1.00 34.62 ? 365 HIS A CA  1 
ATOM   652 C C   . HIS A 1 86  ? -12.074 -10.302 6.313   1.00 34.68 ? 365 HIS A C   1 
ATOM   653 O O   . HIS A 1 86  ? -11.427 -10.511 7.331   1.00 34.45 ? 365 HIS A O   1 
ATOM   654 C CB  . HIS A 1 86  ? -11.876 -12.074 4.561   1.00 39.41 ? 365 HIS A CB  1 
ATOM   655 C CG  . HIS A 1 86  ? -11.308 -12.464 3.233   1.00 43.87 ? 365 HIS A CG  1 
ATOM   656 N ND1 . HIS A 1 86  ? -11.224 -11.578 2.174   1.00 47.13 ? 365 HIS A ND1 1 
ATOM   657 C CD2 . HIS A 1 86  ? -10.750 -13.621 2.801   1.00 50.41 ? 365 HIS A CD2 1 
ATOM   658 C CE1 . HIS A 1 86  ? -10.650 -12.175 1.143   1.00 49.29 ? 365 HIS A CE1 1 
ATOM   659 N NE2 . HIS A 1 86  ? -10.355 -13.414 1.496   1.00 51.76 ? 365 HIS A NE2 1 
ATOM   660 N N   . GLY A 1 87  ? -13.229 -9.644  6.299   1.00 34.73 ? 366 GLY A N   1 
ATOM   661 C CA  . GLY A 1 87  ? -14.025 -9.373  7.500   1.00 37.08 ? 366 GLY A CA  1 
ATOM   662 C C   . GLY A 1 87  ? -13.716 -7.991  8.031   1.00 36.11 ? 366 GLY A C   1 
ATOM   663 O O   . GLY A 1 87  ? -14.228 -7.610  9.110   1.00 36.48 ? 366 GLY A O   1 
ATOM   664 N N   . LYS A 1 88  ? -12.897 -7.243  7.288   1.00 31.98 ? 367 LYS A N   1 
ATOM   665 C CA  . LYS A 1 88  ? -12.437 -5.970  7.732   1.00 31.02 ? 367 LYS A CA  1 
ATOM   666 C C   . LYS A 1 88  ? -12.524 -5.026  6.573   1.00 31.94 ? 367 LYS A C   1 
ATOM   667 O O   . LYS A 1 88  ? -12.447 -5.472  5.435   1.00 35.49 ? 367 LYS A O   1 
ATOM   668 C CB  . LYS A 1 88  ? -11.023 -6.047  8.226   1.00 31.49 ? 367 LYS A CB  1 
ATOM   669 C CG  . LYS A 1 88  ? -10.891 -6.977  9.401   1.00 33.47 ? 367 LYS A CG  1 
ATOM   670 C CD  . LYS A 1 88  ? -9.552  -6.832  10.050  1.00 35.99 ? 367 LYS A CD  1 
ATOM   671 C CE  . LYS A 1 88  ? -9.335  -7.890  11.082  1.00 40.32 ? 367 LYS A CE  1 
ATOM   672 N NZ  . LYS A 1 88  ? -7.922  -7.844  11.518  1.00 39.56 ? 367 LYS A NZ  1 
ATOM   673 N N   . ARG A 1 89  ? -12.679 -3.748  6.881   1.00 27.39 ? 368 ARG A N   1 
ATOM   674 C CA  . ARG A 1 89  ? -12.826 -2.735  5.847   1.00 24.56 ? 368 ARG A CA  1 
ATOM   675 C C   . ARG A 1 89  ? -11.519 -2.176  5.372   1.00 20.61 ? 368 ARG A C   1 
ATOM   676 O O   . ARG A 1 89  ? -10.718 -1.555  6.133   1.00 18.70 ? 368 ARG A O   1 
ATOM   677 C CB  . ARG A 1 89  ? -13.835 -1.668  6.319   1.00 27.45 ? 368 ARG A CB  1 
ATOM   678 C CG  . ARG A 1 89  ? -15.191 -2.365  6.490   1.00 32.31 ? 368 ARG A CG  1 
ATOM   679 C CD  . ARG A 1 89  ? -16.470 -1.589  6.173   1.00 36.36 ? 368 ARG A CD  1 
ATOM   680 N NE  . ARG A 1 89  ? -16.428 -0.712  5.001   1.00 35.08 ? 368 ARG A NE  1 
ATOM   681 C CZ  . ARG A 1 89  ? -17.241 0.334   4.817   1.00 38.50 ? 368 ARG A CZ  1 
ATOM   682 N NH1 . ARG A 1 89  ? -18.172 0.636   5.723   1.00 43.28 ? 368 ARG A NH1 1 
ATOM   683 N NH2 . ARG A 1 89  ? -17.136 1.077   3.721   1.00 37.71 ? 368 ARG A NH2 1 
ATOM   684 N N   . TYR A 1 90  ? -11.242 -2.325  4.069   1.00 17.09 ? 369 TYR A N   1 
ATOM   685 C CA  . TYR A 1 90  ? -10.088 -1.811  3.426   1.00 16.14 ? 369 TYR A CA  1 
ATOM   686 C C   . TYR A 1 90  ? -8.776  -2.286  4.112   1.00 15.28 ? 369 TYR A C   1 
ATOM   687 O O   . TYR A 1 90  ? -7.863  -1.537  4.232   1.00 15.32 ? 369 TYR A O   1 
ATOM   688 C CB  . TYR A 1 90  ? -10.114 -0.277  3.283   1.00 14.90 ? 369 TYR A CB  1 
ATOM   689 C CG  . TYR A 1 90  ? -11.317 0.247   2.502   1.00 14.96 ? 369 TYR A CG  1 
ATOM   690 C CD1 . TYR A 1 90  ? -11.373 0.130   1.167   1.00 14.89 ? 369 TYR A CD1 1 
ATOM   691 C CD2 . TYR A 1 90  ? -12.379 0.841   3.152   1.00 15.98 ? 369 TYR A CD2 1 
ATOM   692 C CE1 . TYR A 1 90  ? -12.485 0.553   0.434   1.00 15.18 ? 369 TYR A CE1 1 
ATOM   693 C CE2 . TYR A 1 90  ? -13.502 1.321   2.438   1.00 16.46 ? 369 TYR A CE2 1 
ATOM   694 C CZ  . TYR A 1 90  ? -13.551 1.150   1.063   1.00 15.70 ? 369 TYR A CZ  1 
ATOM   695 O OH  . TYR A 1 90  ? -14.607 1.662   0.368   1.00 16.59 ? 369 TYR A OH  1 
ATOM   696 N N   . ALA A 1 91  ? -8.765  -3.555  4.426   1.00 17.33 ? 370 ALA A N   1 
ATOM   697 C CA  . ALA A 1 91  ? -7.622  -4.171  5.157   1.00 16.58 ? 370 ALA A CA  1 
ATOM   698 C C   . ALA A 1 91  ? -6.881  -5.094  4.240   1.00 15.29 ? 370 ALA A C   1 
ATOM   699 O O   . ALA A 1 91  ? -7.501  -5.844  3.502   1.00 15.25 ? 370 ALA A O   1 
ATOM   700 C CB  . ALA A 1 91  ? -8.095  -4.891  6.363   1.00 18.02 ? 370 ALA A CB  1 
ATOM   701 N N   . TYR A 1 92  ? -5.564  -5.069  4.364   1.00 14.17 ? 371 TYR A N   1 
ATOM   702 C CA  . TYR A 1 92  ? -4.645  -5.856  3.548   1.00 14.34 ? 371 TYR A CA  1 
ATOM   703 C C   . TYR A 1 92  ? -3.517  -6.311  4.450   1.00 15.55 ? 371 TYR A C   1 
ATOM   704 O O   . TYR A 1 92  ? -3.361  -5.747  5.604   1.00 13.78 ? 371 TYR A O   1 
ATOM   705 C CB  . TYR A 1 92  ? -4.088  -5.001  2.423   1.00 16.02 ? 371 TYR A CB  1 
ATOM   706 C CG  . TYR A 1 92  ? -5.111  -4.566  1.402   1.00 17.74 ? 371 TYR A CG  1 
ATOM   707 C CD1 . TYR A 1 92  ? -5.856  -3.410  1.568   1.00 19.27 ? 371 TYR A CD1 1 
ATOM   708 C CD2 . TYR A 1 92  ? -5.362  -5.380  0.317   1.00 21.67 ? 371 TYR A CD2 1 
ATOM   709 C CE1 . TYR A 1 92  ? -6.832  -3.032  0.586   1.00 22.23 ? 371 TYR A CE1 1 
ATOM   710 C CE2 . TYR A 1 92  ? -6.319  -5.019  -0.669  1.00 24.36 ? 371 TYR A CE2 1 
ATOM   711 C CZ  . TYR A 1 92  ? -7.019  -3.833  -0.512  1.00 23.95 ? 371 TYR A CZ  1 
ATOM   712 O OH  . TYR A 1 92  ? -7.993  -3.627  -1.520  1.00 28.70 ? 371 TYR A OH  1 
ATOM   713 N N   . LYS A 1 93  ? -2.706  -7.256  3.972   1.00 15.31 ? 372 LYS A N   1 
ATOM   714 C CA  . LYS A 1 93  ? -1.598  -7.750  4.822   1.00 15.49 ? 372 LYS A CA  1 
ATOM   715 C C   . LYS A 1 93  ? -0.389  -7.920  3.904   1.00 15.34 ? 372 LYS A C   1 
ATOM   716 O O   . LYS A 1 93  ? -0.499  -8.643  2.911   1.00 17.88 ? 372 LYS A O   1 
ATOM   717 C CB  . LYS A 1 93  ? -1.970  -9.027  5.476   1.00 18.78 ? 372 LYS A CB  1 
ATOM   718 C CG  . LYS A 1 93  ? -0.933  -9.679  6.386   1.00 20.91 ? 372 LYS A CG  1 
ATOM   719 C CD  . LYS A 1 93  ? -1.387  -11.028 6.925   1.00 25.18 ? 372 LYS A CD  1 
ATOM   720 N N   . PHE A 1 94  ? 0.739   -7.378  4.277   1.00 13.91 ? 373 PHE A N   1 
ATOM   721 C CA  . PHE A 1 94  ? 1.976   -7.649  3.542   1.00 14.89 ? 373 PHE A CA  1 
ATOM   722 C C   . PHE A 1 94  ? 2.454   -9.034  3.833   1.00 16.06 ? 373 PHE A C   1 
ATOM   723 O O   . PHE A 1 94  ? 2.267   -9.564  4.911   1.00 16.91 ? 373 PHE A O   1 
ATOM   724 C CB  . PHE A 1 94  ? 3.085   -6.725  3.969   1.00 14.17 ? 373 PHE A CB  1 
ATOM   725 C CG  . PHE A 1 94  ? 2.942   -5.313  3.485   1.00 15.83 ? 373 PHE A CG  1 
ATOM   726 C CD1 . PHE A 1 94  ? 3.330   -4.973  2.180   1.00 16.04 ? 373 PHE A CD1 1 
ATOM   727 C CD2 . PHE A 1 94  ? 2.459   -4.359  4.315   1.00 15.19 ? 373 PHE A CD2 1 
ATOM   728 C CE1 . PHE A 1 94  ? 3.215   -3.628  1.763   1.00 18.00 ? 373 PHE A CE1 1 
ATOM   729 C CE2 . PHE A 1 94  ? 2.359   -3.036  3.892   1.00 17.00 ? 373 PHE A CE2 1 
ATOM   730 C CZ  . PHE A 1 94  ? 2.672   -2.713  2.608   1.00 16.07 ? 373 PHE A CZ  1 
ATOM   731 N N   . ASP A 1 95  ? 3.043   -9.666  2.804   1.00 17.72 ? 374 ASP A N   1 
ATOM   732 C CA  . ASP A 1 95  ? 3.681   -10.991 2.914   1.00 18.32 ? 374 ASP A CA  1 
ATOM   733 C C   . ASP A 1 95  ? 5.232   -10.748 3.018   1.00 17.76 ? 374 ASP A C   1 
ATOM   734 O O   . ASP A 1 95  ? 5.794   -10.290 2.053   1.00 17.94 ? 374 ASP A O   1 
ATOM   735 C CB  . ASP A 1 95  ? 3.262   -11.805 1.652   1.00 19.68 ? 374 ASP A CB  1 
ATOM   736 C CG  . ASP A 1 95  ? 3.755   -13.246 1.670   1.00 21.56 ? 374 ASP A CG  1 
ATOM   737 O OD1 . ASP A 1 95  ? 4.879   -13.438 2.188   1.00 21.35 ? 374 ASP A OD1 1 
ATOM   738 O OD2 . ASP A 1 95  ? 3.066   -14.217 1.146   1.00 22.07 ? 374 ASP A OD2 1 
ATOM   739 N N   . PHE A 1 96  ? 5.870   -11.023 4.181   1.00 17.82 ? 375 PHE A N   1 
ATOM   740 C CA  . PHE A 1 96  ? 7.300   -10.868 4.380   1.00 18.80 ? 375 PHE A CA  1 
ATOM   741 C C   . PHE A 1 96  ? 8.061   -11.689 3.359   1.00 17.22 ? 375 PHE A C   1 
ATOM   742 O O   . PHE A 1 96  ? 9.192   -11.321 2.966   1.00 17.43 ? 375 PHE A O   1 
ATOM   743 C CB  . PHE A 1 96  ? 7.765   -11.347 5.813   1.00 21.79 ? 375 PHE A CB  1 
ATOM   744 C CG  . PHE A 1 96  ? 8.321   -10.254 6.682   1.00 23.84 ? 375 PHE A CG  1 
ATOM   745 C CD1 . PHE A 1 96  ? 9.475   -9.561  6.303   1.00 26.55 ? 375 PHE A CD1 1 
ATOM   746 C CD2 . PHE A 1 96  ? 7.762   -9.978  7.929   1.00 24.84 ? 375 PHE A CD2 1 
ATOM   747 C CE1 . PHE A 1 96  ? 9.980   -8.501  7.095   1.00 23.75 ? 375 PHE A CE1 1 
ATOM   748 C CE2 . PHE A 1 96  ? 8.234   -8.905  8.675   1.00 27.23 ? 375 PHE A CE2 1 
ATOM   749 C CZ  . PHE A 1 96  ? 9.331   -8.175  8.259   1.00 23.85 ? 375 PHE A CZ  1 
ATOM   750 N N   . HIS A 1 97  ? 7.494   -12.801 2.916   1.00 16.14 ? 376 HIS A N   1 
ATOM   751 C CA  . HIS A 1 97  ? 8.254   -13.695 2.025   1.00 17.13 ? 376 HIS A CA  1 
ATOM   752 C C   . HIS A 1 97  ? 8.465   -13.067 0.660   1.00 17.05 ? 376 HIS A C   1 
ATOM   753 O O   . HIS A 1 97  ? 9.538   -13.196 0.081   1.00 17.14 ? 376 HIS A O   1 
ATOM   754 C CB  . HIS A 1 97  ? 7.534   -15.023 1.897   1.00 18.96 ? 376 HIS A CB  1 
ATOM   755 C CG  . HIS A 1 97  ? 7.192   -15.602 3.215   1.00 19.94 ? 376 HIS A CG  1 
ATOM   756 N ND1 . HIS A 1 97  ? 5.934   -16.055 3.521   1.00 21.59 ? 376 HIS A ND1 1 
ATOM   757 C CD2 . HIS A 1 97  ? 7.909   -15.696 4.349   1.00 21.26 ? 376 HIS A CD2 1 
ATOM   758 C CE1 . HIS A 1 97  ? 5.916   -16.518 4.765   1.00 23.52 ? 376 HIS A CE1 1 
ATOM   759 N NE2 . HIS A 1 97  ? 7.092   -16.267 5.307   1.00 23.13 ? 376 HIS A NE2 1 
ATOM   760 N N   . GLY A 1 98  ? 7.442   -12.400 0.130   1.00 16.68 ? 377 GLY A N   1 
ATOM   761 C CA  . GLY A 1 98  ? 7.660   -11.736 -1.157  1.00 16.50 ? 377 GLY A CA  1 
ATOM   762 C C   . GLY A 1 98  ? 8.391   -10.415 -0.991  1.00 16.34 ? 377 GLY A C   1 
ATOM   763 O O   . GLY A 1 98  ? 9.155   -10.077 -1.883  1.00 17.59 ? 377 GLY A O   1 
ATOM   764 N N   . ILE A 1 99  ? 8.141   -9.710  0.085   1.00 16.19 ? 378 ILE A N   1 
ATOM   765 C CA  . ILE A 1 99  ? 8.823   -8.408  0.391   1.00 17.20 ? 378 ILE A CA  1 
ATOM   766 C C   . ILE A 1 99  ? 10.352  -8.667  0.477   1.00 17.25 ? 378 ILE A C   1 
ATOM   767 O O   . ILE A 1 99  ? 11.159  -7.922  -0.075  1.00 17.05 ? 378 ILE A O   1 
ATOM   768 C CB  . ILE A 1 99  ? 8.313   -7.737  1.675   1.00 18.22 ? 378 ILE A CB  1 
ATOM   769 C CG1 . ILE A 1 99  ? 6.845   -7.220  1.558   1.00 20.67 ? 378 ILE A CG1 1 
ATOM   770 C CG2 . ILE A 1 99  ? 9.263   -6.608  2.113   1.00 19.32 ? 378 ILE A CG2 1 
ATOM   771 C CD1 . ILE A 1 99  ? 6.603   -6.171  0.508   1.00 21.45 ? 378 ILE A CD1 1 
ATOM   772 N N   . ALA A 1 100 ? 10.777  -9.739  1.121   1.00 16.50 ? 379 ALA A N   1 
ATOM   773 C CA  . ALA A 1 100 ? 12.235  -9.991  1.209   1.00 16.69 ? 379 ALA A CA  1 
ATOM   774 C C   . ALA A 1 100 ? 12.887  -10.116 -0.121  1.00 17.97 ? 379 ALA A C   1 
ATOM   775 O O   . ALA A 1 100 ? 14.035  -9.769  -0.335  1.00 19.51 ? 379 ALA A O   1 
ATOM   776 C CB  . ALA A 1 100 ? 12.529  -11.273 1.980   1.00 17.82 ? 379 ALA A CB  1 
ATOM   777 N N   . GLN A 1 101 ? 12.217  -10.812 -1.043  1.00 17.80 ? 380 GLN A N   1 
ATOM   778 C CA  . GLN A 1 101 ? 12.715  -10.894 -2.372  1.00 19.78 ? 380 GLN A CA  1 
ATOM   779 C C   . GLN A 1 101 ? 12.754  -9.539  -3.092  1.00 20.17 ? 380 GLN A C   1 
ATOM   780 O O   . GLN A 1 101 ? 13.716  -9.273  -3.861  1.00 20.36 ? 380 GLN A O   1 
ATOM   781 C CB  . GLN A 1 101 ? 11.937  -11.920 -3.196  1.00 21.75 ? 380 GLN A CB  1 
ATOM   782 C CG  . GLN A 1 101 ? 12.318  -13.321 -2.849  1.00 24.50 ? 380 GLN A CG  1 
ATOM   783 C CD  . GLN A 1 101 ? 11.778  -14.277 -3.854  1.00 26.32 ? 380 GLN A CD  1 
ATOM   784 O OE1 . GLN A 1 101 ? 10.942  -13.891 -4.640  1.00 27.65 ? 380 GLN A OE1 1 
ATOM   785 N NE2 . GLN A 1 101 ? 12.165  -15.471 -3.796  1.00 27.81 ? 380 GLN A NE2 1 
ATOM   786 N N   . ALA A 1 102 ? 11.685  -8.778  -2.916  1.00 21.55 ? 381 ALA A N   1 
ATOM   787 C CA  . ALA A 1 102 ? 11.545  -7.411  -3.504  1.00 23.32 ? 381 ALA A CA  1 
ATOM   788 C C   . ALA A 1 102 ? 12.621  -6.462  -3.043  1.00 25.33 ? 381 ALA A C   1 
ATOM   789 O O   . ALA A 1 102 ? 12.993  -5.543  -3.789  1.00 28.29 ? 381 ALA A O   1 
ATOM   790 C CB  . ALA A 1 102 ? 10.189  -6.827  -3.172  1.00 21.42 ? 381 ALA A CB  1 
ATOM   791 N N   . LEU A 1 103 ? 13.217  -6.725  -1.886  1.00 24.92 ? 382 LEU A N   1 
ATOM   792 C CA  . LEU A 1 103 ? 14.425  -5.946  -1.466  1.00 25.46 ? 382 LEU A CA  1 
ATOM   793 C C   . LEU A 1 103 ? 15.730  -6.266  -2.152  1.00 28.34 ? 382 LEU A C   1 
ATOM   794 O O   . LEU A 1 103 ? 16.647  -5.485  -2.062  1.00 31.83 ? 382 LEU A O   1 
ATOM   795 C CB  . LEU A 1 103 ? 14.695  -6.044  0.044   1.00 25.73 ? 382 LEU A CB  1 
ATOM   796 C CG  . LEU A 1 103 ? 13.542  -5.835  0.952   1.00 26.64 ? 382 LEU A CG  1 
ATOM   797 C CD1 . LEU A 1 103 ? 13.952  -6.015  2.422   1.00 29.04 ? 382 LEU A CD1 1 
ATOM   798 C CD2 . LEU A 1 103 ? 12.823  -4.524  0.796   1.00 28.23 ? 382 LEU A CD2 1 
ATOM   799 N N   . GLN A 1 104 ? 15.888  -7.415  -2.786  1.00 27.42 ? 383 GLN A N   1 
ATOM   800 C CA  . GLN A 1 104 ? 17.168  -7.770  -3.397  1.00 29.36 ? 383 GLN A CA  1 
ATOM   801 C C   . GLN A 1 104 ? 17.402  -7.186  -4.838  1.00 36.43 ? 383 GLN A C   1 
ATOM   802 O O   . GLN A 1 104 ? 16.410  -6.838  -5.536  1.00 36.14 ? 383 GLN A O   1 
ATOM   803 C CB  . GLN A 1 104 ? 17.261  -9.272  -3.466  1.00 29.89 ? 383 GLN A CB  1 
ATOM   804 C CG  . GLN A 1 104 ? 16.782  -9.976  -2.218  1.00 27.37 ? 383 GLN A CG  1 
ATOM   805 C CD  . GLN A 1 104 ? 17.536  -9.507  -1.039  1.00 27.23 ? 383 GLN A CD  1 
ATOM   806 O OE1 . GLN A 1 104 ? 18.784  -9.332  -1.134  1.00 29.66 ? 383 GLN A OE1 1 
ATOM   807 N NE2 . GLN A 1 104 ? 16.856  -9.358  0.081   1.00 26.20 ? 383 GLN A NE2 1 
HETATM 808 O O   . HOH B 2 .   ? -10.678 7.275   -5.095  1.00 17.03 ? 401 HOH A O   1 
HETATM 809 O O   . HOH B 2 .   ? 5.188   -3.283  -7.996  1.00 29.01 ? 402 HOH A O   1 
HETATM 810 O O   . HOH B 2 .   ? 3.634   -0.012  -8.619  1.00 17.53 ? 403 HOH A O   1 
HETATM 811 O O   . HOH B 2 .   ? 9.775   0.491   -5.051  1.00 15.57 ? 404 HOH A O   1 
HETATM 812 O O   . HOH B 2 .   ? -8.610  -13.034 5.850   1.00 35.76 ? 405 HOH A O   1 
HETATM 813 O O   . HOH B 2 .   ? 11.683  -14.767 0.823   1.00 14.34 ? 406 HOH A O   1 
HETATM 814 O O   . HOH B 2 .   ? 14.149  -18.497 -3.361  0.50 11.82 ? 407 HOH A O   1 
HETATM 815 O O   . HOH B 2 .   ? 1.007   3.387   10.842  1.00 13.91 ? 408 HOH A O   1 
HETATM 816 O O   . HOH B 2 .   ? 0.405   5.631   9.432   1.00 14.74 ? 409 HOH A O   1 
HETATM 817 O O   . HOH B 2 .   ? 0.071   3.212   13.472  0.50 15.66 ? 410 HOH A O   1 
HETATM 818 O O   . HOH B 2 .   ? -5.553  -0.230  13.721  0.50 41.12 ? 411 HOH A O   1 
HETATM 819 O O   . HOH B 2 .   ? 0.172   -4.297  11.946  1.00 19.73 ? 412 HOH A O   1 
HETATM 820 O O   . HOH B 2 .   ? -11.137 11.390  1.000   1.00 25.03 ? 413 HOH A O   1 
HETATM 821 O O   . HOH B 2 .   ? -12.528 7.079   1.300   1.00 30.55 ? 414 HOH A O   1 
HETATM 822 O O   . HOH B 2 .   ? -9.056  9.535   -4.605  1.00 19.45 ? 415 HOH A O   1 
HETATM 823 O O   . HOH B 2 .   ? -7.440  10.526  -6.543  1.00 23.64 ? 416 HOH A O   1 
HETATM 824 O O   . HOH B 2 .   ? -1.204  15.567  -9.250  1.00 31.79 ? 417 HOH A O   1 
HETATM 825 O O   . HOH B 2 .   ? 1.884   17.502  -6.366  1.00 29.88 ? 418 HOH A O   1 
HETATM 826 O O   . HOH B 2 .   ? -0.334  15.524  -0.333  1.00 42.02 ? 419 HOH A O   1 
HETATM 827 O O   . HOH B 2 .   ? 1.853   11.929  -2.516  1.00 22.81 ? 420 HOH A O   1 
HETATM 828 O O   . HOH B 2 .   ? 10.360  4.398   1.177   1.00 25.74 ? 421 HOH A O   1 
HETATM 829 O O   . HOH B 2 .   ? 10.578  8.082   4.128   1.00 34.75 ? 422 HOH A O   1 
HETATM 830 O O   . HOH B 2 .   ? 9.087   7.277   8.680   1.00 31.05 ? 423 HOH A O   1 
HETATM 831 O O   . HOH B 2 .   ? 15.275  5.323   -6.791  1.00 27.43 ? 424 HOH A O   1 
HETATM 832 O O   . HOH B 2 .   ? 17.937  2.228   -4.790  1.00 28.59 ? 425 HOH A O   1 
HETATM 833 O O   . HOH B 2 .   ? 19.571  2.039   -2.500  0.50 47.79 ? 426 HOH A O   1 
HETATM 834 O O   . HOH B 2 .   ? 19.014  6.394   -1.515  1.00 39.78 ? 427 HOH A O   1 
HETATM 835 O O   . HOH B 2 .   ? 14.641  10.281  0.241   1.00 23.14 ? 428 HOH A O   1 
HETATM 836 O O   . HOH B 2 .   ? 7.796   8.593   -11.940 1.00 36.25 ? 429 HOH A O   1 
HETATM 837 O O   . HOH B 2 .   ? -0.847  1.974   -9.907  1.00 27.82 ? 430 HOH A O   1 
HETATM 838 O O   . HOH B 2 .   ? -2.765  1.593   -11.895 1.00 38.05 ? 431 HOH A O   1 
HETATM 839 O O   . HOH B 2 .   ? -4.629  -0.386  -11.657 1.00 27.96 ? 432 HOH A O   1 
HETATM 840 O O   . HOH B 2 .   ? -11.800 4.074   -12.825 1.00 32.48 ? 433 HOH A O   1 
HETATM 841 O O   . HOH B 2 .   ? 4.063   -16.671 0.661   1.00 22.09 ? 434 HOH A O   1 
HETATM 842 O O   . HOH B 2 .   ? 0.212   -15.139 -2.501  1.00 31.61 ? 435 HOH A O   1 
HETATM 843 O O   . HOH B 2 .   ? -10.103 -5.461  2.554   1.00 27.90 ? 436 HOH A O   1 
HETATM 844 O O   . HOH B 2 .   ? -15.826 1.395   -12.981 1.00 33.13 ? 437 HOH A O   1 
HETATM 845 O O   . HOH B 2 .   ? -7.541  11.408  5.474   1.00 34.70 ? 438 HOH A O   1 
HETATM 846 O O   . HOH B 2 .   ? -11.078 1.268   6.661   1.00 34.14 ? 439 HOH A O   1 
HETATM 847 O O   . HOH B 2 .   ? -2.264  14.195  -10.583 1.00 43.87 ? 440 HOH A O   1 
HETATM 848 O O   . HOH B 2 .   ? -3.699  -9.318  -2.886  1.00 35.34 ? 441 HOH A O   1 
HETATM 849 O O   . HOH B 2 .   ? -6.167  -11.848 -1.159  1.00 31.90 ? 442 HOH A O   1 
HETATM 850 O O   . HOH B 2 .   ? 7.172   -6.368  -7.096  1.00 43.57 ? 443 HOH A O   1 
HETATM 851 O O   . HOH B 2 .   ? 11.891  -4.925  -6.285  1.00 34.91 ? 444 HOH A O   1 
HETATM 852 O O   . HOH B 2 .   ? 9.251   2.138   2.242   1.00 24.35 ? 445 HOH A O   1 
HETATM 853 O O   . HOH B 2 .   ? -2.060  1.907   13.566  0.50 4.54  ? 446 HOH A O   1 
# 
loop_
_atom_site_anisotrop.id 
_atom_site_anisotrop.type_symbol 
_atom_site_anisotrop.pdbx_label_atom_id 
_atom_site_anisotrop.pdbx_label_alt_id 
_atom_site_anisotrop.pdbx_label_comp_id 
_atom_site_anisotrop.pdbx_label_asym_id 
_atom_site_anisotrop.pdbx_label_seq_id 
_atom_site_anisotrop.pdbx_PDB_ins_code 
_atom_site_anisotrop.U[1][1] 
_atom_site_anisotrop.U[2][2] 
_atom_site_anisotrop.U[3][3] 
_atom_site_anisotrop.U[1][2] 
_atom_site_anisotrop.U[1][3] 
_atom_site_anisotrop.U[2][3] 
_atom_site_anisotrop.pdbx_auth_seq_id 
_atom_site_anisotrop.pdbx_auth_comp_id 
_atom_site_anisotrop.pdbx_auth_asym_id 
_atom_site_anisotrop.pdbx_auth_atom_id 
1   N N   . ILE A 7   ? 0.3130 0.3846 0.3483 0.0326  0.0691  -0.0190 286 ILE A N   
2   C CA  . ILE A 7   ? 0.3137 0.3822 0.3565 0.0234  0.0610  -0.0105 286 ILE A CA  
3   C C   . ILE A 7   ? 0.2873 0.3707 0.3339 0.0168  0.0666  -0.0009 286 ILE A C   
4   O O   . ILE A 7   ? 0.2700 0.3720 0.3287 0.0187  0.0754  0.0026  286 ILE A O   
5   C CB  . ILE A 7   ? 0.3777 0.4506 0.4428 0.0253  0.0556  -0.0086 286 ILE A CB  
6   C CG1 . ILE A 7   ? 0.3510 0.4181 0.4214 0.0180  0.0456  -0.0030 286 ILE A CG1 
7   C CG2 . ILE A 7   ? 0.4233 0.5195 0.5099 0.0280  0.0633  -0.0052 286 ILE A CG2 
8   C CD1 . ILE A 7   ? 0.3802 0.4280 0.4354 0.0170  0.0379  -0.0060 286 ILE A CD1 
9   N N   . GLN A 8   ? 0.2376 0.3135 0.2761 0.0091  0.0614  0.0043  287 GLN A N   
10  C CA  . GLN A 8   ? 0.2207 0.3074 0.2662 0.0017  0.0645  0.0156  287 GLN A CA  
11  C C   . GLN A 8   ? 0.2053 0.2903 0.2701 -0.0045 0.0555  0.0212  287 GLN A C   
12  O O   . GLN A 8   ? 0.1901 0.2649 0.2577 -0.0031 0.0467  0.0164  287 GLN A O   
13  C CB  . GLN A 8   ? 0.2471 0.3267 0.2708 -0.0021 0.0644  0.0185  287 GLN A CB  
14  C CG  . GLN A 8   ? 0.2898 0.3707 0.2916 0.0042  0.0715  0.0118  287 GLN A CG  
15  C CD  . GLN A 8   ? 0.3325 0.4335 0.3359 0.0075  0.0850  0.0157  287 GLN A CD  
16  O OE1 . GLN A 8   ? 0.3297 0.4444 0.3464 0.0023  0.0900  0.0277  287 GLN A OE1 
17  N NE2 . GLN A 8   ? 0.3766 0.4799 0.3669 0.0167  0.0914  0.0053  287 GLN A NE2 
18  N N   . ARG A 9   ? 0.1922 0.2864 0.2689 -0.0117 0.0575  0.0319  288 ARG A N   
19  C CA  . ARG A 9   ? 0.1976 0.2893 0.2940 -0.0183 0.0478  0.0366  288 ARG A CA  
20  C C   . ARG A 9   ? 0.1909 0.2625 0.2743 -0.0197 0.0368  0.0331  288 ARG A C   
21  O O   . ARG A 9   ? 0.1906 0.2553 0.2568 -0.0207 0.0377  0.0346  288 ARG A O   
22  C CB  . ARG A 9   ? 0.2268 0.3303 0.3374 -0.0268 0.0529  0.0503  288 ARG A CB  
23  C CG  . ARG A 9   ? 0.2673 0.3633 0.3951 -0.0353 0.0418  0.0561  288 ARG A CG  
24  C CD  . ARG A 9   ? 0.3014 0.4112 0.4496 -0.0444 0.0477  0.0709  288 ARG A CD  
25  N NE  . ARG A 9   ? 0.3857 0.5062 0.5655 -0.0472 0.0433  0.0709  288 ARG A NE  
26  C CZ  . ARG A 9   ? 0.4207 0.5644 0.6234 -0.0483 0.0521  0.0760  288 ARG A CZ  
27  N NH1 . ARG A 9   ? 0.4653 0.6279 0.6655 -0.0475 0.0689  0.0842  288 ARG A NH1 
28  N NH2 . ARG A 9   ? 0.5102 0.6598 0.7412 -0.0507 0.0432  0.0736  288 ARG A NH2 
29  N N   . PRO A 10  ? 0.1750 0.2388 0.2664 -0.0188 0.0263  0.0281  289 PRO A N   
30  C CA  . PRO A 10  ? 0.1707 0.2180 0.2504 -0.0190 0.0170  0.0245  289 PRO A CA  
31  C C   . PRO A 10  ? 0.1670 0.2103 0.2477 -0.0260 0.0149  0.0327  289 PRO A C   
32  O O   . PRO A 10  ? 0.1732 0.2236 0.2719 -0.0320 0.0153  0.0407  289 PRO A O   
33  C CB  . PRO A 10  ? 0.1916 0.2364 0.2836 -0.0172 0.0070  0.0196  289 PRO A CB  
34  C CG  . PRO A 10  ? 0.1898 0.2465 0.2916 -0.0129 0.0116  0.0177  289 PRO A CG  
35  C CD  . PRO A 10  ? 0.2022 0.2737 0.3124 -0.0161 0.0226  0.0249  289 PRO A CD  
36  N N   . GLY A 11  ? 0.1580 0.1906 0.2216 -0.0252 0.0126  0.0314  290 GLY A N   
37  C CA  . GLY A 11  ? 0.1620 0.1880 0.2248 -0.0300 0.0090  0.0385  290 GLY A CA  
38  C C   . GLY A 11  ? 0.1646 0.1978 0.2205 -0.0331 0.0178  0.0482  290 GLY A C   
39  O O   . GLY A 11  ? 0.1756 0.2039 0.2317 -0.0374 0.0153  0.0567  290 GLY A O   
40  N N   . SER A 12  ? 0.1626 0.2078 0.2126 -0.0306 0.0282  0.0477  291 SER A N   
41  C CA  . SER A 12  ? 0.1727 0.2273 0.2150 -0.0328 0.0376  0.0574  291 SER A CA  
42  C C   . SER A 12  ? 0.1766 0.2250 0.1935 -0.0299 0.0375  0.0554  291 SER A C   
43  O O   . SER A 12  ? 0.1716 0.2118 0.1780 -0.0257 0.0328  0.0452  291 SER A O   
44  C CB  . SER A 12  ? 0.1829 0.2550 0.2289 -0.0299 0.0498  0.0570  291 SER A CB  
45  O OG  . SER A 12  ? 0.2197 0.2890 0.2517 -0.0225 0.0509  0.0447  291 SER A OG  
46  N N   . GLY A 13  ? 0.1928 0.2461 0.2007 -0.0325 0.0424  0.0663  292 GLY A N   
47  C CA  . GLY A 13  ? 0.2119 0.2616 0.1948 -0.0297 0.0419  0.0658  292 GLY A CA  
48  C C   . GLY A 13  ? 0.2275 0.2843 0.1931 -0.0232 0.0490  0.0562  292 GLY A C   
49  O O   . GLY A 13  ? 0.2521 0.3022 0.1994 -0.0201 0.0447  0.0492  292 GLY A O   
50  N N   . GLN A 14  ? 0.2295 0.2985 0.2024 -0.0211 0.0588  0.0547  293 GLN A N   
51  C CA  . GLN A 14  ? 0.2654 0.3398 0.2239 -0.0135 0.0655  0.0433  293 GLN A CA  
52  C C   . GLN A 14  ? 0.2366 0.3006 0.1968 -0.0094 0.0596  0.0286  293 GLN A C   
53  O O   . GLN A 14  ? 0.2374 0.3022 0.1864 -0.0031 0.0633  0.0184  293 GLN A O   
54  C CB  . GLN A 14  ? 0.3340 0.4273 0.3015 -0.0114 0.0789  0.0474  293 GLN A CB  
55  C CG  . GLN A 14  ? 0.4467 0.5521 0.4021 -0.0131 0.0880  0.0605  293 GLN A CG  
56  C CD  . GLN A 14  ? 0.5509 0.6777 0.5245 -0.0146 0.1014  0.0706  293 GLN A CD  
57  O OE1 . GLN A 14  ? 0.5968 0.7279 0.5990 -0.0177 0.1006  0.0717  293 GLN A OE1 
58  N NE2 . GLN A 14  ? 0.6217 0.7633 0.5796 -0.0126 0.1135  0.0791  293 GLN A NE2 
59  N N   . ILE A 15  ? 0.1960 0.2504 0.1699 -0.0124 0.0507  0.0277  294 ILE A N   
60  C CA  . ILE A 15  ? 0.1888 0.2337 0.1658 -0.0092 0.0456  0.0166  294 ILE A CA  
61  C C   . ILE A 15  ? 0.1949 0.2314 0.1531 -0.0062 0.0426  0.0075  294 ILE A C   
62  O O   . ILE A 15  ? 0.1953 0.2291 0.1396 -0.0080 0.0391  0.0093  294 ILE A O   
63  C CB  . ILE A 15  ? 0.1837 0.2204 0.1741 -0.0129 0.0365  0.0190  294 ILE A CB  
64  C CG1 . ILE A 15  ? 0.1720 0.2030 0.1700 -0.0097 0.0331  0.0113  294 ILE A CG1 
65  C CG2 . ILE A 15  ? 0.1798 0.2076 0.1606 -0.0153 0.0291  0.0202  294 ILE A CG2 
66  C CD1 . ILE A 15  ? 0.1721 0.1983 0.1827 -0.0118 0.0257  0.0131  294 ILE A CD1 
67  N N   . GLN A 16  ? 0.1963 0.2279 0.1546 -0.0018 0.0429  -0.0025 295 GLN A N   
68  C CA  . GLN A 16  ? 0.2161 0.2372 0.1623 -0.0006 0.0377  -0.0116 295 GLN A CA  
69  C C   . GLN A 16  ? 0.1869 0.1981 0.1396 -0.0043 0.0292  -0.0115 295 GLN A C   
70  O O   . GLN A 16  ? 0.1729 0.1835 0.1384 -0.0055 0.0276  -0.0077 295 GLN A O   
71  C CB  . GLN A 16  ? 0.2356 0.2530 0.1793 0.0056  0.0411  -0.0223 295 GLN A CB  
72  C CG  . GLN A 16  ? 0.2886 0.3175 0.2239 0.0113  0.0508  -0.0242 295 GLN A CG  
73  C CD  . GLN A 16  ? 0.3649 0.3965 0.2790 0.0110  0.0507  -0.0247 295 GLN A CD  
74  O OE1 . GLN A 16  ? 0.4858 0.5291 0.3954 0.0095  0.0559  -0.0151 295 GLN A OE1 
75  N NE2 . GLN A 16  ? 0.4114 0.4318 0.3128 0.0119  0.0439  -0.0350 295 GLN A NE2 
76  N N   . LEU A 17  ? 0.1892 0.1940 0.1329 -0.0057 0.0236  -0.0164 296 LEU A N   
77  C CA  . LEU A 17  ? 0.1819 0.1806 0.1326 -0.0092 0.0168  -0.0155 296 LEU A CA  
78  C C   . LEU A 17  ? 0.1790 0.1723 0.1415 -0.0080 0.0171  -0.0165 296 LEU A C   
79  O O   . LEU A 17  ? 0.1749 0.1679 0.1452 -0.0095 0.0145  -0.0123 296 LEU A O   
80  C CB  . LEU A 17  ? 0.1921 0.1867 0.1347 -0.0110 0.0110  -0.0211 296 LEU A CB  
81  C CG  . LEU A 17  ? 0.1989 0.1907 0.1504 -0.0147 0.0050  -0.0199 296 LEU A CG  
82  C CD1 . LEU A 17  ? 0.1881 0.1849 0.1454 -0.0157 0.0031  -0.0120 296 LEU A CD1 
83  C CD2 . LEU A 17  ? 0.2256 0.2154 0.1715 -0.0171 -0.0014 -0.0257 296 LEU A CD2 
84  N N   . TRP A 18  ? 0.2078 0.1959 0.1702 -0.0048 0.0196  -0.0226 297 TRP A N   
85  C CA  . TRP A 18  ? 0.2046 0.1865 0.1769 -0.0031 0.0194  -0.0222 297 TRP A CA  
86  C C   . TRP A 18  ? 0.1881 0.1762 0.1691 -0.0017 0.0207  -0.0162 297 TRP A C   
87  O O   . TRP A 18  ? 0.1974 0.1832 0.1837 -0.0021 0.0179  -0.0129 297 TRP A O   
88  C CB  . TRP A 18  ? 0.2289 0.2032 0.2002 0.0013  0.0216  -0.0294 297 TRP A CB  
89  C CG  . TRP A 18  ? 0.2306 0.2121 0.2019 0.0071  0.0277  -0.0315 297 TRP A CG  
90  C CD1 . TRP A 18  ? 0.2587 0.2444 0.2199 0.0099  0.0315  -0.0369 297 TRP A CD1 
91  C CD2 . TRP A 18  ? 0.2382 0.2254 0.2206 0.0114  0.0309  -0.0283 297 TRP A CD2 
92  N NE1 . TRP A 18  ? 0.2646 0.2605 0.2308 0.0154  0.0386  -0.0364 297 TRP A NE1 
93  C CE2 . TRP A 18  ? 0.2455 0.2418 0.2264 0.0161  0.0375  -0.0313 297 TRP A CE2 
94  C CE3 . TRP A 18  ? 0.2350 0.2216 0.2280 0.0120  0.0283  -0.0230 297 TRP A CE3 
95  C CZ2 . TRP A 18  ? 0.2513 0.2574 0.2447 0.0208  0.0416  -0.0291 297 TRP A CZ2 
96  C CZ3 . TRP A 18  ? 0.2267 0.2212 0.2304 0.0169  0.0309  -0.0217 297 TRP A CZ3 
97  C CH2 . TRP A 18  ? 0.2468 0.2516 0.2523 0.0206  0.0373  -0.0242 297 TRP A CH2 
98  N N   . GLN A 19  ? 0.1824 0.1795 0.1650 -0.0005 0.0245  -0.0141 298 GLN A N   
99  C CA  . GLN A 19  ? 0.1704 0.1736 0.1644 0.0002  0.0244  -0.0092 298 GLN A CA  
100 C C   . GLN A 19  ? 0.1569 0.1610 0.1528 -0.0038 0.0197  -0.0041 298 GLN A C   
101 O O   . GLN A 19  ? 0.1399 0.1437 0.1436 -0.0032 0.0159  -0.0022 298 GLN A O   
102 C CB  . GLN A 19  ? 0.1704 0.1846 0.1692 0.0022  0.0306  -0.0079 298 GLN A CB  
103 C CG  . GLN A 19  ? 0.1799 0.2009 0.1946 0.0023  0.0293  -0.0035 298 GLN A CG  
104 C CD  . GLN A 19  ? 0.1811 0.2163 0.2054 0.0024  0.0356  0.0001  298 GLN A CD  
105 O OE1 . GLN A 19  ? 0.2193 0.2604 0.2379 0.0052  0.0431  -0.0020 298 GLN A OE1 
106 N NE2 . GLN A 19  ? 0.2040 0.2455 0.2443 0.0000  0.0325  0.0049  298 GLN A NE2 
107 N N   . PHE A 20  ? 0.1405 0.1451 0.1288 -0.0070 0.0189  -0.0026 299 PHE A N   
108 C CA  . PHE A 20  ? 0.1442 0.1481 0.1345 -0.0097 0.0137  0.0016  299 PHE A CA  
109 C C   . PHE A 20  ? 0.1423 0.1409 0.1339 -0.0086 0.0096  -0.0006 299 PHE A C   
110 O O   . PHE A 20  ? 0.1338 0.1317 0.1305 -0.0079 0.0058  0.0009  299 PHE A O   
111 C CB  . PHE A 20  ? 0.1547 0.1597 0.1358 -0.0122 0.0131  0.0036  299 PHE A CB  
112 C CG  . PHE A 20  ? 0.1520 0.1550 0.1351 -0.0138 0.0071  0.0076  299 PHE A CG  
113 C CD1 . PHE A 20  ? 0.1565 0.1604 0.1461 -0.0154 0.0054  0.0139  299 PHE A CD1 
114 C CD2 . PHE A 20  ? 0.1715 0.1723 0.1514 -0.0137 0.0031  0.0051  299 PHE A CD2 
115 C CE1 . PHE A 20  ? 0.1630 0.1630 0.1548 -0.0157 -0.0009 0.0166  299 PHE A CE1 
116 C CE2 . PHE A 20  ? 0.1697 0.1696 0.1526 -0.0136 -0.0023 0.0080  299 PHE A CE2 
117 C CZ  . PHE A 20  ? 0.1609 0.1594 0.1488 -0.0142 -0.0044 0.0134  299 PHE A CZ  
118 N N   . LEU A 21  ? 0.1621 0.1569 0.1491 -0.0084 0.0103  -0.0040 300 LEU A N   
119 C CA  . LEU A 21  ? 0.1545 0.1465 0.1433 -0.0076 0.0081  -0.0043 300 LEU A CA  
120 C C   . LEU A 21  ? 0.1606 0.1510 0.1531 -0.0040 0.0081  -0.0037 300 LEU A C   
121 O O   . LEU A 21  ? 0.1419 0.1328 0.1351 -0.0020 0.0057  -0.0026 300 LEU A O   
122 C CB  . LEU A 21  ? 0.1657 0.1542 0.1517 -0.0097 0.0088  -0.0068 300 LEU A CB  
123 C CG  . LEU A 21  ? 0.1870 0.1774 0.1691 -0.0130 0.0066  -0.0084 300 LEU A CG  
124 C CD1 . LEU A 21  ? 0.2204 0.2062 0.2026 -0.0158 0.0059  -0.0122 300 LEU A CD1 
125 C CD2 . LEU A 21  ? 0.1922 0.1878 0.1768 -0.0135 0.0029  -0.0055 300 LEU A CD2 
126 N N   . LEU A 22  ? 0.1524 0.1417 0.1469 -0.0019 0.0105  -0.0047 301 LEU A N   
127 C CA  . LEU A 22  ? 0.1688 0.1578 0.1674 0.0022  0.0090  -0.0038 301 LEU A CA  
128 C C   . LEU A 22  ? 0.1534 0.1470 0.1573 0.0027  0.0047  -0.0028 301 LEU A C   
129 O O   . LEU A 22  ? 0.1601 0.1530 0.1640 0.0059  0.0008  -0.0030 301 LEU A O   
130 C CB  . LEU A 22  ? 0.1853 0.1738 0.1878 0.0054  0.0116  -0.0052 301 LEU A CB  
131 C CG  . LEU A 22  ? 0.1955 0.1758 0.1948 0.0067  0.0139  -0.0068 301 LEU A CG  
132 C CD1 . LEU A 22  ? 0.2135 0.1950 0.2184 0.0113  0.0163  -0.0094 301 LEU A CD1 
133 C CD2 . LEU A 22  ? 0.2033 0.1774 0.2003 0.0084  0.0119  -0.0033 301 LEU A CD2 
134 N N   . GLU A 23  ? 0.1613 0.1589 0.1692 -0.0006 0.0050  -0.0017 302 GLU A N   
135 C CA  . GLU A 23  ? 0.1616 0.1615 0.1772 -0.0016 0.0000  -0.0003 302 GLU A CA  
136 C C   . GLU A 23  ? 0.1518 0.1474 0.1629 -0.0002 -0.0050 -0.0018 302 GLU A C   
137 O O   . GLU A 23  ? 0.1651 0.1596 0.1797 0.0024  -0.0109 -0.0038 302 GLU A O   
138 C CB  . GLU A 23  ? 0.1841 0.1882 0.2038 -0.0063 0.0026  0.0035  302 GLU A CB  
139 C CG  . GLU A 23  ? 0.2475 0.2526 0.2783 -0.0089 -0.0025 0.0064  302 GLU A CG  
140 C CD  . GLU A 23  ? 0.2957 0.3061 0.3309 -0.0140 0.0017  0.0131  302 GLU A CD  
141 O OE1 . GLU A 23  ? 0.2941 0.3125 0.3318 -0.0143 0.0086  0.0148  302 GLU A OE1 
142 O OE2 . GLU A 23  ? 0.3378 0.3439 0.3733 -0.0168 -0.0019 0.0166  302 GLU A OE2 
143 N N   . LEU A 24  ? 0.1358 0.1302 0.1405 -0.0014 -0.0033 -0.0015 303 LEU A N   
144 C CA  . LEU A 24  ? 0.1485 0.1413 0.1506 0.0012  -0.0070 -0.0032 303 LEU A CA  
145 C C   . LEU A 24  ? 0.1437 0.1364 0.1406 0.0062  -0.0068 -0.0053 303 LEU A C   
146 O O   . LEU A 24  ? 0.1567 0.1489 0.1516 0.0106  -0.0107 -0.0081 303 LEU A O   
147 C CB  . LEU A 24  ? 0.1655 0.1596 0.1641 -0.0009 -0.0051 -0.0021 303 LEU A CB  
148 C CG  . LEU A 24  ? 0.2083 0.2025 0.2082 -0.0047 -0.0061 0.0009  303 LEU A CG  
149 C CD1 . LEU A 24  ? 0.2139 0.2104 0.2105 -0.0054 -0.0061 0.0010  303 LEU A CD1 
150 C CD2 . LEU A 24  ? 0.2503 0.2414 0.2562 -0.0045 -0.0114 0.0024  303 LEU A CD2 
151 N N   . LEU A 25  ? 0.1314 0.1239 0.1253 0.0059  -0.0023 -0.0038 304 LEU A N   
152 C CA  . LEU A 25  ? 0.1422 0.1342 0.1298 0.0103  -0.0012 -0.0031 304 LEU A CA  
153 C C   . LEU A 25  ? 0.1633 0.1548 0.1501 0.0152  -0.0061 -0.0048 304 LEU A C   
154 O O   . LEU A 25  ? 0.1598 0.1517 0.1385 0.0207  -0.0074 -0.0051 304 LEU A O   
155 C CB  . LEU A 25  ? 0.1379 0.1274 0.1244 0.0081  0.0039  -0.0001 304 LEU A CB  
156 C CG  . LEU A 25  ? 0.1428 0.1332 0.1298 0.0037  0.0077  0.0013  304 LEU A CG  
157 C CD1 . LEU A 25  ? 0.1665 0.1514 0.1550 0.0004  0.0105  0.0021  304 LEU A CD1 
158 C CD2 . LEU A 25  ? 0.1506 0.1455 0.1347 0.0057  0.0099  0.0039  304 LEU A CD2 
159 N N   . SER A 26  ? 0.1550 0.1466 0.1501 0.0137  -0.0088 -0.0056 305 SER A N   
160 C CA  . SER A 26  ? 0.1679 0.1600 0.1654 0.0177  -0.0151 -0.0077 305 SER A CA  
161 C C   . SER A 26  ? 0.1737 0.1650 0.1693 0.0210  -0.0229 -0.0126 305 SER A C   
162 O O   . SER A 26  ? 0.2037 0.1950 0.1977 0.0256  -0.0296 -0.0155 305 SER A O   
163 C CB  . SER A 26  ? 0.1910 0.1866 0.2026 0.0143  -0.0156 -0.0070 305 SER A CB  
164 O OG  . SER A 26  ? 0.2114 0.2083 0.2316 0.0096  -0.0179 -0.0074 305 SER A OG  
165 N N   . ASP A 27  ? 0.1684 0.1582 0.1651 0.0189  -0.0233 -0.0141 306 ASP A N   
166 C CA  . ASP A 27  ? 0.1744 0.1612 0.1699 0.0228  -0.0310 -0.0202 306 ASP A CA  
167 C C   . ASP A 27  ? 0.1648 0.1529 0.1483 0.0280  -0.0273 -0.0216 306 ASP A C   
168 O O   . ASP A 27  ? 0.1505 0.1399 0.1355 0.0254  -0.0228 -0.0195 306 ASP A O   
169 C CB  . ASP A 27  ? 0.1997 0.1834 0.2082 0.0170  -0.0344 -0.0197 306 ASP A CB  
170 C CG  . ASP A 27  ? 0.2608 0.2380 0.2706 0.0205  -0.0437 -0.0266 306 ASP A CG  
171 O OD1 . ASP A 27  ? 0.2614 0.2377 0.2605 0.0285  -0.0469 -0.0330 306 ASP A OD1 
172 O OD2 . ASP A 27  ? 0.2913 0.2638 0.3135 0.0157  -0.0480 -0.0253 306 ASP A OD2 
173 N N   . SER A 28  ? 0.1680 0.1574 0.1392 0.0357  -0.0291 -0.0249 307 SER A N   
174 C CA  . SER A 28  ? 0.1879 0.1820 0.1473 0.0415  -0.0235 -0.0253 307 SER A CA  
175 C C   . SER A 28  ? 0.1819 0.1752 0.1445 0.0438  -0.0255 -0.0306 307 SER A C   
176 O O   . SER A 28  ? 0.1663 0.1662 0.1254 0.0466  -0.0188 -0.0294 307 SER A O   
177 C CB  . SER A 28  ? 0.2068 0.2027 0.1497 0.0510  -0.0261 -0.0285 307 SER A CB  
178 O OG  . SER A 28  ? 0.2735 0.2647 0.2158 0.0560  -0.0368 -0.0384 307 SER A OG  
179 N N   . SER A 29  ? 0.1740 0.1596 0.1460 0.0423  -0.0347 -0.0357 308 SER A N   
180 C CA  . SER A 29  ? 0.1850 0.1675 0.1616 0.0448  -0.0375 -0.0400 308 SER A CA  
181 C C   . SER A 29  ? 0.1731 0.1591 0.1571 0.0393  -0.0314 -0.0335 308 SER A C   
182 O O   . SER A 29  ? 0.1856 0.1714 0.1719 0.0435  -0.0326 -0.0366 308 SER A O   
183 C CB  . SER A 29  ? 0.2220 0.1932 0.2080 0.0441  -0.0499 -0.0463 308 SER A CB  
184 O OG  . SER A 29  ? 0.2339 0.2017 0.2340 0.0341  -0.0505 -0.0394 308 SER A OG  
185 N N   . ASN A 30  ? 0.1514 0.1406 0.1383 0.0316  -0.0254 -0.0257 309 ASN A N   
186 C CA  . ASN A 30  ? 0.1547 0.1482 0.1463 0.0265  -0.0199 -0.0201 309 ASN A CA  
187 C C   . ASN A 30  ? 0.1541 0.1577 0.1418 0.0285  -0.0122 -0.0180 309 ASN A C   
188 O O   . ASN A 30  ? 0.1518 0.1597 0.1447 0.0239  -0.0089 -0.0140 309 ASN A O   
189 C CB  . ASN A 30  ? 0.1602 0.1523 0.1561 0.0177  -0.0177 -0.0141 309 ASN A CB  
190 C CG  . ASN A 30  ? 0.1799 0.1653 0.1834 0.0141  -0.0235 -0.0135 309 ASN A CG  
191 O OD1 . ASN A 30  ? 0.1850 0.1658 0.1938 0.0143  -0.0286 -0.0139 309 ASN A OD1 
192 N ND2 . ASN A 30  ? 0.1673 0.1526 0.1733 0.0105  -0.0228 -0.0116 309 ASN A ND2 
193 N N   . SER A 31  ? 0.1554 0.1634 0.1342 0.0356  -0.0096 -0.0207 310 SER A N   
194 C CA  . SER A 31  ? 0.1509 0.1700 0.1268 0.0361  -0.0002 -0.0158 310 SER A CA  
195 C C   . SER A 31  ? 0.1615 0.1904 0.1453 0.0375  0.0030  -0.0156 310 SER A C   
196 O O   . SER A 31  ? 0.1739 0.2128 0.1612 0.0344  0.0105  -0.0100 310 SER A O   
197 C CB  . SER A 31  ? 0.1713 0.1937 0.1340 0.0435  0.0027  -0.0167 310 SER A CB  
198 O OG  . SER A 31  ? 0.1687 0.1851 0.1260 0.0409  0.0015  -0.0137 310 SER A OG  
199 N N   . SER A 32  ? 0.1549 0.1812 0.1436 0.0417  -0.0031 -0.0211 311 SER A N   
200 C CA  . SER A 32  ? 0.1687 0.2042 0.1671 0.0432  -0.0016 -0.0207 311 SER A CA  
201 C C   . SER A 32  ? 0.1726 0.2089 0.1805 0.0336  -0.0022 -0.0149 311 SER A C   
202 O O   . SER A 32  ? 0.1691 0.2167 0.1868 0.0338  -0.0004 -0.0134 311 SER A O   
203 C CB  . SER A 32  ? 0.1960 0.2262 0.1974 0.0516  -0.0092 -0.0282 311 SER A CB  
204 O OG  . SER A 32  ? 0.2641 0.2965 0.2561 0.0631  -0.0084 -0.0360 311 SER A OG  
205 N N   . CYS A 33  ? 0.1530 0.1797 0.1584 0.0262  -0.0045 -0.0123 312 CYS A N   
206 C CA  . CYS A 33  ? 0.1587 0.1867 0.1694 0.0176  -0.0044 -0.0078 312 CYS A CA  
207 C C   . CYS A 33  ? 0.1478 0.1745 0.1555 0.0109  0.0003  -0.0043 312 CYS A C   
208 O O   . CYS A 33  ? 0.1474 0.1783 0.1603 0.0051  0.0017  -0.0018 312 CYS A O   
209 C CB  . CYS A 33  ? 0.1877 0.2073 0.1994 0.0150  -0.0112 -0.0072 312 CYS A CB  
210 S SG  . CYS A 33  ? 0.2354 0.2424 0.2415 0.0113  -0.0137 -0.0063 312 CYS A SG  
211 N N   . ILE A 34  ? 0.1321 0.1527 0.1323 0.0119  0.0019  -0.0045 313 ILE A N   
212 C CA  . ILE A 34  ? 0.1313 0.1488 0.1292 0.0066  0.0059  -0.0013 313 ILE A CA  
213 C C   . ILE A 34  ? 0.1278 0.1424 0.1178 0.0114  0.0077  -0.0010 313 ILE A C   
214 O O   . ILE A 34  ? 0.1404 0.1510 0.1265 0.0158  0.0033  -0.0047 313 ILE A O   
215 C CB  . ILE A 34  ? 0.1410 0.1509 0.1386 0.0012  0.0032  -0.0015 313 ILE A CB  
216 C CG1 . ILE A 34  ? 0.1435 0.1494 0.1398 -0.0029 0.0069  0.0005  313 ILE A CG1 
217 C CG2 . ILE A 34  ? 0.1582 0.1620 0.1533 0.0031  -0.0007 -0.0031 313 ILE A CG2 
218 C CD1 . ILE A 34  ? 0.1552 0.1559 0.1506 -0.0074 0.0055  -0.0011 313 ILE A CD1 
219 N N   . THR A 35  ? 0.1244 0.1411 0.1124 0.0103  0.0134  0.0036  314 THR A N   
220 C CA  . THR A 35  ? 0.1334 0.1488 0.1118 0.0159  0.0150  0.0051  314 THR A CA  
221 C C   . THR A 35  ? 0.1410 0.1522 0.1186 0.0122  0.0192  0.0117  314 THR A C   
222 O O   . THR A 35  ? 0.1320 0.1446 0.1172 0.0059  0.0228  0.0158  314 THR A O   
223 C CB  . THR A 35  ? 0.1482 0.1738 0.1216 0.0234  0.0182  0.0046  314 THR A CB  
224 O OG1 . THR A 35  ? 0.1634 0.1869 0.1235 0.0308  0.0170  0.0036  314 THR A OG1 
225 C CG2 . THR A 35  ? 0.1656 0.2013 0.1433 0.0210  0.0266  0.0116  314 THR A CG2 
226 N N   . TRP A 36  ? 0.1399 0.1457 0.1093 0.0161  0.0179  0.0131  315 TRP A N   
227 C CA  . TRP A 36  ? 0.1529 0.1539 0.1208 0.0141  0.0219  0.0209  315 TRP A CA  
228 C C   . TRP A 36  ? 0.1710 0.1800 0.1371 0.0143  0.0294  0.0290  315 TRP A C   
229 O O   . TRP A 36  ? 0.1589 0.1775 0.1178 0.0204  0.0317  0.0284  315 TRP A O   
230 C CB  . TRP A 36  ? 0.1702 0.1650 0.1288 0.0202  0.0179  0.0212  315 TRP A CB  
231 C CG  . TRP A 36  ? 0.1616 0.1499 0.1253 0.0195  0.0119  0.0157  315 TRP A CG  
232 C CD1 . TRP A 36  ? 0.1537 0.1422 0.1150 0.0243  0.0053  0.0104  315 TRP A CD1 
233 C CD2 . TRP A 36  ? 0.1448 0.1263 0.1168 0.0144  0.0123  0.0153  315 TRP A CD2 
234 N NE1 . TRP A 36  ? 0.1495 0.1342 0.1191 0.0219  0.0029  0.0080  315 TRP A NE1 
235 C CE2 . TRP A 36  ? 0.1501 0.1300 0.1246 0.0169  0.0074  0.0107  315 TRP A CE2 
236 C CE3 . TRP A 36  ? 0.1674 0.1434 0.1454 0.0084  0.0159  0.0180  315 TRP A CE3 
237 C CZ2 . TRP A 36  ? 0.1623 0.1379 0.1443 0.0144  0.0076  0.0085  315 TRP A CZ2 
238 C CZ3 . TRP A 36  ? 0.1676 0.1363 0.1509 0.0065  0.0146  0.0144  315 TRP A CZ3 
239 C CH2 . TRP A 36  ? 0.1681 0.1378 0.1527 0.0101  0.0113  0.0099  315 TRP A CH2 
240 N N   . GLU A 37  ? 0.1787 0.1839 0.1513 0.0079  0.0338  0.0371  316 GLU A N   
241 C CA  . GLU A 37  ? 0.2316 0.2450 0.2055 0.0063  0.0421  0.0476  316 GLU A CA  
242 C C   . GLU A 37  ? 0.2486 0.2595 0.2088 0.0117  0.0455  0.0574  316 GLU A C   
243 O O   . GLU A 37  ? 0.2850 0.3072 0.2407 0.0137  0.0536  0.0662  316 GLU A O   
244 C CB  . GLU A 37  ? 0.2605 0.2698 0.2515 -0.0049 0.0437  0.0518  316 GLU A CB  
245 C CG  . GLU A 37  ? 0.3280 0.3485 0.3271 -0.0093 0.0525  0.0630  316 GLU A CG  
246 C CD  . GLU A 37  ? 0.3993 0.4121 0.3942 -0.0104 0.0573  0.0769  316 GLU A CD  
247 O OE1 . GLU A 37  ? 0.4414 0.4373 0.4301 -0.0088 0.0523  0.0769  316 GLU A OE1 
248 O OE2 . GLU A 37  ? 0.3819 0.4064 0.3812 -0.0128 0.0664  0.0887  316 GLU A OE2 
249 N N   . GLY A 38  ? 0.2688 0.2668 0.2230 0.0144  0.0396  0.0563  317 GLY A N   
250 C CA  . GLY A 38  ? 0.3056 0.2990 0.2452 0.0209  0.0401  0.0650  317 GLY A CA  
251 C C   . GLY A 38  ? 0.3482 0.3259 0.2946 0.0162  0.0391  0.0729  317 GLY A C   
252 O O   . GLY A 38  ? 0.3849 0.3534 0.3234 0.0219  0.0341  0.0745  317 GLY A O   
253 N N   . THR A 39  ? 0.3110 0.2844 0.2732 0.0062  0.0424  0.0764  318 THR A N   
254 C CA  . THR A 39  ? 0.3677 0.3229 0.3379 0.0018  0.0403  0.0820  318 THR A CA  
255 C C   . THR A 39  ? 0.3468 0.2923 0.3213 0.0033  0.0323  0.0691  318 THR A C   
256 O O   . THR A 39  ? 0.3650 0.3160 0.3447 0.0008  0.0306  0.0583  318 THR A O   
257 C CB  . THR A 39  ? 0.4031 0.3556 0.3920 -0.0102 0.0434  0.0848  318 THR A CB  
258 O OG1 . THR A 39  ? 0.4263 0.3913 0.4168 -0.0134 0.0521  0.0969  318 THR A OG1 
259 C CG2 . THR A 39  ? 0.3933 0.3237 0.3920 -0.0147 0.0396  0.0880  318 THR A CG2 
260 N N   . ASN A 40  ? 0.3372 0.2690 0.3095 0.0078  0.0279  0.0707  319 ASN A N   
261 C CA  . ASN A 40  ? 0.3677 0.2952 0.3425 0.0120  0.0216  0.0587  319 ASN A CA  
262 C C   . ASN A 40  ? 0.3116 0.2379 0.2979 0.0054  0.0207  0.0473  319 ASN A C   
263 O O   . ASN A 40  ? 0.3592 0.2741 0.3548 -0.0004 0.0208  0.0472  319 ASN A O   
264 C CB  . ASN A 40  ? 0.3909 0.3035 0.3657 0.0176  0.0176  0.0632  319 ASN A CB  
265 C CG  . ASN A 40  ? 0.3969 0.3115 0.3715 0.0257  0.0115  0.0537  319 ASN A CG  
266 O OD1 . ASN A 40  ? 0.3647 0.2923 0.3356 0.0284  0.0095  0.0466  319 ASN A OD1 
267 N ND2 . ASN A 40  ? 0.4348 0.3360 0.4154 0.0299  0.0081  0.0542  319 ASN A ND2 
268 N N   . GLY A 41  ? 0.3010 0.2383 0.2851 0.0070  0.0192  0.0381  320 GLY A N   
269 C CA  . GLY A 41  ? 0.2572 0.1949 0.2481 0.0026  0.0182  0.0279  320 GLY A CA  
270 C C   . GLY A 41  ? 0.2241 0.1695 0.2191 -0.0050 0.0205  0.0272  320 GLY A C   
271 O O   . GLY A 41  ? 0.2049 0.1520 0.2030 -0.0079 0.0188  0.0190  320 GLY A O   
272 N N   . GLU A 42  ? 0.2123 0.1626 0.2078 -0.0077 0.0245  0.0360  321 GLU A N   
273 C CA  . GLU A 42  ? 0.2050 0.1651 0.2079 -0.0144 0.0265  0.0356  321 GLU A CA  
274 C C   . GLU A 42  ? 0.1786 0.1535 0.1759 -0.0103 0.0267  0.0316  321 GLU A C   
275 O O   . GLU A 42  ? 0.1657 0.1453 0.1531 -0.0032 0.0274  0.0334  321 GLU A O   
276 C CB  . GLU A 42  ? 0.2377 0.2004 0.2456 -0.0186 0.0320  0.0473  321 GLU A CB  
277 C CG  . GLU A 42  ? 0.2643 0.2378 0.2847 -0.0263 0.0340  0.0478  321 GLU A CG  
278 C CD  . GLU A 42  ? 0.3280 0.3043 0.3581 -0.0324 0.0405  0.0617  321 GLU A CD  
279 O OE1 . GLU A 42  ? 0.3666 0.3281 0.3993 -0.0351 0.0408  0.0693  321 GLU A OE1 
280 O OE2 . GLU A 42  ? 0.3878 0.3821 0.4244 -0.0344 0.0454  0.0650  321 GLU A OE2 
281 N N   . PHE A 43  ? 0.1659 0.1469 0.1690 -0.0141 0.0249  0.0254  322 PHE A N   
282 C CA  . PHE A 43  ? 0.1576 0.1504 0.1573 -0.0103 0.0241  0.0215  322 PHE A CA  
283 C C   . PHE A 43  ? 0.1708 0.1742 0.1808 -0.0152 0.0247  0.0213  322 PHE A C   
284 O O   . PHE A 43  ? 0.1692 0.1702 0.1889 -0.0225 0.0243  0.0222  322 PHE A O   
285 C CB  . PHE A 43  ? 0.1543 0.1445 0.1498 -0.0075 0.0192  0.0138  322 PHE A CB  
286 C CG  . PHE A 43  ? 0.1661 0.1517 0.1655 -0.0125 0.0161  0.0083  322 PHE A CG  
287 C CD1 . PHE A 43  ? 0.1921 0.1665 0.1910 -0.0134 0.0154  0.0063  322 PHE A CD1 
288 C CD2 . PHE A 43  ? 0.1801 0.1721 0.1822 -0.0149 0.0133  0.0047  322 PHE A CD2 
289 C CE1 . PHE A 43  ? 0.2050 0.1757 0.2043 -0.0162 0.0129  -0.0001 322 PHE A CE1 
290 C CE2 . PHE A 43  ? 0.1725 0.1605 0.1742 -0.0182 0.0102  -0.0005 322 PHE A CE2 
291 C CZ  . PHE A 43  ? 0.1843 0.1620 0.1836 -0.0188 0.0103  -0.0034 322 PHE A CZ  
292 N N   . LYS A 44  ? 0.1609 0.1756 0.1694 -0.0107 0.0250  0.0195  323 LYS A N   
293 C CA  . LYS A 44  ? 0.1766 0.2028 0.1967 -0.0142 0.0247  0.0188  323 LYS A CA  
294 C C   . LYS A 44  ? 0.1597 0.1890 0.1768 -0.0098 0.0197  0.0121  323 LYS A C   
295 O O   . LYS A 44  ? 0.1466 0.1742 0.1546 -0.0028 0.0187  0.0097  323 LYS A O   
296 C CB  . LYS A 44  ? 0.2371 0.2770 0.2637 -0.0136 0.0318  0.0255  323 LYS A CB  
297 C CG  . LYS A 44  ? 0.2866 0.3334 0.3025 -0.0040 0.0361  0.0267  323 LYS A CG  
298 C CD  . LYS A 44  ? 0.3581 0.4184 0.3784 -0.0038 0.0461  0.0365  323 LYS A CD  
299 C CE  . LYS A 44  ? 0.3404 0.4203 0.3671 0.0015  0.0499  0.0350  323 LYS A CE  
300 N NZ  . LYS A 44  ? 0.3523 0.4440 0.3719 0.0074  0.0603  0.0426  323 LYS A NZ  
301 N N   . MET A 45  ? 0.1443 0.1775 0.1698 -0.0141 0.0153  0.0095  324 MET A N   
302 C CA  . MET A 45  ? 0.1597 0.1963 0.1845 -0.0104 0.0102  0.0052  324 MET A CA  
303 C C   . MET A 45  ? 0.1589 0.2103 0.1924 -0.0062 0.0125  0.0065  324 MET A C   
304 O O   . MET A 45  ? 0.1749 0.2371 0.2216 -0.0099 0.0122  0.0079  324 MET A O   
305 C CB  . MET A 45  ? 0.1755 0.2087 0.2018 -0.0157 0.0037  0.0022  324 MET A CB  
306 C CG  . MET A 45  ? 0.2045 0.2246 0.2209 -0.0177 0.0027  0.0000  324 MET A CG  
307 S SD  . MET A 45  ? 0.2840 0.3025 0.2979 -0.0217 -0.0046 -0.0041 324 MET A SD  
308 C CE  . MET A 45  ? 0.2996 0.3051 0.3036 -0.0235 -0.0030 -0.0074 324 MET A CE  
309 N N   . THR A 46  ? 0.1770 0.2306 0.2043 0.0021  0.0148  0.0053  325 THR A N   
310 C CA  . THR A 46  ? 0.1863 0.2539 0.2198 0.0088  0.0175  0.0049  325 THR A CA  
311 C C   . THR A 46  ? 0.1904 0.2618 0.2319 0.0109  0.0104  0.0012  325 THR A C   
312 O O   . THR A 46  ? 0.2047 0.2908 0.2576 0.0146  0.0120  0.0013  325 THR A O   
313 C CB  . THR A 46  ? 0.2593 0.3257 0.2807 0.0186  0.0203  0.0024  325 THR A CB  
314 O OG1 . THR A 46  ? 0.2576 0.3094 0.2698 0.0205  0.0133  -0.0023 325 THR A OG1 
315 C CG2 . THR A 46  ? 0.3086 0.3728 0.3216 0.0171  0.0271  0.0077  325 THR A CG2 
316 N N   . ASP A 47  ? 0.1643 0.2234 0.2005 0.0090  0.0027  -0.0011 326 ASP A N   
317 C CA  . ASP A 47  ? 0.1546 0.2163 0.1976 0.0099  -0.0049 -0.0023 326 ASP A CA  
318 C C   . ASP A 47  ? 0.1370 0.1892 0.1746 0.0023  -0.0098 -0.0014 326 ASP A C   
319 O O   . ASP A 47  ? 0.1331 0.1736 0.1611 0.0026  -0.0129 -0.0016 326 ASP A O   
320 C CB  . ASP A 47  ? 0.1698 0.2251 0.2091 0.0185  -0.0096 -0.0056 326 ASP A CB  
321 C CG  . ASP A 47  ? 0.2070 0.2650 0.2543 0.0205  -0.0174 -0.0053 326 ASP A CG  
322 O OD1 . ASP A 47  ? 0.2369 0.2979 0.2873 0.0143  -0.0210 -0.0029 326 ASP A OD1 
323 O OD2 . ASP A 47  ? 0.2718 0.3278 0.3211 0.0292  -0.0206 -0.0083 326 ASP A OD2 
324 N N   . PRO A 48  ? 0.1312 0.1883 0.1747 -0.0049 -0.0103 -0.0004 327 PRO A N   
325 C CA  . PRO A 48  ? 0.1449 0.1932 0.1807 -0.0111 -0.0144 -0.0012 327 PRO A CA  
326 C C   . PRO A 48  ? 0.1370 0.1821 0.1672 -0.0092 -0.0223 -0.0011 327 PRO A C   
327 O O   . PRO A 48  ? 0.1428 0.1786 0.1609 -0.0117 -0.0240 -0.0011 327 PRO A O   
328 C CB  . PRO A 48  ? 0.1584 0.2141 0.2051 -0.0180 -0.0149 -0.0015 327 PRO A CB  
329 C CG  . PRO A 48  ? 0.1519 0.2234 0.2147 -0.0156 -0.0129 0.0004  327 PRO A CG  
330 C CD  . PRO A 48  ? 0.1517 0.2228 0.2098 -0.0078 -0.0063 0.0013  327 PRO A CD  
331 N N   . ASP A 49  ? 0.1461 0.1993 0.1849 -0.0045 -0.0269 -0.0003 328 ASP A N   
332 C CA  . ASP A 49  ? 0.1500 0.1989 0.1833 -0.0021 -0.0348 0.0016  328 ASP A CA  
333 C C   . ASP A 49  ? 0.1493 0.1852 0.1730 0.0011  -0.0338 0.0038  328 ASP A C   
334 O O   . ASP A 49  ? 0.1611 0.1894 0.1750 -0.0003 -0.0377 0.0074  328 ASP A O   
335 C CB  . ASP A 49  ? 0.1616 0.2216 0.2083 0.0030  -0.0404 0.0021  328 ASP A CB  
336 C CG  . ASP A 49  ? 0.1888 0.2622 0.2466 -0.0017 -0.0444 0.0007  328 ASP A CG  
337 O OD1 . ASP A 49  ? 0.1858 0.2552 0.2355 -0.0085 -0.0468 -0.0006 328 ASP A OD1 
338 O OD2 . ASP A 49  ? 0.2196 0.3081 0.2951 0.0020  -0.0457 0.0004  328 ASP A OD2 
339 N N   . GLU A 50  ? 0.1473 0.1813 0.1736 0.0051  -0.0291 0.0019  329 GLU A N   
340 C CA  . GLU A 50  ? 0.1681 0.1900 0.1881 0.0070  -0.0292 0.0029  329 GLU A CA  
341 C C   . GLU A 50  ? 0.1536 0.1685 0.1637 0.0011  -0.0253 0.0042  329 GLU A C   
342 O O   . GLU A 50  ? 0.1696 0.1765 0.1749 -0.0001 -0.0270 0.0077  329 GLU A O   
343 C CB  . GLU A 50  ? 0.1868 0.2083 0.2110 0.0139  -0.0269 -0.0012 329 GLU A CB  
344 C CG  . GLU A 50  ? 0.2118 0.2203 0.2319 0.0152  -0.0288 -0.0016 329 GLU A CG  
345 C CD  . GLU A 50  ? 0.2483 0.2472 0.2709 0.0170  -0.0367 0.0019  329 GLU A CD  
346 O OE1 . GLU A 50  ? 0.2501 0.2524 0.2767 0.0190  -0.0415 0.0045  329 GLU A OE1 
347 O OE2 . GLU A 50  ? 0.2636 0.2513 0.2858 0.0166  -0.0390 0.0021  329 GLU A OE2 
348 N N   . VAL A 51  ? 0.1508 0.1690 0.1594 -0.0024 -0.0198 0.0018  330 VAL A N   
349 C CA  . VAL A 51  ? 0.1469 0.1593 0.1471 -0.0069 -0.0162 0.0021  330 VAL A CA  
350 C C   . VAL A 51  ? 0.1558 0.1674 0.1487 -0.0100 -0.0195 0.0045  330 VAL A C   
351 O O   . VAL A 51  ? 0.1616 0.1682 0.1477 -0.0112 -0.0179 0.0071  330 VAL A O   
352 C CB  . VAL A 51  ? 0.1407 0.1552 0.1418 -0.0096 -0.0112 -0.0006 330 VAL A CB  
353 C CG1 . VAL A 51  ? 0.1553 0.1632 0.1486 -0.0125 -0.0079 -0.0014 330 VAL A CG1 
354 C CG2 . VAL A 51  ? 0.1389 0.1554 0.1445 -0.0058 -0.0074 -0.0013 330 VAL A CG2 
355 N N   . ALA A 52  ? 0.1398 0.1568 0.1333 -0.0110 -0.0241 0.0038  331 ALA A N   
356 C CA  . ALA A 52  ? 0.1581 0.1747 0.1409 -0.0130 -0.0281 0.0056  331 ALA A CA  
357 C C   . ALA A 52  ? 0.1553 0.1679 0.1340 -0.0107 -0.0312 0.0129  331 ALA A C   
358 O O   . ALA A 52  ? 0.1637 0.1736 0.1305 -0.0123 -0.0298 0.0167  331 ALA A O   
359 C CB  . ALA A 52  ? 0.1585 0.1825 0.1441 -0.0143 -0.0347 0.0028  331 ALA A CB  
360 N N   . ARG A 53  ? 0.1733 0.1850 0.1620 -0.0067 -0.0345 0.0149  332 ARG A N   
361 C CA  . ARG A 53  ? 0.1780 0.1829 0.1655 -0.0048 -0.0385 0.0224  332 ARG A CA  
362 C C   . ARG A 53  ? 0.1817 0.1797 0.1665 -0.0075 -0.0330 0.0257  332 ARG A C   
363 O O   . ARG A 53  ? 0.2029 0.1974 0.1810 -0.0097 -0.0333 0.0337  332 ARG A O   
364 C CB  . ARG A 53  ? 0.1960 0.1994 0.1962 0.0012  -0.0438 0.0219  332 ARG A CB  
365 C CG  . ARG A 53  ? 0.2306 0.2246 0.2319 0.0036  -0.0501 0.0299  332 ARG A CG  
366 C CD  . ARG A 53  ? 0.2549 0.2441 0.2694 0.0106  -0.0544 0.0266  332 ARG A CD  
367 N NE  . ARG A 53  ? 0.2813 0.2649 0.2998 0.0111  -0.0504 0.0216  332 ARG A NE  
368 C CZ  . ARG A 53  ? 0.3039 0.2772 0.3222 0.0074  -0.0497 0.0251  332 ARG A CZ  
369 N NH1 . ARG A 53  ? 0.3298 0.2974 0.3443 0.0027  -0.0513 0.0356  332 ARG A NH1 
370 N NH2 . ARG A 53  ? 0.3127 0.2829 0.3351 0.0084  -0.0476 0.0189  332 ARG A NH2 
371 N N   . ARG A 54  ? 0.1818 0.1790 0.1720 -0.0074 -0.0282 0.0203  333 ARG A N   
372 C CA  . ARG A 54  ? 0.1828 0.1755 0.1742 -0.0098 -0.0242 0.0224  333 ARG A CA  
373 C C   . ARG A 54  ? 0.1844 0.1805 0.1657 -0.0137 -0.0180 0.0246  333 ARG A C   
374 O O   . ARG A 54  ? 0.1795 0.1745 0.1606 -0.0164 -0.0151 0.0308  333 ARG A O   
375 C CB  . ARG A 54  ? 0.1961 0.1881 0.1943 -0.0074 -0.0221 0.0158  333 ARG A CB  
376 C CG  . ARG A 54  ? 0.2307 0.2182 0.2371 -0.0023 -0.0276 0.0134  333 ARG A CG  
377 C CD  . ARG A 54  ? 0.2945 0.2811 0.3039 -0.0003 -0.0255 0.0076  333 ARG A CD  
378 N NE  . ARG A 54  ? 0.3577 0.3431 0.3711 0.0066  -0.0291 0.0020  333 ARG A NE  
379 C CZ  . ARG A 54  ? 0.3738 0.3571 0.3876 0.0100  -0.0291 -0.0034 333 ARG A CZ  
380 N NH1 . ARG A 54  ? 0.3242 0.3058 0.3377 0.0065  -0.0274 -0.0028 333 ARG A NH1 
381 N NH2 . ARG A 54  ? 0.4728 0.4561 0.4877 0.0178  -0.0318 -0.0096 333 ARG A NH2 
382 N N   . TRP A 55  ? 0.1648 0.1657 0.1388 -0.0141 -0.0160 0.0193  334 TRP A N   
383 C CA  . TRP A 55  ? 0.1727 0.1764 0.1353 -0.0161 -0.0109 0.0192  334 TRP A CA  
384 C C   . TRP A 55  ? 0.1829 0.1882 0.1343 -0.0168 -0.0127 0.0270  334 TRP A C   
385 O O   . TRP A 55  ? 0.1929 0.2003 0.1382 -0.0181 -0.0069 0.0320  334 TRP A O   
386 C CB  . TRP A 55  ? 0.1692 0.1749 0.1278 -0.0162 -0.0105 0.0104  334 TRP A CB  
387 C CG  . TRP A 55  ? 0.1859 0.1930 0.1318 -0.0166 -0.0066 0.0070  334 TRP A CG  
388 C CD1 . TRP A 55  ? 0.2047 0.2131 0.1395 -0.0168 -0.0103 0.0023  334 TRP A CD1 
389 C CD2 . TRP A 55  ? 0.1855 0.1935 0.1280 -0.0160 0.0015  0.0066  334 TRP A CD2 
390 N NE1 . TRP A 55  ? 0.2247 0.2335 0.1474 -0.0156 -0.0051 -0.0018 334 TRP A NE1 
391 C CE2 . TRP A 55  ? 0.2007 0.2099 0.1289 -0.0149 0.0028  0.0008  334 TRP A CE2 
392 C CE3 . TRP A 55  ? 0.1858 0.1942 0.1373 -0.0158 0.0070  0.0095  334 TRP A CE3 
393 C CZ2 . TRP A 55  ? 0.2170 0.2288 0.1389 -0.0125 0.0107  -0.0016 334 TRP A CZ2 
394 C CZ3 . TRP A 55  ? 0.1855 0.1980 0.1333 -0.0144 0.0145  0.0082  334 TRP A CZ3 
395 C CH2 . TRP A 55  ? 0.1946 0.2086 0.1283 -0.0123 0.0168  0.0023  334 TRP A CH2 
396 N N   . GLY A 56  ? 0.1840 0.1891 0.1336 -0.0154 -0.0205 0.0289  335 GLY A N   
397 C CA  . GLY A 56  ? 0.2076 0.2131 0.1459 -0.0151 -0.0243 0.0379  335 GLY A CA  
398 C C   . GLY A 56  ? 0.2219 0.2231 0.1645 -0.0169 -0.0217 0.0495  335 GLY A C   
399 O O   . GLY A 56  ? 0.2409 0.2443 0.1719 -0.0183 -0.0183 0.0587  335 GLY A O   
400 N N   . GLU A 57  ? 0.2216 0.2170 0.1807 -0.0168 -0.0232 0.0494  336 GLU A N   
401 C CA  . GLU A 57  ? 0.2301 0.2192 0.1981 -0.0195 -0.0231 0.0598  336 GLU A CA  
402 C C   . GLU A 57  ? 0.2154 0.2094 0.1845 -0.0236 -0.0132 0.0624  336 GLU A C   
403 O O   . GLU A 57  ? 0.2211 0.2157 0.1899 -0.0272 -0.0099 0.0746  336 GLU A O   
404 C CB  . GLU A 57  ? 0.2688 0.2497 0.2536 -0.0173 -0.0290 0.0553  336 GLU A CB  
405 C CG  . GLU A 57  ? 0.3200 0.2906 0.3184 -0.0195 -0.0327 0.0630  336 GLU A CG  
406 C CD  . GLU A 57  ? 0.3793 0.3423 0.3909 -0.0149 -0.0392 0.0535  336 GLU A CD  
407 O OE1 . GLU A 57  ? 0.3811 0.3481 0.3950 -0.0135 -0.0359 0.0432  336 GLU A OE1 
408 O OE2 . GLU A 57  ? 0.4170 0.3700 0.4355 -0.0119 -0.0475 0.0561  336 GLU A OE2 
409 N N   . ARG A 58  ? 0.1885 0.1869 0.1596 -0.0229 -0.0084 0.0522  337 ARG A N   
410 C CA  . ARG A 58  ? 0.1876 0.1925 0.1615 -0.0253 0.0009  0.0529  337 ARG A CA  
411 C C   . ARG A 58  ? 0.1986 0.2123 0.1563 -0.0257 0.0084  0.0586  337 ARG A C   
412 O O   . ARG A 58  ? 0.1991 0.2194 0.1602 -0.0286 0.0159  0.0667  337 ARG A O   
413 C CB  . ARG A 58  ? 0.1761 0.1833 0.1532 -0.0229 0.0037  0.0408  337 ARG A CB  
414 C CG  . ARG A 58  ? 0.1775 0.1919 0.1614 -0.0243 0.0120  0.0414  337 ARG A CG  
415 C CD  . ARG A 58  ? 0.1877 0.2017 0.1898 -0.0281 0.0112  0.0482  337 ARG A CD  
416 N NE  . ARG A 58  ? 0.1843 0.1906 0.1977 -0.0266 0.0038  0.0415  337 ARG A NE  
417 C CZ  . ARG A 58  ? 0.1800 0.1883 0.1987 -0.0241 0.0048  0.0335  337 ARG A CZ  
418 N NH1 . ARG A 58  ? 0.1638 0.1805 0.1809 -0.0229 0.0124  0.0310  337 ARG A NH1 
419 N NH2 . ARG A 58  ? 0.2007 0.2021 0.2256 -0.0219 -0.0024 0.0277  337 ARG A NH2 
420 N N   . LYS A 59  ? 0.2088 0.2239 0.1493 -0.0226 0.0064  0.0530  338 LYS A N   
421 C CA  . LYS A 59  ? 0.2393 0.2621 0.1600 -0.0211 0.0121  0.0546  338 LYS A CA  
422 C C   . LYS A 59  ? 0.2551 0.2782 0.1626 -0.0216 0.0091  0.0673  338 LYS A C   
423 O O   . LYS A 59  ? 0.2732 0.3035 0.1599 -0.0195 0.0138  0.0696  338 LYS A O   
424 C CB  . LYS A 59  ? 0.2591 0.2820 0.1676 -0.0174 0.0098  0.0403  338 LYS A CB  
425 C CG  . LYS A 59  ? 0.2625 0.2842 0.1815 -0.0165 0.0131  0.0292  338 LYS A CG  
426 C CD  . LYS A 59  ? 0.2716 0.2997 0.1973 -0.0163 0.0238  0.0303  338 LYS A CD  
427 C CE  . LYS A 59  ? 0.2957 0.3307 0.2036 -0.0122 0.0307  0.0249  338 LYS A CE  
428 N NZ  . LYS A 59  ? 0.3003 0.3442 0.2129 -0.0099 0.0418  0.0241  338 LYS A NZ  
429 N N   . SER A 60  ? 0.2566 0.2710 0.1743 -0.0231 0.0006  0.0741  339 SER A N   
430 C CA  . SER A 60  ? 0.2831 0.2946 0.1908 -0.0227 -0.0054 0.0864  339 SER A CA  
431 C C   . SER A 60  ? 0.3228 0.3390 0.2062 -0.0185 -0.0090 0.0817  339 SER A C   
432 O O   . SER A 60  ? 0.3488 0.3697 0.2128 -0.0174 -0.0071 0.0910  339 SER A O   
433 C CB  . SER A 60  ? 0.2814 0.2945 0.1913 -0.0272 0.0013  0.1045  339 SER A CB  
434 O OG  . SER A 60  ? 0.2997 0.3051 0.2060 -0.0273 -0.0066 0.1182  339 SER A OG  
435 N N   . LYS A 61  ? 0.3396 0.3553 0.2245 -0.0161 -0.0146 0.0669  340 LYS A N   
436 C CA  . LYS A 61  ? 0.3693 0.3890 0.2351 -0.0127 -0.0201 0.0591  340 LYS A CA  
437 C C   . LYS A 61  ? 0.3770 0.3931 0.2471 -0.0109 -0.0336 0.0608  340 LYS A C   
438 O O   . LYS A 61  ? 0.3387 0.3514 0.2285 -0.0111 -0.0381 0.0553  340 LYS A O   
439 C CB  . LYS A 61  ? 0.3939 0.4155 0.2607 -0.0122 -0.0177 0.0422  340 LYS A CB  
440 C CG  . LYS A 61  ? 0.4434 0.4706 0.2951 -0.0108 -0.0071 0.0376  340 LYS A CG  
441 C CD  . LYS A 61  ? 0.4886 0.5136 0.3506 -0.0108 -0.0041 0.0234  340 LYS A CD  
442 C CE  . LYS A 61  ? 0.5594 0.5888 0.4085 -0.0077 0.0055  0.0158  340 LYS A CE  
443 N NZ  . LYS A 61  ? 0.5433 0.5673 0.4080 -0.0082 0.0064  0.0042  340 LYS A NZ  
444 N N   . PRO A 62  ? 0.4300 0.4482 0.2812 -0.0082 -0.0399 0.0685  341 PRO A N   
445 C CA  . PRO A 62  ? 0.4533 0.4694 0.3107 -0.0055 -0.0535 0.0701  341 PRO A CA  
446 C C   . PRO A 62  ? 0.4377 0.4589 0.2972 -0.0045 -0.0608 0.0541  341 PRO A C   
447 O O   . PRO A 62  ? 0.4286 0.4536 0.2754 -0.0050 -0.0578 0.0435  341 PRO A O   
448 C CB  . PRO A 62  ? 0.5111 0.5279 0.3462 -0.0028 -0.0580 0.0846  341 PRO A CB  
449 C CG  . PRO A 62  ? 0.5075 0.5307 0.3185 -0.0031 -0.0477 0.0844  341 PRO A CG  
450 C CD  . PRO A 62  ? 0.4981 0.5211 0.3229 -0.0070 -0.0348 0.0784  341 PRO A CD  
451 N N   . ASN A 63  ? 0.4450 0.4660 0.3232 -0.0030 -0.0699 0.0521  342 ASN A N   
452 C CA  . ASN A 63  ? 0.4221 0.4497 0.3079 -0.0029 -0.0780 0.0393  342 ASN A CA  
453 C C   . ASN A 63  ? 0.3737 0.4016 0.2693 -0.0069 -0.0698 0.0268  342 ASN A C   
454 O O   . ASN A 63  ? 0.3553 0.3875 0.2507 -0.0084 -0.0746 0.0160  342 ASN A O   
455 C CB  . ASN A 63  ? 0.4768 0.5101 0.3400 -0.0011 -0.0873 0.0356  342 ASN A CB  
456 C CG  . ASN A 63  ? 0.5092 0.5427 0.3592 0.0036  -0.0967 0.0488  342 ASN A CG  
457 O OD1 . ASN A 63  ? 0.5685 0.6003 0.4345 0.0062  -0.1028 0.0563  342 ASN A OD1 
458 N ND2 . ASN A 63  ? 0.5478 0.5829 0.3679 0.0055  -0.0977 0.0521  342 ASN A ND2 
459 N N   . MET A 64  ? 0.3271 0.3497 0.2313 -0.0087 -0.0589 0.0286  343 MET A N   
460 C CA  . MET A 64  ? 0.2827 0.3052 0.1983 -0.0116 -0.0524 0.0185  343 MET A CA  
461 C C   . MET A 64  ? 0.2686 0.2945 0.2064 -0.0113 -0.0571 0.0149  343 MET A C   
462 O O   . MET A 64  ? 0.2685 0.2949 0.2159 -0.0082 -0.0615 0.0208  343 MET A O   
463 C CB  . MET A 64  ? 0.2743 0.2913 0.1934 -0.0128 -0.0410 0.0218  343 MET A CB  
464 C CG  . MET A 64  ? 0.2474 0.2631 0.1768 -0.0149 -0.0342 0.0133  343 MET A CG  
465 S SD  . MET A 64  ? 0.2633 0.2798 0.1849 -0.0168 -0.0344 0.0006  343 MET A SD  
466 C CE  . MET A 64  ? 0.3128 0.3291 0.2098 -0.0149 -0.0287 0.0019  343 MET A CE  
467 N N   . ASN A 65  ? 0.2355 0.2646 0.1813 -0.0144 -0.0569 0.0052  344 ASN A N   
468 C CA  . ASN A 65  ? 0.2019 0.2377 0.1697 -0.0148 -0.0596 0.0022  344 ASN A CA  
469 C C   . ASN A 65  ? 0.1906 0.2262 0.1663 -0.0194 -0.0544 -0.0054 344 ASN A C   
470 O O   . ASN A 65  ? 0.1800 0.2090 0.1441 -0.0215 -0.0500 -0.0096 344 ASN A O   
471 C CB  . ASN A 65  ? 0.2105 0.2554 0.1818 -0.0136 -0.0723 0.0017  344 ASN A CB  
472 C CG  . ASN A 65  ? 0.2255 0.2710 0.1826 -0.0165 -0.0787 -0.0051 344 ASN A CG  
473 O OD1 . ASN A 65  ? 0.2411 0.2842 0.1997 -0.0211 -0.0758 -0.0132 344 ASN A OD1 
474 N ND2 . ASN A 65  ? 0.2667 0.3147 0.2102 -0.0138 -0.0886 -0.0026 344 ASN A ND2 
475 N N   . TYR A 66  ? 0.1799 0.2225 0.1756 -0.0204 -0.0539 -0.0067 345 TYR A N   
476 C CA  . TYR A 66  ? 0.1739 0.2157 0.1790 -0.0252 -0.0482 -0.0115 345 TYR A CA  
477 C C   . TYR A 66  ? 0.1854 0.2247 0.1858 -0.0306 -0.0540 -0.0190 345 TYR A C   
478 O O   . TYR A 66  ? 0.2176 0.2482 0.2139 -0.0335 -0.0492 -0.0234 345 TYR A O   
479 C CB  . TYR A 66  ? 0.1760 0.2288 0.2040 -0.0254 -0.0459 -0.0097 345 TYR A CB  
480 C CG  . TYR A 66  ? 0.1844 0.2344 0.2199 -0.0311 -0.0395 -0.0120 345 TYR A CG  
481 C CD1 . TYR A 66  ? 0.2001 0.2402 0.2279 -0.0301 -0.0308 -0.0111 345 TYR A CD1 
482 C CD2 . TYR A 66  ? 0.2162 0.2727 0.2668 -0.0377 -0.0436 -0.0149 345 TYR A CD2 
483 C CE1 . TYR A 66  ? 0.2133 0.2491 0.2467 -0.0346 -0.0258 -0.0120 345 TYR A CE1 
484 C CE2 . TYR A 66  ? 0.2263 0.2770 0.2835 -0.0436 -0.0382 -0.0158 345 TYR A CE2 
485 C CZ  . TYR A 66  ? 0.2279 0.2681 0.2755 -0.0412 -0.0290 -0.0137 345 TYR A CZ  
486 O OH  . TYR A 66  ? 0.2553 0.2885 0.3092 -0.0463 -0.0244 -0.0133 345 TYR A OH  
487 N N   . ASP A 67  ? 0.1915 0.2371 0.1914 -0.0312 -0.0652 -0.0216 346 ASP A N   
488 C CA  . ASP A 67  ? 0.2201 0.2623 0.2134 -0.0357 -0.0731 -0.0309 346 ASP A CA  
489 C C   . ASP A 67  ? 0.2330 0.2619 0.2020 -0.0339 -0.0680 -0.0352 346 ASP A C   
490 O O   . ASP A 67  ? 0.2299 0.2505 0.1981 -0.0373 -0.0671 -0.0430 346 ASP A O   
491 C CB  . ASP A 67  ? 0.2477 0.2985 0.2388 -0.0348 -0.0873 -0.0328 346 ASP A CB  
492 C CG  . ASP A 67  ? 0.3131 0.3593 0.2946 -0.0384 -0.0968 -0.0439 346 ASP A CG  
493 O OD1 . ASP A 67  ? 0.3407 0.3872 0.3408 -0.0452 -0.0992 -0.0495 346 ASP A OD1 
494 O OD2 . ASP A 67  ? 0.3618 0.4041 0.3175 -0.0344 -0.1020 -0.0471 346 ASP A OD2 
495 N N   . LYS A 68  ? 0.2401 0.2677 0.1913 -0.0285 -0.0649 -0.0296 347 LYS A N   
496 C CA  . LYS A 68  ? 0.2671 0.2862 0.1964 -0.0258 -0.0585 -0.0321 347 LYS A CA  
497 C C   . LYS A 68  ? 0.2604 0.2725 0.1962 -0.0263 -0.0464 -0.0316 347 LYS A C   
498 O O   . LYS A 68  ? 0.2857 0.2905 0.2138 -0.0261 -0.0428 -0.0386 347 LYS A O   
499 C CB  . LYS A 68  ? 0.2882 0.3098 0.1996 -0.0208 -0.0576 -0.0236 347 LYS A CB  
500 C CG  . LYS A 68  ? 0.3296 0.3566 0.2291 -0.0190 -0.0698 -0.0237 347 LYS A CG  
501 C CD  . LYS A 68  ? 0.3688 0.3966 0.2492 -0.0143 -0.0671 -0.0129 347 LYS A CD  
502 C CE  . LYS A 68  ? 0.4178 0.4508 0.2830 -0.0116 -0.0797 -0.0116 347 LYS A CE  
503 N NZ  . LYS A 68  ? 0.4642 0.4974 0.3188 -0.0079 -0.0766 0.0035  347 LYS A NZ  
504 N N   . LEU A 69  ? 0.2334 0.2477 0.1839 -0.0263 -0.0411 -0.0244 348 LEU A N   
505 C CA  . LEU A 69  ? 0.2336 0.2425 0.1896 -0.0261 -0.0313 -0.0233 348 LEU A CA  
506 C C   . LEU A 69  ? 0.2442 0.2476 0.2091 -0.0301 -0.0316 -0.0302 348 LEU A C   
507 O O   . LEU A 69  ? 0.2460 0.2410 0.2065 -0.0293 -0.0261 -0.0336 348 LEU A O   
508 C CB  . LEU A 69  ? 0.2354 0.2486 0.2052 -0.0250 -0.0284 -0.0158 348 LEU A CB  
509 C CG  . LEU A 69  ? 0.2423 0.2507 0.2173 -0.0241 -0.0197 -0.0143 348 LEU A CG  
510 C CD1 . LEU A 69  ? 0.2743 0.2787 0.2380 -0.0213 -0.0145 -0.0124 348 LEU A CD1 
511 C CD2 . LEU A 69  ? 0.2650 0.2784 0.2525 -0.0223 -0.0183 -0.0091 348 LEU A CD2 
512 N N   . SER A 70  ? 0.2428 0.2509 0.2213 -0.0346 -0.0384 -0.0320 349 SER A N   
513 C CA  . SER A 70  ? 0.2550 0.2573 0.2464 -0.0402 -0.0385 -0.0365 349 SER A CA  
514 C C   . SER A 70  ? 0.2759 0.2675 0.2556 -0.0408 -0.0432 -0.0472 349 SER A C   
515 O O   . SER A 70  ? 0.2893 0.2701 0.2725 -0.0425 -0.0403 -0.0510 349 SER A O   
516 C CB  . SER A 70  ? 0.2507 0.2628 0.2641 -0.0456 -0.0432 -0.0340 349 SER A CB  
517 O OG  . SER A 70  ? 0.2695 0.2877 0.2835 -0.0477 -0.0544 -0.0387 349 SER A OG  
518 N N   . ARG A 71  ? 0.2869 0.2811 0.2509 -0.0385 -0.0502 -0.0522 350 ARG A N   
519 C CA  . ARG A 71  ? 0.3133 0.2978 0.2621 -0.0373 -0.0548 -0.0641 350 ARG A CA  
520 C C   . ARG A 71  ? 0.3316 0.3077 0.2671 -0.0314 -0.0441 -0.0657 350 ARG A C   
521 O O   . ARG A 71  ? 0.3626 0.3265 0.2967 -0.0309 -0.0437 -0.0745 350 ARG A O   
522 C CB  . ARG A 71  ? 0.3736 0.3644 0.3040 -0.0344 -0.0639 -0.0679 350 ARG A CB  
523 C CG  . ARG A 71  ? 0.4613 0.4428 0.3731 -0.0320 -0.0696 -0.0825 350 ARG A CG  
524 C CD  . ARG A 71  ? 0.5221 0.5093 0.4202 -0.0312 -0.0835 -0.0888 350 ARG A CD  
525 N NE  . ARG A 71  ? 0.5320 0.5269 0.4535 -0.0383 -0.0937 -0.0862 350 ARG A NE  
526 C CZ  . ARG A 71  ? 0.5234 0.5317 0.4509 -0.0379 -0.0959 -0.0755 350 ARG A CZ  
527 N NH1 . ARG A 71  ? 0.5153 0.5281 0.4264 -0.0315 -0.0894 -0.0664 350 ARG A NH1 
528 N NH2 . ARG A 71  ? 0.4990 0.5167 0.4504 -0.0436 -0.1052 -0.0742 350 ARG A NH2 
529 N N   . ALA A 72  ? 0.3035 0.2857 0.2320 -0.0270 -0.0360 -0.0568 351 ALA A N   
530 C CA  . ALA A 72  ? 0.3182 0.2960 0.2400 -0.0219 -0.0251 -0.0562 351 ALA A CA  
531 C C   . ALA A 72  ? 0.3109 0.2801 0.2483 -0.0234 -0.0204 -0.0560 351 ALA A C   
532 O O   . ALA A 72  ? 0.3420 0.3026 0.2761 -0.0195 -0.0157 -0.0613 351 ALA A O   
533 C CB  . ALA A 72  ? 0.3154 0.3025 0.2333 -0.0191 -0.0188 -0.0450 351 ALA A CB  
534 N N   . LEU A 73  ? 0.2945 0.2661 0.2493 -0.0280 -0.0209 -0.0488 352 LEU A N   
535 C CA  . LEU A 73  ? 0.2914 0.2552 0.2597 -0.0297 -0.0170 -0.0467 352 LEU A CA  
536 C C   . LEU A 73  ? 0.3387 0.2890 0.3118 -0.0330 -0.0220 -0.0555 352 LEU A C   
537 O O   . LEU A 73  ? 0.3049 0.2443 0.2808 -0.0310 -0.0184 -0.0568 352 LEU A O   
538 C CB  . LEU A 73  ? 0.2962 0.2676 0.2798 -0.0334 -0.0158 -0.0370 352 LEU A CB  
539 C CG  . LEU A 73  ? 0.2772 0.2579 0.2582 -0.0295 -0.0112 -0.0293 352 LEU A CG  
540 C CD1 . LEU A 73  ? 0.3131 0.3012 0.3082 -0.0322 -0.0111 -0.0227 352 LEU A CD1 
541 C CD2 . LEU A 73  ? 0.3201 0.2970 0.2973 -0.0247 -0.0041 -0.0269 352 LEU A CD2 
542 N N   . ARG A 74  ? 0.3385 0.2893 0.3138 -0.0379 -0.0315 -0.0616 353 ARG A N   
543 C CA  . ARG A 74  ? 0.4120 0.3486 0.3922 -0.0417 -0.0389 -0.0720 353 ARG A CA  
544 C C   . ARG A 74  ? 0.3916 0.3159 0.3553 -0.0340 -0.0374 -0.0833 353 ARG A C   
545 O O   . ARG A 74  ? 0.3802 0.2877 0.3503 -0.0344 -0.0389 -0.0894 353 ARG A O   
546 C CB  . ARG A 74  ? 0.4645 0.4067 0.4463 -0.0469 -0.0514 -0.0784 353 ARG A CB  
547 C CG  . ARG A 74  ? 0.5964 0.5278 0.5951 -0.0556 -0.0615 -0.0855 353 ARG A CG  
548 C CD  . ARG A 74  ? 0.6370 0.5788 0.6438 -0.0621 -0.0746 -0.0892 353 ARG A CD  
549 N NE  . ARG A 74  ? 0.6110 0.5732 0.6266 -0.0634 -0.0718 -0.0768 353 ARG A NE  
550 C CZ  . ARG A 74  ? 0.6628 0.6383 0.6678 -0.0602 -0.0770 -0.0770 353 ARG A CZ  
551 N NH1 . ARG A 74  ? 0.7177 0.6898 0.7004 -0.0558 -0.0851 -0.0880 353 ARG A NH1 
552 N NH2 . ARG A 74  ? 0.6002 0.5922 0.6158 -0.0604 -0.0745 -0.0661 353 ARG A NH2 
553 N N   . TYR A 75  ? 0.3679 0.2998 0.3111 -0.0267 -0.0340 -0.0859 354 TYR A N   
554 C CA  . TYR A 75  ? 0.3953 0.3204 0.3211 -0.0177 -0.0302 -0.0962 354 TYR A CA  
555 C C   . TYR A 75  ? 0.3574 0.2746 0.2920 -0.0135 -0.0213 -0.0928 354 TYR A C   
556 O O   . TYR A 75  ? 0.3729 0.2787 0.3019 -0.0072 -0.0205 -0.1033 354 TYR A O   
557 C CB  . TYR A 75  ? 0.4697 0.4092 0.3736 -0.0110 -0.0251 -0.0949 354 TYR A CB  
558 C CG  . TYR A 75  ? 0.5745 0.5146 0.4648 -0.0005 -0.0146 -0.0990 354 TYR A CG  
559 C CD1 . TYR A 75  ? 0.7291 0.6638 0.6006 0.0071  -0.0162 -0.1145 354 TYR A CD1 
560 C CD2 . TYR A 75  ? 0.6202 0.5676 0.5181 0.0023  -0.0035 -0.0881 354 TYR A CD2 
561 C CE1 . TYR A 75  ? 0.7852 0.7232 0.6472 0.0173  -0.0053 -0.1181 354 TYR A CE1 
562 C CE2 . TYR A 75  ? 0.6779 0.6289 0.5688 0.0112  0.0061  -0.0911 354 TYR A CE2 
563 C CZ  . TYR A 75  ? 0.7785 0.7257 0.6521 0.0189  0.0060  -0.1054 354 TYR A CZ  
564 O OH  . TYR A 75  ? 0.8023 0.7561 0.6711 0.0286  0.0170  -0.1077 354 TYR A OH  
565 N N   . TYR A 76  ? 0.2970 0.2204 0.2439 -0.0159 -0.0155 -0.0792 355 TYR A N   
566 C CA  . TYR A 76  ? 0.2804 0.1982 0.2353 -0.0116 -0.0083 -0.0746 355 TYR A CA  
567 C C   . TYR A 76  ? 0.2942 0.1939 0.2624 -0.0147 -0.0123 -0.0767 355 TYR A C   
568 O O   . TYR A 76  ? 0.2885 0.1796 0.2608 -0.0094 -0.0084 -0.0761 355 TYR A O   
569 C CB  . TYR A 76  ? 0.2575 0.1869 0.2195 -0.0128 -0.0025 -0.0606 355 TYR A CB  
570 C CG  . TYR A 76  ? 0.2541 0.1979 0.2064 -0.0083 0.0034  -0.0570 355 TYR A CG  
571 C CD1 . TYR A 76  ? 0.2641 0.2104 0.2055 -0.0008 0.0082  -0.0631 355 TYR A CD1 
572 C CD2 . TYR A 76  ? 0.2538 0.2092 0.2091 -0.0113 0.0043  -0.0471 355 TYR A CD2 
573 C CE1 . TYR A 76  ? 0.2741 0.2350 0.2095 0.0021  0.0146  -0.0574 355 TYR A CE1 
574 C CE2 . TYR A 76  ? 0.2708 0.2377 0.2196 -0.0083 0.0090  -0.0428 355 TYR A CE2 
575 C CZ  . TYR A 76  ? 0.2574 0.2274 0.1968 -0.0023 0.0143  -0.0473 355 TYR A CZ  
576 O OH  . TYR A 76  ? 0.2600 0.2421 0.1961 -0.0007 0.0195  -0.0409 355 TYR A OH  
577 N N   . TYR A 77  ? 0.3048 0.1981 0.2811 -0.0230 -0.0207 -0.0792 356 TYR A N   
578 C CA  . TYR A 77  ? 0.3527 0.2274 0.3436 -0.0270 -0.0248 -0.0800 356 TYR A CA  
579 C C   . TYR A 77  ? 0.3707 0.2278 0.3543 -0.0194 -0.0273 -0.0945 356 TYR A C   
580 O O   . TYR A 77  ? 0.3510 0.1934 0.3425 -0.0162 -0.0256 -0.0931 356 TYR A O   
581 C CB  . TYR A 77  ? 0.3944 0.2667 0.3991 -0.0388 -0.0338 -0.0798 356 TYR A CB  
582 C CG  . TYR A 77  ? 0.4794 0.3314 0.5017 -0.0444 -0.0378 -0.0786 356 TYR A CG  
583 C CD1 . TYR A 77  ? 0.5345 0.3643 0.5561 -0.0428 -0.0461 -0.0936 356 TYR A CD1 
584 C CD2 . TYR A 77  ? 0.5347 0.3887 0.5748 -0.0516 -0.0340 -0.0623 356 TYR A CD2 
585 C CE1 . TYR A 77  ? 0.5769 0.3849 0.6168 -0.0486 -0.0508 -0.0916 356 TYR A CE1 
586 C CE2 . TYR A 77  ? 0.5621 0.3968 0.6193 -0.0579 -0.0374 -0.0587 356 TYR A CE2 
587 C CZ  . TYR A 77  ? 0.5939 0.4051 0.6523 -0.0569 -0.0462 -0.0727 356 TYR A CZ  
588 O OH  . TYR A 77  ? 0.6133 0.4033 0.6909 -0.0639 -0.0502 -0.0677 356 TYR A OH  
589 N N   . ASP A 78  ? 0.3930 0.2511 0.3605 -0.0153 -0.0316 -0.1091 357 ASP A N   
590 C CA  . ASP A 78  ? 0.4449 0.2874 0.4033 -0.0066 -0.0340 -0.1251 357 ASP A CA  
591 C C   . ASP A 78  ? 0.4046 0.2508 0.3562 0.0057  -0.0233 -0.1249 357 ASP A C   
592 O O   . ASP A 78  ? 0.4288 0.2595 0.3798 0.0138  -0.0241 -0.1355 357 ASP A O   
593 C CB  . ASP A 78  ? 0.5287 0.3744 0.4679 -0.0042 -0.0410 -0.1410 357 ASP A CB  
594 C CG  . ASP A 78  ? 0.6385 0.4736 0.5869 -0.0149 -0.0556 -0.1477 357 ASP A CG  
595 O OD1 . ASP A 78  ? 0.6689 0.4846 0.6370 -0.0213 -0.0617 -0.1479 357 ASP A OD1 
596 O OD2 . ASP A 78  ? 0.7299 0.5759 0.6657 -0.0167 -0.0617 -0.1531 357 ASP A OD2 
597 N N   . LYS A 79  ? 0.3597 0.2258 0.3082 0.0073  -0.0142 -0.1131 358 LYS A N   
598 C CA  . LYS A 79  ? 0.3580 0.2324 0.3040 0.0174  -0.0040 -0.1105 358 LYS A CA  
599 C C   . LYS A 79  ? 0.3357 0.2035 0.2993 0.0169  -0.0014 -0.0986 358 LYS A C   
600 O O   . LYS A 79  ? 0.3233 0.1986 0.2891 0.0246  0.0059  -0.0945 358 LYS A O   
601 C CB  . LYS A 79  ? 0.3549 0.2536 0.2906 0.0179  0.0032  -0.1030 358 LYS A CB  
602 C CG  . LYS A 79  ? 0.3959 0.3031 0.3107 0.0215  0.0031  -0.1131 358 LYS A CG  
603 N N   . ASN A 80  ? 0.3208 0.1769 0.2975 0.0080  -0.0072 -0.0919 359 ASN A N   
604 C CA  . ASN A 80  ? 0.3019 0.1529 0.2922 0.0074  -0.0048 -0.0784 359 ASN A CA  
605 C C   . ASN A 80  ? 0.2815 0.1520 0.2718 0.0086  0.0024  -0.0658 359 ASN A C   
606 O O   . ASN A 80  ? 0.2719 0.1414 0.2687 0.0135  0.0054  -0.0582 359 ASN A O   
607 C CB  . ASN A 80  ? 0.3225 0.1565 0.3174 0.0177  -0.0047 -0.0842 359 ASN A CB  
608 C CG  . ASN A 80  ? 0.3602 0.1709 0.3558 0.0184  -0.0127 -0.0987 359 ASN A CG  
609 O OD1 . ASN A 80  ? 0.3806 0.1817 0.3717 0.0299  -0.0126 -0.1123 359 ASN A OD1 
610 N ND2 . ASN A 80  ? 0.3629 0.1623 0.3672 0.0067  -0.0200 -0.0959 359 ASN A ND2 
611 N N   . ILE A 81  ? 0.2460 0.1339 0.2295 0.0043  0.0040  -0.0632 360 ILE A N   
612 C CA  . ILE A 81  ? 0.2475 0.1524 0.2313 0.0044  0.0090  -0.0525 360 ILE A CA  
613 C C   . ILE A 81  ? 0.2376 0.1458 0.2279 -0.0042 0.0072  -0.0417 360 ILE A C   
614 O O   . ILE A 81  ? 0.2255 0.1406 0.2189 -0.0031 0.0100  -0.0323 360 ILE A O   
615 C CB  . ILE A 81  ? 0.2627 0.1835 0.2353 0.0063  0.0123  -0.0564 360 ILE A CB  
616 C CG1 . ILE A 81  ? 0.3112 0.2352 0.2808 0.0165  0.0179  -0.0623 360 ILE A CG1 
617 C CG2 . ILE A 81  ? 0.2614 0.1978 0.2352 0.0033  0.0148  -0.0460 360 ILE A CG2 
618 C CD1 . ILE A 81  ? 0.3499 0.2855 0.3064 0.0192  0.0215  -0.0685 360 ILE A CD1 
619 N N   . MET A 82  ? 0.2510 0.1548 0.2439 -0.0119 0.0022  -0.0435 361 MET A N   
620 C CA  . MET A 82  ? 0.2809 0.1898 0.2821 -0.0194 0.0016  -0.0334 361 MET A CA  
621 C C   . MET A 82  ? 0.3439 0.2440 0.3545 -0.0281 -0.0040 -0.0349 361 MET A C   
622 O O   . MET A 82  ? 0.3832 0.2753 0.3914 -0.0291 -0.0095 -0.0460 361 MET A O   
623 C CB  . MET A 82  ? 0.3451 0.2721 0.3423 -0.0206 0.0035  -0.0291 361 MET A CB  
624 C CG  . MET A 82  ? 0.3608 0.2974 0.3507 -0.0219 0.0011  -0.0342 361 MET A CG  
625 S SD  . MET A 82  ? 0.3688 0.3227 0.3612 -0.0236 0.0030  -0.0241 361 MET A SD  
626 C CE  . MET A 82  ? 0.3346 0.2932 0.3192 -0.0159 0.0079  -0.0231 361 MET A CE  
627 N N   . THR A 83  ? 0.3445 0.2467 0.3663 -0.0341 -0.0026 -0.0236 362 THR A N   
628 C CA  . THR A 83  ? 0.3490 0.2486 0.3846 -0.0444 -0.0074 -0.0224 362 THR A CA  
629 C C   . THR A 83  ? 0.3158 0.2341 0.3580 -0.0492 -0.0047 -0.0133 362 THR A C   
630 O O   . THR A 83  ? 0.3070 0.2367 0.3435 -0.0445 0.0011  -0.0066 362 THR A O   
631 C CB  . THR A 83  ? 0.4086 0.2905 0.4568 -0.0485 -0.0081 -0.0163 362 THR A CB  
632 O OG1 . THR A 83  ? 0.4430 0.3287 0.4906 -0.0453 -0.0008 -0.0027 362 THR A OG1 
633 C CG2 . THR A 83  ? 0.4805 0.3427 0.5234 -0.0426 -0.0116 -0.0265 362 THR A CG2 
634 N N   . LYS A 84  ? 0.3234 0.2458 0.3786 -0.0582 -0.0097 -0.0142 363 LYS A N   
635 C CA  . LYS A 84  ? 0.3319 0.2732 0.3979 -0.0627 -0.0066 -0.0049 363 LYS A CA  
636 C C   . LYS A 84  ? 0.3102 0.2494 0.3882 -0.0667 -0.0001 0.0090  363 LYS A C   
637 O O   . LYS A 84  ? 0.3360 0.2590 0.4219 -0.0710 -0.0019 0.0109  363 LYS A O   
638 C CB  . LYS A 84  ? 0.3837 0.3317 0.4637 -0.0715 -0.0145 -0.0097 363 LYS A CB  
639 C CG  . LYS A 84  ? 0.4283 0.3837 0.4964 -0.0677 -0.0206 -0.0204 363 LYS A CG  
640 C CD  . LYS A 84  ? 0.4572 0.4287 0.5406 -0.0743 -0.0263 -0.0201 363 LYS A CD  
641 C CE  . LYS A 84  ? 0.4906 0.4568 0.5666 -0.0751 -0.0382 -0.0340 363 LYS A CE  
642 N NZ  . LYS A 84  ? 0.5349 0.5112 0.6319 -0.0844 -0.0473 -0.0355 363 LYS A NZ  
643 N N   . VAL A 85  ? 0.2937 0.2505 0.3741 -0.0655 0.0070  0.0189  364 VAL A N   
644 C CA  . VAL A 85  ? 0.2817 0.2413 0.3732 -0.0697 0.0140  0.0333  364 VAL A CA  
645 C C   . VAL A 85  ? 0.3052 0.2820 0.4187 -0.0792 0.0137  0.0373  364 VAL A C   
646 O O   . VAL A 85  ? 0.2795 0.2760 0.3936 -0.0766 0.0146  0.0351  364 VAL A O   
647 C CB  . VAL A 85  ? 0.2672 0.2363 0.3449 -0.0605 0.0228  0.0411  364 VAL A CB  
648 C CG1 . VAL A 85  ? 0.2824 0.2605 0.3698 -0.0642 0.0316  0.0571  364 VAL A CG1 
649 C CG2 . VAL A 85  ? 0.2755 0.2298 0.3349 -0.0516 0.0214  0.0362  364 VAL A CG2 
650 N N   . HIS A 86  ? 0.3378 0.3071 0.4707 -0.0899 0.0127  0.0438  365 HIS A N   
651 C CA  . HIS A 86  ? 0.3899 0.3761 0.5493 -0.1006 0.0130  0.0500  365 HIS A CA  
652 C C   . HIS A 86  ? 0.3820 0.3889 0.5468 -0.0995 0.0264  0.0663  365 HIS A C   
653 O O   . HIS A 86  ? 0.3851 0.3862 0.5376 -0.0945 0.0346  0.0762  365 HIS A O   
654 C CB  . HIS A 86  ? 0.4497 0.4184 0.6295 -0.1131 0.0057  0.0505  365 HIS A CB  
655 C CG  . HIS A 86  ? 0.5157 0.4638 0.6873 -0.1125 -0.0076 0.0325  365 HIS A CG  
656 N ND1 . HIS A 86  ? 0.5588 0.5139 0.7179 -0.1069 -0.0145 0.0179  365 HIS A ND1 
657 C CD2 . HIS A 86  ? 0.6076 0.5281 0.7796 -0.1153 -0.0149 0.0265  365 HIS A CD2 
658 C CE1 . HIS A 86  ? 0.5958 0.5303 0.7467 -0.1062 -0.0246 0.0037  365 HIS A CE1 
659 N NE2 . HIS A 86  ? 0.6316 0.5446 0.7904 -0.1108 -0.0253 0.0077  365 HIS A NE2 
660 N N   . GLY A 87  ? 0.3689 0.4013 0.5497 -0.1023 0.0286  0.0680  366 GLY A N   
661 C CA  . GLY A 87  ? 0.3872 0.4434 0.5783 -0.1022 0.0422  0.0833  366 GLY A CA  
662 C C   . GLY A 87  ? 0.3770 0.4481 0.5469 -0.0876 0.0486  0.0805  366 GLY A C   
663 O O   . GLY A 87  ? 0.3743 0.4657 0.5461 -0.0837 0.0608  0.0912  366 GLY A O   
664 N N   . LYS A 88  ? 0.3345 0.3959 0.4848 -0.0795 0.0407  0.0664  367 LYS A N   
665 C CA  . LYS A 88  ? 0.3261 0.3960 0.4564 -0.0661 0.0445  0.0625  367 LYS A CA  
666 C C   . LYS A 88  ? 0.3375 0.4102 0.4659 -0.0631 0.0347  0.0491  367 LYS A C   
667 O O   . LYS A 88  ? 0.3849 0.4461 0.5174 -0.0691 0.0246  0.0413  367 LYS A O   
668 C CB  . LYS A 88  ? 0.3466 0.3981 0.4517 -0.0585 0.0459  0.0622  367 LYS A CB  
669 C CG  . LYS A 88  ? 0.3733 0.4209 0.4775 -0.0604 0.0549  0.0770  367 LYS A CG  
670 C CD  . LYS A 88  ? 0.4181 0.4526 0.4967 -0.0503 0.0559  0.0768  367 LYS A CD  
671 C CE  . LYS A 88  ? 0.4764 0.5030 0.5527 -0.0523 0.0627  0.0919  367 LYS A CE  
672 N NZ  . LYS A 88  ? 0.4795 0.4911 0.5324 -0.0426 0.0604  0.0899  367 LYS A NZ  
673 N N   . ARG A 89  ? 0.2775 0.3646 0.3988 -0.0532 0.0374  0.0463  368 ARG A N   
674 C CA  . ARG A 89  ? 0.2409 0.3314 0.3607 -0.0496 0.0285  0.0356  368 ARG A CA  
675 C C   . ARG A 89  ? 0.2046 0.2778 0.3008 -0.0428 0.0232  0.0274  368 ARG A C   
676 O O   . ARG A 89  ? 0.1869 0.2570 0.2666 -0.0340 0.0275  0.0277  368 ARG A O   
677 C CB  . ARG A 89  ? 0.2660 0.3814 0.3956 -0.0429 0.0329  0.0369  368 ARG A CB  
678 C CG  . ARG A 89  ? 0.3114 0.4460 0.4703 -0.0521 0.0369  0.0448  368 ARG A CG  
679 C CD  . ARG A 89  ? 0.3473 0.5068 0.5272 -0.0502 0.0347  0.0429  368 ARG A CD  
680 N NE  . ARG A 89  ? 0.3341 0.4897 0.5092 -0.0462 0.0220  0.0320  368 ARG A NE  
681 C CZ  . ARG A 89  ? 0.3679 0.5417 0.5534 -0.0392 0.0195  0.0290  368 ARG A CZ  
682 N NH1 . ARG A 89  ? 0.4147 0.6133 0.6165 -0.0349 0.0295  0.0346  368 ARG A NH1 
683 N NH2 . ARG A 89  ? 0.3620 0.5297 0.5413 -0.0360 0.0073  0.0209  368 ARG A NH2 
684 N N   . TYR A 90  ? 0.1644 0.2269 0.2582 -0.0466 0.0133  0.0196  369 TYR A N   
685 C CA  . TYR A 90  ? 0.1633 0.2121 0.2378 -0.0414 0.0087  0.0126  369 TYR A CA  
686 C C   . TYR A 90  ? 0.1623 0.1964 0.2222 -0.0383 0.0135  0.0147  369 TYR A C   
687 O O   . TYR A 90  ? 0.1688 0.1985 0.2148 -0.0315 0.0136  0.0122  369 TYR A O   
688 C CB  . TYR A 90  ? 0.1471 0.2039 0.2152 -0.0330 0.0065  0.0095  369 TYR A CB  
689 C CG  . TYR A 90  ? 0.1388 0.2092 0.2203 -0.0345 0.0000  0.0072  369 TYR A CG  
690 C CD1 . TYR A 90  ? 0.1402 0.2055 0.2200 -0.0383 -0.0095 0.0018  369 TYR A CD1 
691 C CD2 . TYR A 90  ? 0.1409 0.2301 0.2363 -0.0311 0.0036  0.0105  369 TYR A CD2 
692 C CE1 . TYR A 90  ? 0.1355 0.2136 0.2276 -0.0395 -0.0172 -0.0001 369 TYR A CE1 
693 C CE2 . TYR A 90  ? 0.1374 0.2405 0.2476 -0.0317 -0.0033 0.0086  369 TYR A CE2 
694 C CZ  . TYR A 90  ? 0.1302 0.2273 0.2389 -0.0363 -0.0144 0.0035  369 TYR A CZ  
695 O OH  . TYR A 90  ? 0.1326 0.2432 0.2545 -0.0360 -0.0226 0.0018  369 TYR A OH  
696 N N   . ALA A 91  ? 0.1888 0.2150 0.2545 -0.0444 0.0159  0.0191  370 ALA A N   
697 C CA  . ALA A 91  ? 0.1876 0.2002 0.2421 -0.0414 0.0200  0.0226  370 ALA A CA  
698 C C   . ALA A 91  ? 0.1784 0.1729 0.2296 -0.0446 0.0146  0.0166  370 ALA A C   
699 O O   . ALA A 91  ? 0.1755 0.1662 0.2377 -0.0521 0.0097  0.0137  370 ALA A O   
700 C CB  . ALA A 91  ? 0.2021 0.2185 0.2641 -0.0439 0.0278  0.0341  370 ALA A CB  
701 N N   . TYR A 92  ? 0.1724 0.1564 0.2097 -0.0384 0.0151  0.0144  371 TYR A N   
702 C CA  . TYR A 92  ? 0.1815 0.1494 0.2138 -0.0384 0.0112  0.0077  371 TYR A CA  
703 C C   . TYR A 92  ? 0.2023 0.1608 0.2275 -0.0330 0.0149  0.0123  371 TYR A C   
704 O O   . TYR A 92  ? 0.1791 0.1449 0.1996 -0.0283 0.0195  0.0191  371 TYR A O   
705 C CB  . TYR A 92  ? 0.2057 0.1753 0.2278 -0.0348 0.0072  -0.0015 371 TYR A CB  
706 C CG  . TYR A 92  ? 0.2234 0.2009 0.2497 -0.0390 0.0018  -0.0062 371 TYR A CG  
707 C CD1 . TYR A 92  ? 0.2369 0.2293 0.2661 -0.0379 0.0019  -0.0036 371 TYR A CD1 
708 C CD2 . TYR A 92  ? 0.2752 0.2448 0.3033 -0.0436 -0.0044 -0.0137 371 TYR A CD2 
709 C CE1 . TYR A 92  ? 0.2700 0.2703 0.3042 -0.0413 -0.0046 -0.0077 371 TYR A CE1 
710 C CE2 . TYR A 92  ? 0.3056 0.2829 0.3370 -0.0473 -0.0113 -0.0186 371 TYR A CE2 
711 C CZ  . TYR A 92  ? 0.2942 0.2871 0.3286 -0.0460 -0.0112 -0.0148 371 TYR A CZ  
712 O OH  . TYR A 92  ? 0.3506 0.3504 0.3894 -0.0496 -0.0196 -0.0195 371 TYR A OH  
713 N N   . LYS A 93  ? 0.2052 0.1482 0.2286 -0.0321 0.0125  0.0078  372 LYS A N   
714 C CA  . LYS A 93  ? 0.2120 0.1461 0.2304 -0.0261 0.0150  0.0124  372 LYS A CA  
715 C C   . LYS A 93  ? 0.2148 0.1409 0.2270 -0.0207 0.0122  0.0025  372 LYS A C   
716 O O   . LYS A 93  ? 0.2494 0.1658 0.2641 -0.0233 0.0087  -0.0052 372 LYS A O   
717 C CB  . LYS A 93  ? 0.2549 0.1771 0.2815 -0.0302 0.0159  0.0206  372 LYS A CB  
718 C CG  . LYS A 93  ? 0.2871 0.1983 0.3090 -0.0238 0.0173  0.0271  372 LYS A CG  
719 C CD  . LYS A 93  ? 0.3427 0.2395 0.3744 -0.0291 0.0177  0.0369  372 LYS A CD  
720 N N   . PHE A 94  ? 0.1979 0.1274 0.2033 -0.0133 0.0138  0.0027  373 PHE A N   
721 C CA  . PHE A 94  ? 0.2131 0.1371 0.2154 -0.0074 0.0129  -0.0050 373 PHE A CA  
722 C C   . PHE A 94  ? 0.2321 0.1396 0.2385 -0.0049 0.0118  -0.0040 373 PHE A C   
723 O O   . PHE A 94  ? 0.2439 0.1456 0.2531 -0.0053 0.0123  0.0055  373 PHE A O   
724 C CB  . PHE A 94  ? 0.2022 0.1358 0.2005 -0.0008 0.0143  -0.0039 373 PHE A CB  
725 C CG  . PHE A 94  ? 0.2197 0.1670 0.2146 -0.0021 0.0145  -0.0061 373 PHE A CG  
726 C CD1 . PHE A 94  ? 0.2221 0.1730 0.2144 -0.0018 0.0148  -0.0133 373 PHE A CD1 
727 C CD2 . PHE A 94  ? 0.2093 0.1651 0.2030 -0.0028 0.0145  -0.0010 373 PHE A CD2 
728 C CE1 . PHE A 94  ? 0.2441 0.2063 0.2337 -0.0032 0.0147  -0.0132 373 PHE A CE1 
729 C CE2 . PHE A 94  ? 0.2294 0.1954 0.2213 -0.0035 0.0138  -0.0028 373 PHE A CE2 
730 C CZ  . PHE A 94  ? 0.2173 0.1857 0.2078 -0.0044 0.0138  -0.0080 373 PHE A CZ  
731 N N   . ASP A 95  ? 0.2560 0.1550 0.2623 -0.0017 0.0103  -0.0141 374 ASP A N   
732 C CA  . ASP A 95  ? 0.2680 0.1494 0.2787 0.0030  0.0086  -0.0156 374 ASP A CA  
733 C C   . ASP A 95  ? 0.2596 0.1467 0.2686 0.0138  0.0105  -0.0177 374 ASP A C   
734 O O   . ASP A 95  ? 0.2601 0.1557 0.2657 0.0171  0.0124  -0.0263 374 ASP A O   
735 C CB  . ASP A 95  ? 0.2890 0.1581 0.3006 0.0006  0.0049  -0.0278 374 ASP A CB  
736 C CG  . ASP A 95  ? 0.3183 0.1653 0.3358 0.0052  0.0018  -0.0312 374 ASP A CG  
737 O OD1 . ASP A 95  ? 0.3157 0.1614 0.3340 0.0143  0.0034  -0.0287 374 ASP A OD1 
738 O OD2 . ASP A 95  ? 0.3287 0.1587 0.3513 0.0004  -0.0035 -0.0372 374 ASP A OD2 
739 N N   . PHE A 96  ? 0.2602 0.1446 0.2721 0.0189  0.0100  -0.0090 375 PHE A N   
740 C CA  . PHE A 96  ? 0.2699 0.1605 0.2838 0.0288  0.0105  -0.0103 375 PHE A CA  
741 C C   . PHE A 96  ? 0.2512 0.1343 0.2689 0.0358  0.0107  -0.0216 375 PHE A C   
742 O O   . PHE A 96  ? 0.2490 0.1439 0.2694 0.0431  0.0133  -0.0266 375 PHE A O   
743 C CB  . PHE A 96  ? 0.3090 0.1936 0.3251 0.0339  0.0076  0.0008  375 PHE A CB  
744 C CG  . PHE A 96  ? 0.3305 0.2315 0.3438 0.0367  0.0071  0.0062  375 PHE A CG  
745 C CD1 . PHE A 96  ? 0.3584 0.2738 0.3765 0.0422  0.0073  0.0004  375 PHE A CD1 
746 C CD2 . PHE A 96  ? 0.3449 0.2472 0.3518 0.0346  0.0058  0.0171  375 PHE A CD2 
747 C CE1 . PHE A 96  ? 0.3184 0.2483 0.3358 0.0438  0.0050  0.0042  375 PHE A CE1 
748 C CE2 . PHE A 96  ? 0.3716 0.2884 0.3746 0.0374  0.0039  0.0193  375 PHE A CE2 
749 C CZ  . PHE A 96  ? 0.3226 0.2521 0.3315 0.0416  0.0027  0.0126  375 PHE A CZ  
750 N N   . HIS A 97  ? 0.2434 0.1073 0.2624 0.0340  0.0083  -0.0262 376 HIS A N   
751 C CA  . HIS A 97  ? 0.2582 0.1124 0.2801 0.0428  0.0079  -0.0384 376 HIS A CA  
752 C C   . HIS A 97  ? 0.2550 0.1229 0.2699 0.0441  0.0121  -0.0508 376 HIS A C   
753 O O   . HIS A 97  ? 0.2537 0.1275 0.2701 0.0541  0.0155  -0.0587 376 HIS A O   
754 C CB  . HIS A 97  ? 0.2890 0.1168 0.3146 0.0399  0.0026  -0.0412 376 HIS A CB  
755 C CG  . HIS A 97  ? 0.3039 0.1185 0.3353 0.0369  -0.0006 -0.0263 376 HIS A CG  
756 N ND1 . HIS A 97  ? 0.3279 0.1300 0.3624 0.0259  -0.0034 -0.0196 376 HIS A ND1 
757 C CD2 . HIS A 97  ? 0.3194 0.1346 0.3539 0.0431  -0.0011 -0.0152 376 HIS A CD2 
758 C CE1 . HIS A 97  ? 0.3540 0.1474 0.3924 0.0257  -0.0045 -0.0045 376 HIS A CE1 
759 N NE2 . HIS A 97  ? 0.3469 0.1482 0.3838 0.0363  -0.0036 -0.0015 376 HIS A NE2 
760 N N   . GLY A 98  ? 0.2508 0.1247 0.2583 0.0348  0.0123  -0.0519 377 GLY A N   
761 C CA  . GLY A 98  ? 0.2468 0.1346 0.2452 0.0365  0.0163  -0.0615 377 GLY A CA  
762 C C   . GLY A 98  ? 0.2371 0.1481 0.2356 0.0375  0.0219  -0.0553 377 GLY A C   
763 O O   . GLY A 98  ? 0.2498 0.1733 0.2453 0.0430  0.0272  -0.0613 377 GLY A O   
764 N N   . ILE A 99  ? 0.2320 0.1487 0.2344 0.0326  0.0206  -0.0438 378 ILE A N   
765 C CA  . ILE A 99  ? 0.2373 0.1740 0.2423 0.0328  0.0238  -0.0378 378 ILE A CA  
766 C C   . ILE A 99  ? 0.2324 0.1762 0.2469 0.0430  0.0266  -0.0395 378 ILE A C   
767 O O   . ILE A 99  ? 0.2231 0.1842 0.2406 0.0452  0.0315  -0.0405 378 ILE A O   
768 C CB  . ILE A 99  ? 0.2489 0.1877 0.2556 0.0276  0.0204  -0.0270 378 ILE A CB  
769 C CG1 . ILE A 99  ? 0.2827 0.2205 0.2825 0.0181  0.0189  -0.0249 378 ILE A CG1 
770 C CG2 . ILE A 99  ? 0.2554 0.2110 0.2677 0.0296  0.0214  -0.0226 378 ILE A CG2 
771 C CD1 . ILE A 99  ? 0.2905 0.2401 0.2844 0.0145  0.0211  -0.0279 378 ILE A CD1 
772 N N   . ALA A 100 ? 0.2248 0.1564 0.2458 0.0495  0.0236  -0.0393 379 ALA A N   
773 C CA  . ALA A 100 ? 0.2205 0.1606 0.2531 0.0602  0.0256  -0.0411 379 ALA A CA  
774 C C   . ALA A 100 ? 0.2337 0.1831 0.2661 0.0664  0.0326  -0.0515 379 ALA A C   
775 O O   . ALA A 100 ? 0.2440 0.2111 0.2863 0.0726  0.0374  -0.0522 379 ALA A O   
776 C CB  . ALA A 100 ? 0.2385 0.1610 0.2775 0.0676  0.0206  -0.0398 379 ALA A CB  
777 N N   . GLN A 101 ? 0.2394 0.1759 0.2612 0.0664  0.0331  -0.0611 380 GLN A N   
778 C CA  . GLN A 101 ? 0.2632 0.2087 0.2798 0.0728  0.0402  -0.0720 380 GLN A CA  
779 C C   . GLN A 101 ? 0.2625 0.2305 0.2732 0.0672  0.0467  -0.0687 380 GLN A C   
780 O O   . GLN A 101 ? 0.2581 0.2442 0.2712 0.0737  0.0553  -0.0719 380 GLN A O   
781 C CB  . GLN A 101 ? 0.2989 0.2243 0.3035 0.0741  0.0373  -0.0845 380 GLN A CB  
782 C CG  . GLN A 101 ? 0.3378 0.2430 0.3503 0.0835  0.0332  -0.0906 380 GLN A CG  
783 C CD  . GLN A 101 ? 0.3703 0.2575 0.3720 0.0867  0.0306  -0.1060 380 GLN A CD  
784 O OE1 . GLN A 101 ? 0.3914 0.2800 0.3793 0.0799  0.0302  -0.1104 380 GLN A OE1 
785 N NE2 . GLN A 101 ? 0.3931 0.2624 0.4010 0.0963  0.0273  -0.1139 380 GLN A NE2 
786 N N   . ALA A 102 ? 0.2833 0.2493 0.2863 0.0559  0.0432  -0.0625 381 ALA A N   
787 C CA  . ALA A 102 ? 0.3017 0.2854 0.2990 0.0494  0.0475  -0.0573 381 ALA A CA  
788 C C   . ALA A 102 ? 0.3158 0.3191 0.3277 0.0497  0.0513  -0.0486 381 ALA A C   
789 O O   . ALA A 102 ? 0.3478 0.3683 0.3586 0.0476  0.0577  -0.0456 381 ALA A O   
790 C CB  . ALA A 102 ? 0.2825 0.2588 0.2723 0.0384  0.0413  -0.0520 381 ALA A CB  
791 N N   . LEU A 103 ? 0.3063 0.3080 0.3327 0.0527  0.0473  -0.0447 382 LEU A N   
792 C CA  . LEU A 103 ? 0.3005 0.3221 0.3447 0.0541  0.0497  -0.0382 382 LEU A CA  
793 C C   . LEU A 103 ? 0.3277 0.3660 0.3832 0.0636  0.0582  -0.0424 382 LEU A C   
794 O O   . LEU A 103 ? 0.3600 0.4182 0.4311 0.0628  0.0614  -0.0367 382 LEU A O   
795 C CB  . LEU A 103 ? 0.3019 0.3184 0.3575 0.0549  0.0411  -0.0327 382 LEU A CB  
796 C CG  . LEU A 103 ? 0.3212 0.3233 0.3676 0.0479  0.0335  -0.0279 382 LEU A CG  
797 C CD1 . LEU A 103 ? 0.3500 0.3486 0.4049 0.0509  0.0257  -0.0226 382 LEU A CD1 
798 C CD2 . LEU A 103 ? 0.3416 0.3491 0.3818 0.0380  0.0331  -0.0233 382 LEU A CD2 
799 N N   . GLN A 104 ? 0.3201 0.3514 0.3702 0.0731  0.0618  -0.0527 383 GLN A N   
800 C CA  . GLN A 104 ? 0.3349 0.3839 0.3970 0.0843  0.0709  -0.0576 383 GLN A CA  
801 C C   . GLN A 104 ? 0.4207 0.4893 0.4742 0.0844  0.0835  -0.0593 383 GLN A C   
802 O O   . GLN A 104 ? 0.4262 0.4880 0.4588 0.0779  0.0838  -0.0602 383 GLN A O   
803 C CB  . GLN A 104 ? 0.3479 0.3799 0.4077 0.0962  0.0691  -0.0690 383 GLN A CB  
804 C CG  . GLN A 104 ? 0.3231 0.3314 0.3856 0.0955  0.0571  -0.0665 383 GLN A CG  
805 C CD  . GLN A 104 ? 0.3114 0.3302 0.3930 0.0952  0.0524  -0.0564 383 GLN A CD  
806 O OE1 . GLN A 104 ? 0.3288 0.3692 0.4289 0.1021  0.0573  -0.0561 383 GLN A OE1 
807 N NE2 . GLN A 104 ? 0.3039 0.3091 0.3825 0.0882  0.0429  -0.0489 383 GLN A NE2 
# 
